data_6OWT
#
_entry.id   6OWT
#
_cell.length_a   1.00
_cell.length_b   1.00
_cell.length_c   1.00
_cell.angle_alpha   90.00
_cell.angle_beta   90.00
_cell.angle_gamma   90.00
#
_symmetry.space_group_name_H-M   'P 1'
#
loop_
_entity.id
_entity.type
_entity.pdbx_description
1 polymer 'AP-2 complex subunit alpha'
2 polymer 'AP-2 complex subunit beta'
3 polymer 'Adaptor protein complex AP-2, mu1'
4 polymer 'Tetherin,Protein Nef'
5 polymer 'AP-2 complex subunit sigma'
#
loop_
_entity_poly.entity_id
_entity_poly.type
_entity_poly.pdbx_seq_one_letter_code
_entity_poly.pdbx_strand_id
1 'polypeptide(L)'
;MPAVSKGEGMRGLAVFISDIRNCKSKEAEIKRINKELANIRSKFKGDKALDGYSKKKYVCKLLFIFLLGHDIDFGHMEAV
NLLSSNRYTEKQIGYLFISVLVNSNSELIRLINNAIKNDLASRNPTFMGLALHCIANVGSREMAEAFAGEIPKILVAGDT
MDSVKQSAALCLLRLYRTSPDLVPMGDWTSRVVHLLNDQHLGVVTAATSLITTLAQKNPEEFKTSVSLAVSRLSRIVTSA
STDLQDYTYYFVPAPWLSVKLLRLLQCYPPPEDPAVRGRLTECLETILNKAQEPPKSKKVQHSNAKNAVLFEAISLIIHH
DSEPNLLVRACNQLGQFLQHRETNLRYLALESMCTLASSEFSHEAVKTHIETVINALKTERDVSVRQRAVDLLYAMCDRS
NAQQIVAEMLSYLETADYSIREEIVLKVAILAEKYAVDYTWYVDTILNLIRIAGDYVSEEVWYRVIQIVINRDDVQGYAA
KTVFEALQAPACHENLVKVGGYILGEFGNLIAGDPRSSPLIQFNLLHSKFHLCSVPTRALLLSTYIKFVNLFPEVKATIQ
DVLRSDSQLKNADVELQQRAVEYLRLSTVASTDILATVLEEMPPFPERESSILAKLKKKKGPSTVTDLEETKRERSIDVN
GGPEPVPASTSAASTPSPSADLLGLGAVPPAPTGPPPTSGGGLLVDVFSDSASAVAPLAPGSEDNFARFVCKNNGVLFEN
QLLQIGLKSEFRQNLGRMFIFYGNKTSTQFLNFTPTLICADDLQTNLNLQTKPVDPTVDGGAQVQQVVNIECISDFTEAP
VLNIQFRYGGTFQNVSVKLPITLNKFFQPTEMASQDFFQRWKQLSNPQQEVQNIFKAKHPMDTEITKAKIIGFGSALLEE
VDPNPANFVGAGIIHTKTTQIGCLLRLEPNLQAQMYRLTLRTSKDTVSQRLCELLSEQF
;
A
2 'polypeptide(L)'
;MTDSKYFTTNKKGEIFELKAELNNEKKEKRKEAVKKVIAAMTVGKDVSSLFPDVVNCMQTDNLELKKLVYLYLMNYAKSQ
PDMAIMAVNSFVKDCEDPNPLIRALAVRTMGCIRVDKITEYLCEPLRKCLKDEDPYVRKTAAVCVAKLHDINAQMVEDQG
FLDSLRDLIADSNPMVVANAVAALSEISESHPNSNLLDLNPQNINKLLTALNECTEWGQIFILDCLSNYNPKDDREAQSI
CERVTPRLSHANSAVVLSAVKVLMKFLELLPKDSDYYNMLLKKLAPPLVTLLSGEPEVQYVALRNINLIVQKRPEILKQE
IKVFFVKYNDPIYVKLEKLDIMIRLASQANIAQVLAELKEYATEVDVDFVRKAVRAIGRCAIKVEQSAERCVSTLLDLIQ
TKVNYVVQEAIVVIRDIFRKYPNKYESIIATLCENLDSLDEPDARAAMIWIVGEYAERIDNADELLESFLEGFHDESTQV
QLTLLTAIVKLFLKKPSETQELVQQVLSLATQDSDNPDLRDRGYIYWRLLSTDPVTAKEVVLSEKPLISEETDLIEPTLL
DELICHIGSLASVYHKPPNAFVEGSHGIHRK
;
B
3 'polypeptide(L)'
;MIGGLFIYNHKGEVLISRVYRDDIGRNAVDAFRVNVIHARQQVRSPVTNIARTSFFHVKRSNIWLAAVTKQNVNAAMVFE
FLYKMCDVMAAYFGKISEENIKNNFVLIYELLDEILDFGYPQNSETGALKTFITQQGIKSQ
;
M
4 'polypeptide(L)'
;ILYDYSRMPMGDIWKEDGDKRSKGSDEASEGSGMGGVTSKKQSKRRQGLRERLLQARGETDGYSRSRGELGKGWNLPSAE
GQGYSEEQFMNTPWRNPAREGEKLKYRQQNMDDVDDDDDELVGVAVHPKVPLRAMSYKLAIDMSHFIKEKGGLEGIYYSD
RRHRILDIYLEKEEGIIPDWQNYTSGPGVRYPLFFGWLWKLVPVNVSDEAQEDETHCLVHPAQTSQWDDPWGEVLAWKFD
PKLAYTYEAFIRYPEEFGNDSGLSKEEVKRRLTAR
;
T,N
5 'polypeptide(L)'
;MIRFILIQNRAGKTRLAKWYMQFDDDEKQKLIEEVHAVVTVRDAKHTNFVEFRNFKIIYRRYAGLYFCICVDVNDNNLAY
LEAIHNFVEVLNEYFHCVSELDLVFNFYKVYTVVDEMFLAGEIRETSQTKVLKQLLMLQSLE
;
S
#
# COMPACT_ATOMS: atom_id res chain seq x y z
N LYS A 31 31.10 10.40 2.52
CA LYS A 31 32.26 9.71 3.07
C LYS A 31 32.99 8.94 1.98
N ARG A 32 32.63 7.66 1.84
CA ARG A 32 33.24 6.82 0.81
C ARG A 32 32.81 7.27 -0.58
N ILE A 33 31.56 7.71 -0.73
CA ILE A 33 31.09 8.22 -2.01
C ILE A 33 31.76 9.55 -2.33
N ASN A 34 32.03 10.37 -1.31
CA ASN A 34 32.75 11.62 -1.54
C ASN A 34 34.20 11.36 -1.91
N LYS A 35 34.81 10.34 -1.30
CA LYS A 35 36.18 9.96 -1.68
C LYS A 35 36.23 9.39 -3.09
N GLU A 36 35.20 8.64 -3.49
CA GLU A 36 35.14 8.11 -4.84
C GLU A 36 34.92 9.24 -5.86
N LEU A 37 34.12 10.24 -5.50
CA LEU A 37 33.93 11.39 -6.39
C LEU A 37 35.21 12.22 -6.49
N ALA A 38 35.96 12.33 -5.40
CA ALA A 38 37.24 13.03 -5.43
C ALA A 38 38.26 12.26 -6.27
N ASN A 39 38.24 10.93 -6.19
CA ASN A 39 39.14 10.12 -7.03
C ASN A 39 38.75 10.21 -8.50
N ILE A 40 37.45 10.29 -8.79
CA ILE A 40 36.99 10.43 -10.18
C ILE A 40 37.37 11.80 -10.72
N ARG A 41 37.28 12.84 -9.88
CA ARG A 41 37.70 14.17 -10.32
C ARG A 41 39.20 14.25 -10.50
N SER A 42 39.97 13.55 -9.66
CA SER A 42 41.42 13.52 -9.82
C SER A 42 41.82 12.71 -11.05
N LYS A 43 41.02 11.71 -11.43
CA LYS A 43 41.28 10.99 -12.66
C LYS A 43 40.96 11.85 -13.88
N PHE A 44 39.76 12.43 -13.92
CA PHE A 44 39.34 13.28 -15.04
C PHE A 44 38.65 14.53 -14.49
N LYS A 45 39.45 15.56 -14.23
CA LYS A 45 38.94 16.88 -13.90
C LYS A 45 39.33 17.93 -14.94
N GLY A 46 40.62 18.04 -15.25
CA GLY A 46 41.08 18.98 -16.26
C GLY A 46 41.47 18.29 -17.55
N ASP A 47 42.72 18.49 -17.98
CA ASP A 47 43.26 17.89 -19.19
C ASP A 47 44.64 17.30 -18.92
N LYS A 48 44.75 16.50 -17.86
CA LYS A 48 46.01 15.92 -17.46
C LYS A 48 46.41 14.80 -18.42
N ALA A 49 47.68 14.40 -18.33
CA ALA A 49 48.24 13.40 -19.23
C ALA A 49 47.73 12.02 -18.86
N LEU A 50 46.88 11.45 -19.72
CA LEU A 50 46.34 10.12 -19.51
C LEU A 50 46.59 9.24 -20.73
N ASP A 51 46.01 8.05 -20.75
CA ASP A 51 46.16 7.11 -21.86
C ASP A 51 44.78 6.61 -22.27
N GLY A 52 44.75 5.81 -23.34
CA GLY A 52 43.48 5.28 -23.82
C GLY A 52 42.90 4.22 -22.89
N TYR A 53 43.75 3.27 -22.47
CA TYR A 53 43.30 2.25 -21.52
C TYR A 53 43.03 2.85 -20.15
N SER A 54 43.77 3.89 -19.76
CA SER A 54 43.52 4.58 -18.51
C SER A 54 42.20 5.33 -18.55
N LYS A 55 41.87 5.95 -19.70
CA LYS A 55 40.59 6.62 -19.85
C LYS A 55 39.43 5.62 -19.89
N LYS A 56 39.67 4.44 -20.49
CA LYS A 56 38.66 3.39 -20.49
C LYS A 56 38.41 2.87 -19.09
N LYS A 57 39.47 2.68 -18.29
CA LYS A 57 39.32 2.28 -16.90
C LYS A 57 38.65 3.36 -16.07
N TYR A 58 38.90 4.65 -16.40
CA TYR A 58 38.25 5.73 -15.69
C TYR A 58 36.75 5.78 -15.99
N VAL A 59 36.38 5.56 -17.25
CA VAL A 59 34.96 5.52 -17.61
C VAL A 59 34.29 4.27 -17.00
N CYS A 60 35.02 3.15 -16.90
CA CYS A 60 34.49 1.97 -16.25
C CYS A 60 34.30 2.19 -14.76
N LYS A 61 35.23 2.89 -14.10
CA LYS A 61 35.07 3.22 -12.69
C LYS A 61 33.95 4.22 -12.47
N LEU A 62 33.74 5.15 -13.41
CA LEU A 62 32.62 6.07 -13.32
C LEU A 62 31.29 5.35 -13.48
N LEU A 63 31.24 4.34 -14.37
CA LEU A 63 30.04 3.53 -14.51
C LEU A 63 29.79 2.66 -13.28
N PHE A 64 30.86 2.16 -12.65
CA PHE A 64 30.72 1.39 -11.42
C PHE A 64 30.27 2.27 -10.26
N ILE A 65 30.68 3.53 -10.24
CA ILE A 65 30.20 4.46 -9.22
C ILE A 65 28.76 4.87 -9.51
N PHE A 66 28.38 4.92 -10.79
CA PHE A 66 26.99 5.17 -11.15
C PHE A 66 26.10 3.99 -10.79
N LEU A 67 26.66 2.77 -10.80
CA LEU A 67 25.92 1.60 -10.35
C LEU A 67 25.67 1.63 -8.84
N LEU A 68 26.50 2.33 -8.08
CA LEU A 68 26.30 2.50 -6.65
C LEU A 68 25.37 3.66 -6.30
N GLY A 69 24.91 4.41 -7.29
CA GLY A 69 23.99 5.51 -7.05
C GLY A 69 24.68 6.86 -6.92
N HIS A 70 25.53 7.20 -7.90
CA HIS A 70 26.22 8.47 -7.93
C HIS A 70 26.12 9.07 -9.32
N ASP A 71 25.83 10.37 -9.38
CA ASP A 71 25.67 11.08 -10.65
C ASP A 71 26.91 11.91 -10.94
N ILE A 72 27.45 11.76 -12.15
CA ILE A 72 28.62 12.52 -12.58
C ILE A 72 28.54 12.66 -14.09
N ASP A 73 28.88 13.85 -14.59
CA ASP A 73 28.82 14.13 -16.02
C ASP A 73 30.03 14.94 -16.46
N PHE A 74 31.20 14.62 -15.89
CA PHE A 74 32.42 15.36 -16.19
C PHE A 74 32.97 14.89 -17.53
N GLY A 75 32.76 15.69 -18.56
CA GLY A 75 33.36 15.44 -19.86
C GLY A 75 32.78 14.25 -20.61
N HIS A 76 31.52 14.34 -21.03
CA HIS A 76 30.92 13.30 -21.85
C HIS A 76 31.46 13.29 -23.27
N MET A 77 32.00 14.41 -23.73
CA MET A 77 32.50 14.48 -25.11
C MET A 77 33.79 13.69 -25.29
N GLU A 78 34.57 13.53 -24.21
CA GLU A 78 35.82 12.76 -24.29
C GLU A 78 35.57 11.27 -24.49
N ALA A 79 34.40 10.78 -24.10
CA ALA A 79 33.99 9.41 -24.40
C ALA A 79 33.08 9.31 -25.61
N VAL A 80 32.35 10.39 -25.94
CA VAL A 80 31.50 10.36 -27.12
C VAL A 80 32.33 10.46 -28.39
N ASN A 81 33.45 11.15 -28.35
CA ASN A 81 34.35 11.22 -29.49
C ASN A 81 35.22 9.99 -29.64
N LEU A 82 35.29 9.14 -28.62
CA LEU A 82 36.10 7.93 -28.65
C LEU A 82 35.37 6.73 -29.24
N LEU A 83 34.17 6.94 -29.76
CA LEU A 83 33.38 5.84 -30.33
C LEU A 83 33.83 5.46 -31.74
N SER A 84 34.68 6.27 -32.37
CA SER A 84 35.17 6.01 -33.72
C SER A 84 36.47 5.21 -33.72
N SER A 85 36.78 4.52 -32.62
CA SER A 85 38.01 3.76 -32.52
C SER A 85 37.77 2.33 -33.03
N ASN A 86 38.76 1.46 -32.83
CA ASN A 86 38.66 0.06 -33.23
C ASN A 86 38.59 -0.89 -32.04
N ARG A 87 38.74 -0.39 -30.82
CA ARG A 87 38.64 -1.23 -29.62
C ARG A 87 37.16 -1.53 -29.35
N TYR A 88 36.78 -2.80 -29.49
CA TYR A 88 35.38 -3.17 -29.33
C TYR A 88 34.92 -3.03 -27.89
N THR A 89 35.79 -3.34 -26.93
CA THR A 89 35.42 -3.24 -25.52
C THR A 89 35.22 -1.79 -25.10
N GLU A 90 36.15 -0.91 -25.50
CA GLU A 90 36.00 0.52 -25.20
C GLU A 90 34.82 1.13 -25.95
N LYS A 91 34.55 0.66 -27.17
CA LYS A 91 33.39 1.15 -27.92
C LYS A 91 32.09 0.73 -27.26
N GLN A 92 32.02 -0.51 -26.78
CA GLN A 92 30.82 -0.98 -26.08
C GLN A 92 30.64 -0.28 -24.74
N ILE A 93 31.75 0.02 -24.04
CA ILE A 93 31.67 0.77 -22.80
C ILE A 93 31.17 2.19 -23.05
N GLY A 94 31.65 2.82 -24.12
CA GLY A 94 31.14 4.14 -24.48
C GLY A 94 29.69 4.14 -24.93
N TYR A 95 29.27 3.07 -25.61
CA TYR A 95 27.87 2.94 -26.01
C TYR A 95 26.97 2.74 -24.80
N LEU A 96 27.41 1.93 -23.84
CA LEU A 96 26.65 1.77 -22.59
C LEU A 96 26.62 3.05 -21.79
N PHE A 97 27.70 3.84 -21.84
CA PHE A 97 27.74 5.12 -21.12
C PHE A 97 26.78 6.13 -21.74
N ILE A 98 26.77 6.24 -23.07
CA ILE A 98 25.84 7.17 -23.72
C ILE A 98 24.42 6.64 -23.76
N SER A 99 24.21 5.36 -23.50
CA SER A 99 22.85 4.82 -23.36
C SER A 99 22.29 5.02 -21.96
N VAL A 100 23.14 4.88 -20.93
CA VAL A 100 22.67 5.07 -19.56
C VAL A 100 22.65 6.54 -19.17
N LEU A 101 23.47 7.37 -19.80
CA LEU A 101 23.53 8.79 -19.46
C LEU A 101 23.22 9.66 -20.69
N VAL A 102 22.15 9.31 -21.40
CA VAL A 102 21.75 10.04 -22.60
C VAL A 102 21.18 11.38 -22.18
N ASN A 103 21.92 12.46 -22.46
CA ASN A 103 21.52 13.80 -22.13
C ASN A 103 20.89 14.48 -23.35
N SER A 104 20.58 15.76 -23.22
CA SER A 104 19.96 16.55 -24.28
C SER A 104 20.98 17.41 -25.02
N ASN A 105 22.19 16.90 -25.21
CA ASN A 105 23.21 17.65 -25.91
C ASN A 105 22.94 17.66 -27.41
N SER A 106 23.47 18.68 -28.09
CA SER A 106 23.27 18.84 -29.53
C SER A 106 24.42 18.25 -30.33
N GLU A 107 25.64 18.74 -30.10
CA GLU A 107 26.79 18.28 -30.87
C GLU A 107 27.20 16.87 -30.49
N LEU A 108 27.02 16.49 -29.22
CA LEU A 108 27.35 15.13 -28.80
C LEU A 108 26.38 14.12 -29.40
N ILE A 109 25.09 14.45 -29.43
CA ILE A 109 24.11 13.57 -30.05
C ILE A 109 24.29 13.55 -31.56
N ARG A 110 24.75 14.66 -32.15
CA ARG A 110 25.02 14.69 -33.58
C ARG A 110 26.21 13.80 -33.94
N LEU A 111 27.27 13.84 -33.12
CA LEU A 111 28.41 12.95 -33.33
C LEU A 111 28.03 11.50 -33.06
N ILE A 112 27.13 11.27 -32.11
CA ILE A 112 26.66 9.91 -31.84
C ILE A 112 25.84 9.37 -33.02
N ASN A 113 25.00 10.21 -33.61
CA ASN A 113 24.23 9.80 -34.78
C ASN A 113 25.13 9.61 -36.01
N ASN A 114 26.19 10.42 -36.12
CA ASN A 114 27.14 10.23 -37.21
C ASN A 114 27.92 8.92 -37.06
N ALA A 115 28.31 8.59 -35.82
CA ALA A 115 28.98 7.31 -35.57
C ALA A 115 28.03 6.13 -35.77
N ILE A 116 26.74 6.32 -35.45
CA ILE A 116 25.73 5.29 -35.69
C ILE A 116 25.55 5.06 -37.20
N LYS A 117 25.51 6.13 -37.98
CA LYS A 117 25.39 6.00 -39.43
C LYS A 117 26.66 5.41 -40.04
N ASN A 118 27.82 5.71 -39.48
CA ASN A 118 29.07 5.13 -39.97
C ASN A 118 29.16 3.65 -39.63
N ASP A 119 28.65 3.25 -38.47
CA ASP A 119 28.64 1.83 -38.11
C ASP A 119 27.59 1.06 -38.91
N LEU A 120 26.47 1.71 -39.25
CA LEU A 120 25.47 1.06 -40.08
C LEU A 120 25.94 0.94 -41.52
N ALA A 121 26.70 1.93 -42.01
CA ALA A 121 27.27 1.84 -43.34
C ALA A 121 28.43 0.86 -43.41
N SER A 122 29.07 0.58 -42.27
CA SER A 122 30.18 -0.36 -42.25
C SER A 122 29.67 -1.80 -42.33
N ARG A 123 30.59 -2.71 -42.62
CA ARG A 123 30.28 -4.13 -42.74
C ARG A 123 30.57 -4.90 -41.46
N ASN A 124 30.67 -4.21 -40.32
CA ASN A 124 30.91 -4.87 -39.04
C ASN A 124 29.56 -5.24 -38.41
N PRO A 125 29.24 -6.52 -38.27
CA PRO A 125 27.93 -6.88 -37.71
C PRO A 125 27.80 -6.57 -36.23
N THR A 126 28.88 -6.70 -35.46
CA THR A 126 28.83 -6.37 -34.04
C THR A 126 28.64 -4.87 -33.83
N PHE A 127 29.33 -4.05 -34.63
CA PHE A 127 29.17 -2.60 -34.52
C PHE A 127 27.79 -2.16 -35.01
N MET A 128 27.28 -2.82 -36.05
CA MET A 128 25.93 -2.50 -36.53
C MET A 128 24.87 -2.88 -35.51
N GLY A 129 25.05 -4.02 -34.84
CA GLY A 129 24.13 -4.41 -33.79
C GLY A 129 24.21 -3.53 -32.56
N LEU A 130 25.41 -3.05 -32.23
CA LEU A 130 25.56 -2.09 -31.15
C LEU A 130 24.90 -0.76 -31.48
N ALA A 131 24.99 -0.34 -32.75
CA ALA A 131 24.30 0.88 -33.18
C ALA A 131 22.79 0.72 -33.14
N LEU A 132 22.28 -0.45 -33.56
CA LEU A 132 20.85 -0.71 -33.51
C LEU A 132 20.34 -0.79 -32.07
N HIS A 133 21.13 -1.36 -31.17
CA HIS A 133 20.77 -1.40 -29.76
C HIS A 133 20.80 0.00 -29.15
N CYS A 134 21.74 0.85 -29.60
CA CYS A 134 21.78 2.22 -29.12
C CYS A 134 20.58 3.02 -29.61
N ILE A 135 20.12 2.76 -30.84
CA ILE A 135 18.92 3.42 -31.34
C ILE A 135 17.69 2.94 -30.58
N ALA A 136 17.56 1.63 -30.38
CA ALA A 136 16.39 1.08 -29.71
C ALA A 136 16.35 1.41 -28.22
N ASN A 137 17.50 1.68 -27.60
CA ASN A 137 17.52 2.08 -26.20
C ASN A 137 17.44 3.59 -26.03
N VAL A 138 17.87 4.37 -27.03
CA VAL A 138 17.82 5.82 -26.91
C VAL A 138 16.42 6.34 -27.17
N GLY A 139 15.88 6.07 -28.36
CA GLY A 139 14.56 6.55 -28.71
C GLY A 139 14.49 8.03 -28.99
N SER A 140 15.52 8.58 -29.61
CA SER A 140 15.53 10.01 -29.93
C SER A 140 14.66 10.29 -31.14
N ARG A 141 13.96 11.42 -31.10
CA ARG A 141 13.07 11.79 -32.21
C ARG A 141 13.85 12.15 -33.46
N GLU A 142 14.99 12.83 -33.30
CA GLU A 142 15.82 13.18 -34.44
C GLU A 142 16.46 11.94 -35.07
N MET A 143 16.90 11.00 -34.24
CA MET A 143 17.46 9.75 -34.76
C MET A 143 16.39 8.89 -35.42
N ALA A 144 15.16 8.92 -34.88
CA ALA A 144 14.07 8.16 -35.50
C ALA A 144 13.63 8.81 -36.82
N GLU A 145 13.70 10.13 -36.92
CA GLU A 145 13.38 10.79 -38.19
C GLU A 145 14.51 10.65 -39.20
N ALA A 146 15.75 10.47 -38.73
CA ALA A 146 16.87 10.32 -39.66
C ALA A 146 17.00 8.90 -40.18
N PHE A 147 16.88 7.91 -39.30
CA PHE A 147 17.08 6.50 -39.67
C PHE A 147 15.76 5.77 -39.89
N ALA A 148 14.76 6.44 -40.45
CA ALA A 148 13.46 5.80 -40.67
C ALA A 148 13.41 4.97 -41.94
N GLY A 149 14.43 5.07 -42.81
CA GLY A 149 14.40 4.37 -44.07
C GLY A 149 15.50 3.36 -44.27
N GLU A 150 16.66 3.58 -43.64
CA GLU A 150 17.80 2.71 -43.85
C GLU A 150 17.68 1.38 -43.12
N ILE A 151 17.03 1.37 -41.96
CA ILE A 151 16.93 0.18 -41.11
C ILE A 151 16.04 -0.90 -41.72
N PRO A 152 14.89 -0.63 -42.36
CA PRO A 152 14.23 -1.71 -43.12
C PRO A 152 15.04 -2.20 -44.32
N LYS A 153 15.86 -1.33 -44.93
CA LYS A 153 16.73 -1.78 -46.01
C LYS A 153 17.82 -2.71 -45.50
N ILE A 154 18.31 -2.48 -44.28
CA ILE A 154 19.25 -3.42 -43.67
C ILE A 154 18.52 -4.71 -43.28
N LEU A 155 17.25 -4.59 -42.86
CA LEU A 155 16.48 -5.75 -42.45
C LEU A 155 16.16 -6.67 -43.62
N VAL A 156 15.93 -6.10 -44.81
CA VAL A 156 15.67 -6.92 -45.99
C VAL A 156 16.94 -7.24 -46.78
N ALA A 157 18.11 -6.80 -46.30
CA ALA A 157 19.35 -7.06 -47.01
C ALA A 157 19.76 -8.51 -46.81
N GLY A 158 19.83 -9.26 -47.91
CA GLY A 158 20.22 -10.66 -47.84
C GLY A 158 21.68 -10.89 -47.56
N ASP A 159 22.52 -9.87 -47.78
CA ASP A 159 23.95 -10.01 -47.52
C ASP A 159 24.30 -9.92 -46.05
N THR A 160 23.39 -9.42 -45.21
CA THR A 160 23.65 -9.30 -43.78
C THR A 160 23.56 -10.66 -43.11
N MET A 161 24.16 -10.76 -41.93
CA MET A 161 24.12 -11.99 -41.15
C MET A 161 22.77 -12.14 -40.46
N ASP A 162 22.56 -13.32 -39.87
CA ASP A 162 21.31 -13.60 -39.18
C ASP A 162 21.19 -12.86 -37.86
N SER A 163 22.32 -12.50 -37.24
CA SER A 163 22.29 -11.77 -35.97
C SER A 163 21.93 -10.31 -36.15
N VAL A 164 22.02 -9.78 -37.36
CA VAL A 164 21.71 -8.36 -37.57
C VAL A 164 20.21 -8.16 -37.73
N LYS A 165 19.53 -9.12 -38.38
CA LYS A 165 18.11 -8.95 -38.68
C LYS A 165 17.26 -9.03 -37.42
N GLN A 166 17.64 -9.89 -36.47
CA GLN A 166 16.87 -10.03 -35.24
C GLN A 166 17.00 -8.80 -34.34
N SER A 167 18.09 -8.06 -34.48
CA SER A 167 18.19 -6.79 -33.77
C SER A 167 17.49 -5.68 -34.54
N ALA A 168 17.56 -5.71 -35.88
CA ALA A 168 17.00 -4.64 -36.69
C ALA A 168 15.48 -4.65 -36.67
N ALA A 169 14.86 -5.82 -36.62
CA ALA A 169 13.41 -5.89 -36.58
C ALA A 169 12.86 -5.37 -35.25
N LEU A 170 13.53 -5.70 -34.14
CA LEU A 170 13.14 -5.14 -32.85
C LEU A 170 13.45 -3.66 -32.76
N CYS A 171 14.51 -3.20 -33.43
CA CYS A 171 14.81 -1.78 -33.47
C CYS A 171 13.73 -1.01 -34.25
N LEU A 172 13.28 -1.57 -35.37
CA LEU A 172 12.18 -0.97 -36.12
C LEU A 172 10.88 -1.03 -35.33
N LEU A 173 10.68 -2.08 -34.54
CA LEU A 173 9.52 -2.15 -33.65
C LEU A 173 9.57 -1.06 -32.58
N ARG A 174 10.76 -0.79 -32.04
CA ARG A 174 10.91 0.27 -31.04
C ARG A 174 10.68 1.64 -31.67
N LEU A 175 11.17 1.85 -32.89
CA LEU A 175 10.91 3.10 -33.58
C LEU A 175 9.44 3.25 -33.96
N TYR A 176 8.75 2.14 -34.26
CA TYR A 176 7.33 2.20 -34.56
C TYR A 176 6.51 2.48 -33.32
N ARG A 177 6.93 1.94 -32.18
CA ARG A 177 6.24 2.25 -30.93
C ARG A 177 6.52 3.67 -30.46
N THR A 178 7.70 4.21 -30.80
CA THR A 178 8.00 5.58 -30.43
C THR A 178 7.25 6.58 -31.30
N SER A 179 7.31 6.40 -32.62
CA SER A 179 6.64 7.29 -33.57
C SER A 179 5.96 6.46 -34.64
N PRO A 180 4.67 6.16 -34.48
CA PRO A 180 3.97 5.35 -35.51
C PRO A 180 3.67 6.12 -36.78
N ASP A 181 3.60 7.45 -36.72
CA ASP A 181 3.27 8.23 -37.91
C ASP A 181 4.44 8.32 -38.88
N LEU A 182 5.67 8.17 -38.38
CA LEU A 182 6.86 8.26 -39.21
C LEU A 182 7.32 6.90 -39.72
N VAL A 183 6.41 5.94 -39.84
CA VAL A 183 6.72 4.60 -40.32
C VAL A 183 5.99 4.39 -41.64
N PRO A 184 6.70 4.27 -42.75
CA PRO A 184 6.02 4.05 -44.04
C PRO A 184 5.68 2.58 -44.24
N MET A 185 4.66 2.36 -45.07
CA MET A 185 4.26 1.01 -45.48
C MET A 185 4.87 0.74 -46.85
N GLY A 186 6.17 0.43 -46.86
CA GLY A 186 6.91 0.25 -48.09
C GLY A 186 6.61 -1.06 -48.77
N ASP A 187 7.29 -1.27 -49.90
CA ASP A 187 7.13 -2.47 -50.72
C ASP A 187 7.94 -3.65 -50.22
N TRP A 188 8.60 -3.52 -49.07
CA TRP A 188 9.37 -4.59 -48.46
C TRP A 188 8.53 -5.54 -47.63
N THR A 189 7.20 -5.38 -47.65
CA THR A 189 6.31 -6.18 -46.81
C THR A 189 6.32 -7.65 -47.23
N SER A 190 6.44 -7.91 -48.53
CA SER A 190 6.54 -9.28 -49.01
C SER A 190 7.84 -9.93 -48.57
N ARG A 191 8.91 -9.15 -48.42
CA ARG A 191 10.13 -9.69 -47.85
C ARG A 191 10.02 -9.88 -46.34
N VAL A 192 9.22 -9.04 -45.68
CA VAL A 192 9.02 -9.17 -44.24
C VAL A 192 8.24 -10.44 -43.92
N VAL A 193 7.22 -10.74 -44.72
CA VAL A 193 6.50 -12.02 -44.59
C VAL A 193 7.42 -13.18 -44.93
N HIS A 194 8.33 -12.98 -45.89
CA HIS A 194 9.28 -14.03 -46.28
C HIS A 194 10.40 -14.24 -45.26
N LEU A 195 10.45 -13.45 -44.18
CA LEU A 195 11.46 -13.69 -43.14
C LEU A 195 11.17 -14.96 -42.35
N LEU A 196 9.90 -15.36 -42.26
CA LEU A 196 9.52 -16.50 -41.44
C LEU A 196 9.91 -17.84 -42.06
N ASN A 197 10.35 -17.84 -43.31
CA ASN A 197 10.81 -19.06 -43.98
C ASN A 197 12.31 -19.31 -43.78
N ASP A 198 12.91 -18.68 -42.77
CA ASP A 198 14.34 -18.79 -42.54
C ASP A 198 14.64 -20.07 -41.75
N GLN A 199 15.88 -20.55 -41.91
CA GLN A 199 16.34 -21.68 -41.10
C GLN A 199 16.62 -21.24 -39.68
N HIS A 200 17.23 -20.07 -39.50
CA HIS A 200 17.43 -19.51 -38.17
C HIS A 200 16.10 -18.98 -37.64
N LEU A 201 15.89 -19.15 -36.33
CA LEU A 201 14.59 -18.89 -35.73
C LEU A 201 14.54 -17.65 -34.87
N GLY A 202 15.68 -17.04 -34.54
CA GLY A 202 15.64 -15.73 -33.91
C GLY A 202 15.11 -14.66 -34.83
N VAL A 203 15.38 -14.80 -36.14
CA VAL A 203 14.77 -13.93 -37.13
C VAL A 203 13.27 -14.13 -37.16
N VAL A 204 12.83 -15.38 -36.98
CA VAL A 204 11.40 -15.70 -36.92
C VAL A 204 10.76 -15.06 -35.70
N THR A 205 11.46 -15.09 -34.56
CA THR A 205 10.95 -14.47 -33.33
C THR A 205 10.83 -12.95 -33.48
N ALA A 206 11.85 -12.31 -34.05
CA ALA A 206 11.82 -10.87 -34.22
C ALA A 206 10.78 -10.44 -35.24
N ALA A 207 10.66 -11.18 -36.35
CA ALA A 207 9.64 -10.87 -37.34
C ALA A 207 8.24 -11.13 -36.82
N THR A 208 8.08 -12.13 -35.94
CA THR A 208 6.79 -12.38 -35.31
C THR A 208 6.40 -11.24 -34.38
N SER A 209 7.37 -10.75 -33.59
CA SER A 209 7.13 -9.61 -32.71
C SER A 209 6.85 -8.34 -33.51
N LEU A 210 7.39 -8.22 -34.72
CA LEU A 210 7.08 -7.08 -35.56
C LEU A 210 5.68 -7.18 -36.16
N ILE A 211 5.34 -8.34 -36.72
CA ILE A 211 4.08 -8.52 -37.44
C ILE A 211 2.90 -8.52 -36.46
N THR A 212 3.11 -8.99 -35.22
CA THR A 212 2.03 -8.97 -34.23
C THR A 212 1.65 -7.54 -33.83
N THR A 213 2.59 -6.61 -33.91
CA THR A 213 2.24 -5.22 -33.66
C THR A 213 1.70 -4.54 -34.91
N LEU A 214 2.25 -4.88 -36.08
CA LEU A 214 1.80 -4.23 -37.31
C LEU A 214 0.46 -4.75 -37.82
N ALA A 215 -0.03 -5.89 -37.29
CA ALA A 215 -1.28 -6.46 -37.77
C ALA A 215 -2.51 -5.70 -37.28
N GLN A 216 -2.37 -4.88 -36.24
CA GLN A 216 -3.48 -4.07 -35.78
C GLN A 216 -3.77 -2.86 -36.67
N LYS A 217 -2.91 -2.59 -37.65
CA LYS A 217 -3.16 -1.57 -38.65
C LYS A 217 -3.09 -2.07 -40.08
N ASN A 218 -2.38 -3.16 -40.36
CA ASN A 218 -2.28 -3.71 -41.72
C ASN A 218 -2.47 -5.22 -41.68
N PRO A 219 -3.73 -5.68 -41.68
CA PRO A 219 -3.96 -7.14 -41.70
C PRO A 219 -3.75 -7.75 -43.08
N GLU A 220 -4.16 -7.02 -44.11
CA GLU A 220 -4.07 -7.53 -45.49
C GLU A 220 -2.64 -7.57 -45.98
N GLU A 221 -1.74 -6.77 -45.41
CA GLU A 221 -0.33 -6.81 -45.76
C GLU A 221 0.39 -8.00 -45.14
N PHE A 222 -0.20 -8.66 -44.15
CA PHE A 222 0.40 -9.82 -43.51
C PHE A 222 -0.60 -10.96 -43.42
N LYS A 223 -1.57 -11.01 -44.33
CA LYS A 223 -2.53 -12.11 -44.37
C LYS A 223 -1.87 -13.44 -44.72
N THR A 224 -0.87 -13.42 -45.63
CA THR A 224 -0.16 -14.64 -45.99
C THR A 224 0.77 -15.12 -44.89
N SER A 225 1.16 -14.22 -43.98
CA SER A 225 1.97 -14.61 -42.83
C SER A 225 1.22 -15.53 -41.88
N VAL A 226 -0.10 -15.47 -41.86
CA VAL A 226 -0.90 -16.42 -41.08
C VAL A 226 -0.71 -17.84 -41.63
N SER A 227 -0.85 -18.00 -42.94
CA SER A 227 -0.68 -19.31 -43.56
C SER A 227 0.77 -19.78 -43.53
N LEU A 228 1.74 -18.86 -43.45
CA LEU A 228 3.11 -19.30 -43.26
C LEU A 228 3.39 -19.68 -41.82
N ALA A 229 2.80 -18.95 -40.87
CA ALA A 229 3.04 -19.22 -39.46
C ALA A 229 2.35 -20.50 -39.00
N VAL A 230 1.25 -20.87 -39.65
CA VAL A 230 0.60 -22.15 -39.36
C VAL A 230 1.52 -23.31 -39.71
N SER A 231 2.15 -23.24 -40.89
CA SER A 231 3.11 -24.26 -41.29
C SER A 231 4.36 -24.24 -40.43
N ARG A 232 4.79 -23.05 -39.99
CA ARG A 232 5.93 -22.94 -39.09
C ARG A 232 5.64 -23.57 -37.73
N LEU A 233 4.45 -23.32 -37.18
CA LEU A 233 4.05 -23.91 -35.92
C LEU A 233 3.87 -25.42 -36.04
N SER A 234 3.39 -25.90 -37.19
CA SER A 234 3.28 -27.33 -37.42
C SER A 234 4.65 -27.99 -37.50
N ARG A 235 5.60 -27.35 -38.18
CA ARG A 235 6.96 -27.87 -38.26
C ARG A 235 7.66 -27.83 -36.90
N ILE A 236 7.26 -26.90 -36.03
CA ILE A 236 7.79 -26.89 -34.67
C ILE A 236 7.21 -28.04 -33.86
N VAL A 237 5.88 -28.14 -33.80
CA VAL A 237 5.26 -29.08 -32.85
C VAL A 237 5.24 -30.52 -33.35
N THR A 238 5.52 -30.77 -34.63
CA THR A 238 5.58 -32.13 -35.15
C THR A 238 7.01 -32.63 -35.25
N SER A 239 7.95 -31.99 -34.55
CA SER A 239 9.35 -32.39 -34.58
C SER A 239 9.70 -33.20 -33.32
N ALA A 240 10.66 -34.09 -33.47
CA ALA A 240 11.13 -34.91 -32.37
C ALA A 240 12.29 -34.19 -31.67
N SER A 241 12.98 -34.90 -30.79
CA SER A 241 14.12 -34.33 -30.06
C SER A 241 15.41 -34.30 -30.88
N THR A 242 15.39 -34.83 -32.10
CA THR A 242 16.58 -34.80 -32.94
C THR A 242 16.83 -33.39 -33.49
N ASP A 243 15.78 -32.77 -34.02
CA ASP A 243 15.90 -31.40 -34.53
C ASP A 243 15.88 -30.41 -33.37
N LEU A 244 16.19 -29.16 -33.71
CA LEU A 244 16.26 -28.01 -32.78
C LEU A 244 17.24 -28.30 -31.64
N GLN A 245 18.51 -28.44 -32.02
CA GLN A 245 19.54 -28.83 -31.07
C GLN A 245 19.95 -27.70 -30.12
N ASP A 246 19.57 -26.45 -30.40
CA ASP A 246 19.94 -25.35 -29.54
C ASP A 246 18.73 -24.54 -29.13
N TYR A 247 17.68 -24.55 -29.94
CA TYR A 247 16.47 -23.79 -29.67
C TYR A 247 15.48 -24.54 -28.79
N THR A 248 15.78 -25.77 -28.39
CA THR A 248 14.91 -26.48 -27.47
C THR A 248 15.07 -25.93 -26.06
N TYR A 249 14.16 -26.33 -25.18
CA TYR A 249 14.19 -25.86 -23.80
C TYR A 249 13.56 -26.96 -22.93
N TYR A 250 14.43 -27.71 -22.24
CA TYR A 250 14.06 -28.76 -21.29
C TYR A 250 13.11 -29.78 -21.90
N PHE A 251 13.51 -30.29 -23.07
CA PHE A 251 12.73 -31.21 -23.91
C PHE A 251 11.38 -30.62 -24.29
N VAL A 252 11.34 -29.32 -24.54
CA VAL A 252 10.19 -28.64 -25.12
C VAL A 252 10.66 -27.91 -26.38
N PRO A 253 10.06 -28.14 -27.54
CA PRO A 253 10.51 -27.47 -28.76
C PRO A 253 10.01 -26.04 -28.86
N ALA A 254 10.92 -25.08 -28.65
CA ALA A 254 10.76 -23.63 -28.85
C ALA A 254 9.54 -23.03 -28.15
N PRO A 255 9.56 -22.90 -26.83
CA PRO A 255 8.36 -22.41 -26.13
C PRO A 255 8.08 -20.95 -26.38
N TRP A 256 9.11 -20.10 -26.38
CA TRP A 256 8.90 -18.68 -26.65
C TRP A 256 8.46 -18.44 -28.08
N LEU A 257 8.99 -19.21 -29.03
CA LEU A 257 8.58 -19.05 -30.42
C LEU A 257 7.16 -19.56 -30.64
N SER A 258 6.78 -20.64 -29.95
CA SER A 258 5.40 -21.13 -30.05
C SER A 258 4.42 -20.15 -29.43
N VAL A 259 4.79 -19.54 -28.29
CA VAL A 259 3.94 -18.54 -27.66
C VAL A 259 3.83 -17.30 -28.52
N LYS A 260 4.92 -16.90 -29.17
CA LYS A 260 4.88 -15.74 -30.07
C LYS A 260 4.03 -16.02 -31.30
N LEU A 261 4.08 -17.24 -31.82
CA LEU A 261 3.26 -17.59 -32.99
C LEU A 261 1.78 -17.66 -32.62
N LEU A 262 1.46 -18.21 -31.44
CA LEU A 262 0.06 -18.25 -31.02
C LEU A 262 -0.47 -16.86 -30.69
N ARG A 263 0.36 -15.98 -30.14
CA ARG A 263 -0.07 -14.62 -29.89
C ARG A 263 -0.16 -13.82 -31.18
N LEU A 264 0.59 -14.21 -32.20
CA LEU A 264 0.40 -13.63 -33.52
C LEU A 264 -0.93 -14.06 -34.13
N LEU A 265 -1.26 -15.35 -34.01
CA LEU A 265 -2.52 -15.84 -34.55
C LEU A 265 -3.73 -15.36 -33.75
N GLN A 266 -3.52 -14.97 -32.49
CA GLN A 266 -4.63 -14.42 -31.70
C GLN A 266 -5.04 -13.03 -32.20
N CYS A 267 -4.13 -12.32 -32.85
CA CYS A 267 -4.42 -11.02 -33.42
C CYS A 267 -4.92 -11.12 -34.86
N TYR A 268 -5.51 -12.25 -35.25
CA TYR A 268 -5.99 -12.49 -36.59
C TYR A 268 -7.28 -13.30 -36.52
N PRO A 269 -8.17 -13.13 -37.49
CA PRO A 269 -9.35 -14.00 -37.58
C PRO A 269 -8.96 -15.43 -37.94
N PRO A 270 -9.84 -16.40 -37.69
CA PRO A 270 -9.54 -17.77 -38.11
C PRO A 270 -9.50 -17.88 -39.63
N PRO A 271 -8.71 -18.81 -40.18
CA PRO A 271 -8.54 -18.87 -41.63
C PRO A 271 -9.78 -19.42 -42.32
N GLU A 272 -10.14 -18.77 -43.43
CA GLU A 272 -11.27 -19.23 -44.24
C GLU A 272 -10.93 -20.47 -45.06
N ASP A 273 -9.65 -20.77 -45.23
CA ASP A 273 -9.27 -21.95 -46.00
C ASP A 273 -9.46 -23.20 -45.16
N PRO A 274 -10.12 -24.24 -45.69
CA PRO A 274 -10.37 -25.45 -44.89
C PRO A 274 -9.12 -26.24 -44.57
N ALA A 275 -8.12 -26.26 -45.46
CA ALA A 275 -6.89 -26.99 -45.18
C ALA A 275 -6.08 -26.30 -44.09
N VAL A 276 -6.02 -24.96 -44.13
CA VAL A 276 -5.31 -24.20 -43.09
C VAL A 276 -6.05 -24.31 -41.76
N ARG A 277 -7.40 -24.31 -41.81
CA ARG A 277 -8.18 -24.47 -40.60
C ARG A 277 -7.99 -25.85 -39.99
N GLY A 278 -7.95 -26.89 -40.81
CA GLY A 278 -7.71 -28.23 -40.32
C GLY A 278 -6.30 -28.43 -39.80
N ARG A 279 -5.32 -27.78 -40.43
CA ARG A 279 -3.94 -27.84 -39.92
C ARG A 279 -3.81 -27.14 -38.58
N LEU A 280 -4.48 -25.99 -38.42
CA LEU A 280 -4.48 -25.28 -37.14
C LEU A 280 -5.20 -26.08 -36.07
N THR A 281 -6.30 -26.74 -36.44
CA THR A 281 -7.04 -27.58 -35.50
C THR A 281 -6.22 -28.80 -35.07
N GLU A 282 -5.49 -29.40 -36.02
CA GLU A 282 -4.62 -30.53 -35.68
C GLU A 282 -3.44 -30.09 -34.82
N CYS A 283 -2.92 -28.88 -35.05
CA CYS A 283 -1.84 -28.36 -34.21
C CYS A 283 -2.31 -28.11 -32.79
N LEU A 284 -3.50 -27.52 -32.63
CA LEU A 284 -4.04 -27.30 -31.29
C LEU A 284 -4.42 -28.62 -30.61
N GLU A 285 -4.85 -29.62 -31.39
CA GLU A 285 -5.14 -30.93 -30.84
C GLU A 285 -3.87 -31.62 -30.36
N THR A 286 -2.76 -31.48 -31.10
CA THR A 286 -1.50 -32.04 -30.64
C THR A 286 -0.96 -31.29 -29.43
N ILE A 287 -1.24 -29.99 -29.32
CA ILE A 287 -0.86 -29.23 -28.13
C ILE A 287 -1.62 -29.74 -26.91
N LEU A 288 -2.93 -29.95 -27.06
CA LEU A 288 -3.73 -30.48 -25.96
C LEU A 288 -3.35 -31.91 -25.61
N ASN A 289 -2.97 -32.72 -26.61
CA ASN A 289 -2.55 -34.09 -26.33
C ASN A 289 -1.19 -34.14 -25.65
N LYS A 290 -0.28 -33.23 -26.01
CA LYS A 290 0.99 -33.14 -25.32
C LYS A 290 0.81 -32.61 -23.89
N ALA A 291 -0.20 -31.76 -23.67
CA ALA A 291 -0.51 -31.32 -22.33
C ALA A 291 -1.09 -32.46 -21.49
N GLN A 292 -1.98 -33.27 -22.09
CA GLN A 292 -2.54 -34.41 -21.40
C GLN A 292 -1.57 -35.58 -21.26
N GLU A 293 -0.45 -35.55 -22.00
CA GLU A 293 0.55 -36.60 -21.89
C GLU A 293 1.27 -36.52 -20.55
N PRO A 294 1.78 -37.65 -20.04
CA PRO A 294 2.59 -37.60 -18.83
C PRO A 294 3.92 -36.91 -19.10
N PRO A 295 4.50 -36.27 -18.09
CA PRO A 295 5.74 -35.52 -18.32
C PRO A 295 6.95 -36.43 -18.47
N LYS A 296 7.87 -36.02 -19.33
CA LYS A 296 9.08 -36.80 -19.55
C LYS A 296 10.03 -36.68 -18.38
N SER A 297 10.49 -35.46 -18.09
CA SER A 297 11.36 -35.22 -16.95
C SER A 297 10.50 -34.86 -15.74
N LYS A 298 11.15 -34.42 -14.66
CA LYS A 298 10.45 -33.94 -13.47
C LYS A 298 10.73 -32.47 -13.20
N LYS A 299 11.40 -31.78 -14.11
CA LYS A 299 11.84 -30.42 -13.88
C LYS A 299 10.67 -29.44 -13.98
N VAL A 300 10.58 -28.52 -13.01
CA VAL A 300 9.52 -27.53 -13.01
C VAL A 300 9.74 -26.49 -14.10
N GLN A 301 10.97 -26.32 -14.58
CA GLN A 301 11.21 -25.48 -15.74
C GLN A 301 10.61 -26.10 -16.99
N HIS A 302 10.76 -27.42 -17.15
CA HIS A 302 10.09 -28.14 -18.22
C HIS A 302 8.58 -28.07 -18.08
N SER A 303 8.08 -28.12 -16.83
CA SER A 303 6.64 -28.04 -16.60
C SER A 303 6.09 -26.66 -16.99
N ASN A 304 6.81 -25.58 -16.64
CA ASN A 304 6.38 -24.24 -17.01
C ASN A 304 6.48 -24.03 -18.52
N ALA A 305 7.56 -24.49 -19.14
CA ALA A 305 7.74 -24.30 -20.58
C ALA A 305 6.78 -25.16 -21.39
N LYS A 306 6.24 -26.24 -20.82
CA LYS A 306 5.20 -26.99 -21.49
C LYS A 306 3.82 -26.41 -21.24
N ASN A 307 3.56 -25.86 -20.05
CA ASN A 307 2.26 -25.27 -19.77
C ASN A 307 2.08 -23.89 -20.40
N ALA A 308 3.18 -23.21 -20.78
CA ALA A 308 3.06 -21.90 -21.38
C ALA A 308 2.42 -21.96 -22.77
N VAL A 309 2.86 -22.92 -23.58
CA VAL A 309 2.26 -23.12 -24.90
C VAL A 309 0.81 -23.57 -24.77
N LEU A 310 0.53 -24.38 -23.75
CA LEU A 310 -0.84 -24.82 -23.50
C LEU A 310 -1.75 -23.66 -23.15
N PHE A 311 -1.29 -22.75 -22.28
CA PHE A 311 -2.12 -21.62 -21.89
C PHE A 311 -2.28 -20.62 -23.02
N GLU A 312 -1.26 -20.43 -23.86
CA GLU A 312 -1.43 -19.55 -25.00
C GLU A 312 -2.35 -20.16 -26.05
N ALA A 313 -2.33 -21.48 -26.20
CA ALA A 313 -3.27 -22.14 -27.11
C ALA A 313 -4.69 -22.06 -26.57
N ILE A 314 -4.85 -22.15 -25.25
CA ILE A 314 -6.16 -22.01 -24.63
C ILE A 314 -6.69 -20.59 -24.82
N SER A 315 -5.82 -19.58 -24.67
CA SER A 315 -6.23 -18.20 -24.89
C SER A 315 -6.59 -17.94 -26.36
N LEU A 316 -5.86 -18.59 -27.29
CA LEU A 316 -6.21 -18.48 -28.71
C LEU A 316 -7.57 -19.11 -29.00
N ILE A 317 -7.82 -20.31 -28.45
CA ILE A 317 -9.09 -21.00 -28.66
C ILE A 317 -10.25 -20.20 -28.08
N ILE A 318 -10.02 -19.57 -26.92
CA ILE A 318 -11.08 -18.80 -26.27
C ILE A 318 -11.34 -17.49 -27.01
N HIS A 319 -10.29 -16.83 -27.49
CA HIS A 319 -10.47 -15.60 -28.25
C HIS A 319 -11.11 -15.86 -29.61
N HIS A 320 -10.86 -17.03 -30.21
CA HIS A 320 -11.51 -17.34 -31.48
C HIS A 320 -12.97 -17.72 -31.27
N ASP A 321 -13.23 -18.63 -30.32
CA ASP A 321 -14.57 -19.12 -29.96
C ASP A 321 -15.30 -19.72 -31.17
N SER A 322 -14.55 -20.43 -32.01
CA SER A 322 -15.09 -21.02 -33.23
C SER A 322 -15.27 -22.52 -33.16
N GLU A 323 -14.43 -23.22 -32.40
CA GLU A 323 -14.49 -24.67 -32.33
C GLU A 323 -15.04 -25.10 -30.98
N PRO A 324 -16.28 -25.59 -30.91
CA PRO A 324 -16.81 -26.05 -29.62
C PRO A 324 -16.13 -27.30 -29.10
N ASN A 325 -15.63 -28.16 -30.00
CA ASN A 325 -14.86 -29.32 -29.59
C ASN A 325 -13.55 -28.92 -28.92
N LEU A 326 -12.96 -27.81 -29.37
CA LEU A 326 -11.78 -27.30 -28.69
C LEU A 326 -12.14 -26.57 -27.41
N LEU A 327 -13.29 -25.87 -27.39
CA LEU A 327 -13.68 -25.10 -26.21
C LEU A 327 -14.04 -25.99 -25.03
N VAL A 328 -14.72 -27.12 -25.30
CA VAL A 328 -15.07 -28.05 -24.24
C VAL A 328 -13.82 -28.69 -23.64
N ARG A 329 -12.86 -29.08 -24.50
CA ARG A 329 -11.61 -29.66 -24.02
C ARG A 329 -10.77 -28.63 -23.27
N ALA A 330 -10.80 -27.36 -23.70
CA ALA A 330 -10.05 -26.32 -22.99
C ALA A 330 -10.67 -26.02 -21.64
N CYS A 331 -12.00 -26.04 -21.55
CA CYS A 331 -12.66 -25.81 -20.27
C CYS A 331 -12.43 -26.97 -19.32
N ASN A 332 -12.42 -28.20 -19.83
CA ASN A 332 -12.09 -29.34 -18.99
C ASN A 332 -10.63 -29.33 -18.56
N GLN A 333 -9.74 -28.86 -19.44
CA GLN A 333 -8.33 -28.75 -19.10
C GLN A 333 -8.10 -27.70 -18.02
N LEU A 334 -8.78 -26.56 -18.11
CA LEU A 334 -8.65 -25.55 -17.07
C LEU A 334 -9.32 -25.98 -15.77
N GLY A 335 -10.41 -26.74 -15.84
CA GLY A 335 -11.03 -27.25 -14.63
C GLY A 335 -10.18 -28.27 -13.92
N GLN A 336 -9.48 -29.13 -14.68
CA GLN A 336 -8.52 -30.03 -14.07
C GLN A 336 -7.24 -29.31 -13.67
N PHE A 337 -6.96 -28.15 -14.27
CA PHE A 337 -5.77 -27.40 -13.92
C PHE A 337 -5.98 -26.58 -12.66
N LEU A 338 -7.24 -26.27 -12.34
CA LEU A 338 -7.53 -25.49 -11.14
C LEU A 338 -7.29 -26.29 -9.87
N GLN A 339 -7.32 -27.62 -9.94
CA GLN A 339 -7.06 -28.49 -8.80
C GLN A 339 -5.58 -28.75 -8.58
N HIS A 340 -4.70 -28.09 -9.31
CA HIS A 340 -3.27 -28.31 -9.18
C HIS A 340 -2.74 -27.67 -7.91
N ARG A 341 -1.54 -28.09 -7.50
CA ARG A 341 -0.95 -27.64 -6.26
C ARG A 341 -0.19 -26.32 -6.40
N GLU A 342 0.25 -25.97 -7.61
CA GLU A 342 1.07 -24.78 -7.79
C GLU A 342 0.19 -23.53 -7.82
N THR A 343 0.53 -22.56 -6.97
CA THR A 343 -0.28 -21.35 -6.85
C THR A 343 -0.13 -20.46 -8.08
N ASN A 344 1.07 -20.39 -8.65
CA ASN A 344 1.27 -19.63 -9.88
C ASN A 344 0.81 -20.38 -11.12
N LEU A 345 0.24 -21.57 -10.96
CA LEU A 345 -0.55 -22.22 -12.00
C LEU A 345 -2.04 -22.02 -11.80
N ARG A 346 -2.50 -22.03 -10.54
CA ARG A 346 -3.90 -21.72 -10.27
C ARG A 346 -4.23 -20.26 -10.59
N TYR A 347 -3.24 -19.37 -10.48
CA TYR A 347 -3.43 -17.98 -10.88
C TYR A 347 -3.76 -17.88 -12.36
N LEU A 348 -2.99 -18.58 -13.20
CA LEU A 348 -3.25 -18.54 -14.64
C LEU A 348 -4.51 -19.30 -15.01
N ALA A 349 -4.83 -20.36 -14.26
CA ALA A 349 -6.08 -21.09 -14.48
C ALA A 349 -7.29 -20.22 -14.17
N LEU A 350 -7.18 -19.33 -13.19
CA LEU A 350 -8.26 -18.38 -12.94
C LEU A 350 -8.22 -17.20 -13.90
N GLU A 351 -7.03 -16.86 -14.41
CA GLU A 351 -6.92 -15.70 -15.30
C GLU A 351 -7.46 -16.00 -16.68
N SER A 352 -7.24 -17.22 -17.19
CA SER A 352 -7.58 -17.56 -18.56
C SER A 352 -9.00 -18.11 -18.71
N MET A 353 -9.92 -17.74 -17.82
CA MET A 353 -11.29 -18.24 -17.87
C MET A 353 -12.33 -17.14 -17.87
N CYS A 354 -11.92 -15.87 -17.81
CA CYS A 354 -12.88 -14.76 -17.75
C CYS A 354 -13.65 -14.62 -19.05
N THR A 355 -12.95 -14.70 -20.19
CA THR A 355 -13.64 -14.72 -21.47
C THR A 355 -14.27 -16.07 -21.78
N LEU A 356 -13.81 -17.14 -21.13
CA LEU A 356 -14.46 -18.43 -21.27
C LEU A 356 -15.82 -18.46 -20.59
N ALA A 357 -15.97 -17.69 -19.50
CA ALA A 357 -17.28 -17.53 -18.88
C ALA A 357 -18.22 -16.69 -19.72
N SER A 358 -17.69 -15.87 -20.62
CA SER A 358 -18.52 -15.03 -21.48
C SER A 358 -19.08 -15.76 -22.69
N SER A 359 -18.77 -17.05 -22.85
CA SER A 359 -19.29 -17.83 -23.97
C SER A 359 -20.71 -18.32 -23.65
N GLU A 360 -21.24 -19.13 -24.56
CA GLU A 360 -22.60 -19.63 -24.44
C GLU A 360 -22.69 -21.15 -24.40
N PHE A 361 -21.87 -21.85 -25.18
CA PHE A 361 -21.94 -23.31 -25.23
C PHE A 361 -21.27 -23.93 -24.01
N SER A 362 -20.05 -23.51 -23.69
CA SER A 362 -19.30 -24.01 -22.55
C SER A 362 -19.58 -23.23 -21.27
N HIS A 363 -20.66 -22.45 -21.23
CA HIS A 363 -20.99 -21.66 -20.05
C HIS A 363 -21.40 -22.54 -18.88
N GLU A 364 -22.09 -23.65 -19.15
CA GLU A 364 -22.42 -24.60 -18.09
C GLU A 364 -21.17 -25.31 -17.58
N ALA A 365 -20.23 -25.61 -18.47
CA ALA A 365 -18.98 -26.24 -18.06
C ALA A 365 -18.09 -25.27 -17.28
N VAL A 366 -18.24 -23.97 -17.52
CA VAL A 366 -17.62 -22.98 -16.65
C VAL A 366 -18.32 -22.94 -15.29
N LYS A 367 -19.66 -22.96 -15.31
CA LYS A 367 -20.48 -22.87 -14.10
C LYS A 367 -20.56 -24.18 -13.32
N THR A 368 -19.83 -25.22 -13.73
CA THR A 368 -19.80 -26.46 -12.96
C THR A 368 -19.00 -26.35 -11.67
N HIS A 369 -18.09 -25.36 -11.56
CA HIS A 369 -17.16 -25.27 -10.45
C HIS A 369 -17.22 -23.91 -9.76
N ILE A 370 -18.44 -23.36 -9.63
CA ILE A 370 -18.63 -22.12 -8.90
C ILE A 370 -18.33 -22.32 -7.42
N GLU A 371 -18.67 -23.50 -6.89
CA GLU A 371 -18.30 -23.83 -5.52
C GLU A 371 -16.79 -23.96 -5.37
N THR A 372 -16.09 -24.39 -6.42
CA THR A 372 -14.63 -24.45 -6.38
C THR A 372 -14.02 -23.05 -6.39
N VAL A 373 -14.63 -22.13 -7.14
CA VAL A 373 -14.17 -20.74 -7.13
C VAL A 373 -14.42 -20.10 -5.77
N ILE A 374 -15.58 -20.38 -5.16
CA ILE A 374 -15.89 -19.87 -3.83
C ILE A 374 -14.95 -20.45 -2.78
N ASN A 375 -14.61 -21.74 -2.91
CA ASN A 375 -13.67 -22.36 -1.99
C ASN A 375 -12.25 -21.82 -2.17
N ALA A 376 -11.86 -21.49 -3.40
CA ALA A 376 -10.56 -20.86 -3.62
C ALA A 376 -10.54 -19.43 -3.08
N LEU A 377 -11.69 -18.75 -3.09
CA LEU A 377 -11.76 -17.43 -2.47
C LEU A 377 -11.72 -17.53 -0.95
N LYS A 378 -12.29 -18.58 -0.38
CA LYS A 378 -12.29 -18.74 1.07
C LYS A 378 -10.92 -19.19 1.59
N THR A 379 -10.48 -20.37 1.18
CA THR A 379 -9.15 -20.86 1.54
C THR A 379 -8.13 -20.13 0.68
N GLU A 380 -7.40 -19.20 1.28
CA GLU A 380 -6.61 -18.23 0.54
C GLU A 380 -5.13 -18.35 0.86
N ARG A 381 -4.31 -18.00 -0.12
CA ARG A 381 -2.88 -17.85 0.09
C ARG A 381 -2.28 -16.64 -0.59
N ASP A 382 -3.02 -15.91 -1.42
CA ASP A 382 -2.45 -14.81 -2.18
C ASP A 382 -3.55 -13.82 -2.54
N VAL A 383 -3.23 -12.53 -2.35
CA VAL A 383 -4.19 -11.45 -2.56
C VAL A 383 -4.57 -11.32 -4.04
N SER A 384 -3.59 -11.48 -4.93
CA SER A 384 -3.89 -11.41 -6.35
C SER A 384 -4.65 -12.64 -6.84
N VAL A 385 -4.43 -13.79 -6.18
CA VAL A 385 -5.25 -14.97 -6.46
C VAL A 385 -6.69 -14.73 -6.06
N ARG A 386 -6.90 -14.08 -4.90
CA ARG A 386 -8.25 -13.73 -4.48
C ARG A 386 -8.89 -12.71 -5.42
N GLN A 387 -8.10 -11.75 -5.91
CA GLN A 387 -8.62 -10.77 -6.85
C GLN A 387 -9.01 -11.40 -8.18
N ARG A 388 -8.23 -12.38 -8.66
CA ARG A 388 -8.59 -13.07 -9.88
C ARG A 388 -9.82 -13.96 -9.68
N ALA A 389 -9.97 -14.56 -8.49
CA ALA A 389 -11.18 -15.31 -8.20
C ALA A 389 -12.40 -14.41 -8.15
N VAL A 390 -12.23 -13.19 -7.61
CA VAL A 390 -13.30 -12.20 -7.60
C VAL A 390 -13.68 -11.79 -9.01
N ASP A 391 -12.68 -11.57 -9.87
CA ASP A 391 -12.94 -11.18 -11.26
C ASP A 391 -13.63 -12.30 -12.03
N LEU A 392 -13.23 -13.56 -11.79
CA LEU A 392 -13.87 -14.67 -12.48
C LEU A 392 -15.30 -14.88 -11.99
N LEU A 393 -15.55 -14.68 -10.69
CA LEU A 393 -16.89 -14.81 -10.16
C LEU A 393 -17.81 -13.71 -10.70
N TYR A 394 -17.26 -12.49 -10.82
CA TYR A 394 -18.04 -11.39 -11.39
C TYR A 394 -18.31 -11.60 -12.87
N ALA A 395 -17.36 -12.22 -13.59
CA ALA A 395 -17.58 -12.47 -15.01
C ALA A 395 -18.60 -13.58 -15.22
N MET A 396 -18.48 -14.68 -14.45
CA MET A 396 -19.39 -15.81 -14.63
C MET A 396 -20.74 -15.59 -13.96
N CYS A 397 -20.90 -14.53 -13.17
CA CYS A 397 -22.19 -14.22 -12.58
C CYS A 397 -23.11 -13.68 -13.67
N ASP A 398 -23.95 -14.55 -14.24
CA ASP A 398 -25.01 -14.10 -15.13
C ASP A 398 -26.39 -14.38 -14.55
N ARG A 399 -26.74 -15.65 -14.33
CA ARG A 399 -27.94 -15.95 -13.55
C ARG A 399 -27.78 -17.18 -12.67
N SER A 400 -26.57 -17.51 -12.23
CA SER A 400 -26.35 -18.76 -11.50
C SER A 400 -26.90 -18.68 -10.08
N ASN A 401 -26.29 -17.84 -9.25
CA ASN A 401 -26.78 -17.59 -7.90
C ASN A 401 -26.32 -16.18 -7.50
N ALA A 402 -27.19 -15.19 -7.76
CA ALA A 402 -26.81 -13.80 -7.56
C ALA A 402 -26.68 -13.47 -6.08
N GLN A 403 -27.62 -13.97 -5.27
CA GLN A 403 -27.57 -13.72 -3.83
C GLN A 403 -26.37 -14.39 -3.18
N GLN A 404 -26.04 -15.61 -3.63
CA GLN A 404 -24.89 -16.32 -3.08
C GLN A 404 -23.59 -15.65 -3.48
N ILE A 405 -23.50 -15.17 -4.73
CA ILE A 405 -22.29 -14.49 -5.19
C ILE A 405 -22.11 -13.17 -4.46
N VAL A 406 -23.19 -12.41 -4.27
CA VAL A 406 -23.11 -11.14 -3.56
C VAL A 406 -22.76 -11.35 -2.09
N ALA A 407 -23.32 -12.40 -1.46
CA ALA A 407 -23.02 -12.67 -0.06
C ALA A 407 -21.57 -13.12 0.11
N GLU A 408 -21.04 -13.91 -0.84
CA GLU A 408 -19.64 -14.32 -0.76
C GLU A 408 -18.71 -13.13 -1.02
N MET A 409 -19.12 -12.21 -1.89
CA MET A 409 -18.34 -11.00 -2.11
C MET A 409 -18.31 -10.13 -0.87
N LEU A 410 -19.44 -10.03 -0.14
CA LEU A 410 -19.46 -9.23 1.07
C LEU A 410 -18.66 -9.89 2.19
N SER A 411 -18.71 -11.23 2.27
CA SER A 411 -17.89 -11.93 3.25
C SER A 411 -16.41 -11.83 2.93
N TYR A 412 -16.06 -11.70 1.65
CA TYR A 412 -14.68 -11.41 1.30
C TYR A 412 -14.31 -9.96 1.63
N LEU A 413 -15.24 -9.03 1.42
CA LEU A 413 -14.98 -7.62 1.64
C LEU A 413 -14.85 -7.27 3.11
N GLU A 414 -15.49 -8.03 4.00
CA GLU A 414 -15.39 -7.77 5.44
C GLU A 414 -13.99 -7.99 5.99
N THR A 415 -13.17 -8.82 5.33
CA THR A 415 -11.80 -9.08 5.75
C THR A 415 -10.85 -8.91 4.57
N ALA A 416 -11.14 -7.97 3.69
CA ALA A 416 -10.31 -7.71 2.51
C ALA A 416 -9.16 -6.77 2.88
N ASP A 417 -8.47 -6.27 1.86
CA ASP A 417 -7.39 -5.32 2.06
C ASP A 417 -7.91 -3.89 1.95
N TYR A 418 -7.07 -2.94 2.36
CA TYR A 418 -7.42 -1.53 2.35
C TYR A 418 -6.84 -0.79 1.15
N SER A 419 -6.63 -1.48 0.05
CA SER A 419 -6.06 -0.85 -1.13
C SER A 419 -6.91 -1.04 -2.39
N ILE A 420 -7.49 -2.24 -2.57
CA ILE A 420 -8.25 -2.53 -3.78
C ILE A 420 -9.71 -2.76 -3.40
N ARG A 421 -10.17 -2.05 -2.37
CA ARG A 421 -11.53 -2.26 -1.89
C ARG A 421 -12.55 -1.57 -2.78
N GLU A 422 -12.12 -0.53 -3.50
CA GLU A 422 -13.05 0.28 -4.29
C GLU A 422 -13.55 -0.47 -5.51
N GLU A 423 -12.68 -1.27 -6.15
CA GLU A 423 -13.09 -2.08 -7.28
C GLU A 423 -14.08 -3.16 -6.87
N ILE A 424 -13.88 -3.74 -5.68
CA ILE A 424 -14.79 -4.75 -5.19
C ILE A 424 -16.14 -4.13 -4.82
N VAL A 425 -16.11 -2.92 -4.26
CA VAL A 425 -17.35 -2.20 -3.93
C VAL A 425 -18.14 -1.87 -5.20
N LEU A 426 -17.45 -1.40 -6.24
CA LEU A 426 -18.11 -1.12 -7.52
C LEU A 426 -18.64 -2.39 -8.18
N LYS A 427 -17.93 -3.52 -8.04
CA LYS A 427 -18.40 -4.75 -8.65
C LYS A 427 -19.62 -5.31 -7.93
N VAL A 428 -19.64 -5.20 -6.60
CA VAL A 428 -20.83 -5.58 -5.82
C VAL A 428 -22.01 -4.70 -6.18
N ALA A 429 -21.77 -3.39 -6.36
CA ALA A 429 -22.85 -2.48 -6.74
C ALA A 429 -23.37 -2.77 -8.13
N ILE A 430 -22.48 -3.14 -9.06
CA ILE A 430 -22.90 -3.46 -10.43
C ILE A 430 -23.73 -4.73 -10.45
N LEU A 431 -23.29 -5.76 -9.73
CA LEU A 431 -24.05 -7.01 -9.68
C LEU A 431 -25.40 -6.82 -8.99
N ALA A 432 -25.44 -6.00 -7.94
CA ALA A 432 -26.68 -5.78 -7.22
C ALA A 432 -27.68 -4.97 -8.04
N GLU A 433 -27.21 -3.94 -8.76
CA GLU A 433 -28.13 -3.18 -9.59
C GLU A 433 -28.48 -3.92 -10.88
N LYS A 434 -27.71 -4.93 -11.26
CA LYS A 434 -27.99 -5.69 -12.47
C LYS A 434 -28.99 -6.80 -12.23
N TYR A 435 -28.70 -7.70 -11.29
CA TYR A 435 -29.49 -8.91 -11.10
C TYR A 435 -30.29 -8.77 -9.80
N ALA A 436 -31.51 -8.25 -9.92
CA ALA A 436 -32.39 -8.08 -8.77
C ALA A 436 -33.83 -8.08 -9.27
N VAL A 437 -34.62 -9.05 -8.79
CA VAL A 437 -36.03 -9.07 -9.16
C VAL A 437 -36.84 -8.17 -8.23
N ASP A 438 -36.59 -8.27 -6.93
CA ASP A 438 -37.18 -7.37 -5.95
C ASP A 438 -36.08 -6.49 -5.39
N TYR A 439 -36.32 -5.17 -5.39
CA TYR A 439 -35.27 -4.20 -5.06
C TYR A 439 -35.08 -4.03 -3.56
N THR A 440 -35.86 -4.73 -2.72
CA THR A 440 -35.64 -4.67 -1.27
C THR A 440 -34.28 -5.27 -0.91
N TRP A 441 -33.94 -6.40 -1.53
CA TRP A 441 -32.61 -6.97 -1.36
C TRP A 441 -31.53 -6.06 -1.91
N TYR A 442 -31.85 -5.28 -2.97
CA TYR A 442 -30.88 -4.34 -3.52
C TYR A 442 -30.59 -3.21 -2.53
N VAL A 443 -31.62 -2.67 -1.89
CA VAL A 443 -31.42 -1.61 -0.92
C VAL A 443 -30.70 -2.14 0.32
N ASP A 444 -31.01 -3.38 0.71
CA ASP A 444 -30.30 -4.00 1.83
C ASP A 444 -28.83 -4.26 1.49
N THR A 445 -28.54 -4.62 0.24
CA THR A 445 -27.17 -4.85 -0.19
C THR A 445 -26.38 -3.54 -0.22
N ILE A 446 -27.00 -2.47 -0.73
CA ILE A 446 -26.33 -1.17 -0.76
C ILE A 446 -26.10 -0.64 0.66
N LEU A 447 -27.05 -0.87 1.57
CA LEU A 447 -26.86 -0.42 2.94
C LEU A 447 -25.79 -1.24 3.67
N ASN A 448 -25.70 -2.54 3.38
CA ASN A 448 -24.62 -3.34 3.95
C ASN A 448 -23.27 -2.92 3.38
N LEU A 449 -23.23 -2.55 2.11
CA LEU A 449 -21.99 -2.09 1.49
C LEU A 449 -21.56 -0.73 2.02
N ILE A 450 -22.53 0.13 2.36
CA ILE A 450 -22.22 1.43 2.94
C ILE A 450 -21.76 1.26 4.39
N ARG A 451 -22.39 0.34 5.12
CA ARG A 451 -22.01 0.10 6.51
C ARG A 451 -20.62 -0.54 6.62
N ILE A 452 -20.33 -1.53 5.78
CA ILE A 452 -19.03 -2.19 5.78
C ILE A 452 -18.11 -1.39 4.87
N ALA A 453 -17.27 -0.55 5.49
CA ALA A 453 -16.22 0.24 4.85
C ALA A 453 -16.79 1.19 3.79
N GLY A 454 -17.58 2.14 4.27
CA GLY A 454 -18.16 3.17 3.43
C GLY A 454 -17.21 4.27 3.02
N ASP A 455 -15.99 4.29 3.55
CA ASP A 455 -15.02 5.30 3.15
C ASP A 455 -14.47 5.05 1.75
N TYR A 456 -14.49 3.80 1.28
CA TYR A 456 -14.03 3.47 -0.05
C TYR A 456 -15.17 3.38 -1.06
N VAL A 457 -16.41 3.63 -0.64
CA VAL A 457 -17.54 3.63 -1.56
C VAL A 457 -17.47 4.90 -2.40
N SER A 458 -17.38 4.74 -3.72
CA SER A 458 -17.35 5.88 -4.61
C SER A 458 -18.73 6.53 -4.69
N GLU A 459 -18.77 7.74 -5.25
CA GLU A 459 -19.98 8.54 -5.24
C GLU A 459 -21.06 8.00 -6.16
N GLU A 460 -20.68 7.25 -7.20
CA GLU A 460 -21.67 6.76 -8.16
C GLU A 460 -22.61 5.73 -7.55
N VAL A 461 -22.15 5.01 -6.52
CA VAL A 461 -22.99 4.03 -5.84
C VAL A 461 -24.15 4.72 -5.11
N TRP A 462 -23.84 5.75 -4.33
CA TRP A 462 -24.91 6.43 -3.64
C TRP A 462 -25.66 7.42 -4.51
N TYR A 463 -25.15 7.74 -5.71
CA TYR A 463 -26.02 8.34 -6.72
C TYR A 463 -27.03 7.32 -7.22
N ARG A 464 -26.56 6.09 -7.49
CA ARG A 464 -27.39 5.09 -8.15
C ARG A 464 -28.49 4.57 -7.23
N VAL A 465 -28.21 4.45 -5.92
CA VAL A 465 -29.25 3.94 -5.04
C VAL A 465 -30.36 4.99 -4.87
N ILE A 466 -30.01 6.28 -4.90
CA ILE A 466 -31.02 7.33 -4.83
C ILE A 466 -31.84 7.36 -6.10
N GLN A 467 -31.18 7.19 -7.26
CA GLN A 467 -31.90 7.15 -8.53
C GLN A 467 -32.83 5.95 -8.62
N ILE A 468 -32.41 4.80 -8.09
CA ILE A 468 -33.22 3.59 -8.17
C ILE A 468 -34.40 3.66 -7.20
N VAL A 469 -34.19 4.21 -5.99
CA VAL A 469 -35.27 4.35 -5.03
C VAL A 469 -36.30 5.38 -5.51
N ILE A 470 -35.84 6.45 -6.17
CA ILE A 470 -36.78 7.42 -6.74
C ILE A 470 -37.54 6.82 -7.92
N ASN A 471 -36.84 6.04 -8.75
CA ASN A 471 -37.48 5.46 -9.95
C ASN A 471 -38.52 4.40 -9.59
N ARG A 472 -38.18 3.48 -8.70
CA ARG A 472 -39.12 2.44 -8.31
C ARG A 472 -40.15 3.00 -7.33
N ASP A 473 -41.31 2.33 -7.29
CA ASP A 473 -42.42 2.79 -6.47
C ASP A 473 -43.01 1.65 -5.65
N ASP A 474 -42.19 0.69 -5.25
CA ASP A 474 -42.65 -0.34 -4.32
C ASP A 474 -41.63 -0.64 -3.23
N VAL A 475 -40.46 0.01 -3.23
CA VAL A 475 -39.46 -0.16 -2.19
C VAL A 475 -39.20 1.14 -1.44
N GLN A 476 -40.07 2.14 -1.61
CA GLN A 476 -39.81 3.46 -1.06
C GLN A 476 -39.95 3.47 0.46
N GLY A 477 -41.09 2.98 0.97
CA GLY A 477 -41.30 2.95 2.41
C GLY A 477 -40.37 1.99 3.11
N TYR A 478 -40.06 0.87 2.47
CA TYR A 478 -39.11 -0.09 3.04
C TYR A 478 -37.70 0.50 3.10
N ALA A 479 -37.28 1.20 2.06
CA ALA A 479 -35.97 1.82 2.05
C ALA A 479 -35.89 2.94 3.08
N ALA A 480 -36.97 3.70 3.23
CA ALA A 480 -37.01 4.77 4.23
C ALA A 480 -36.92 4.21 5.65
N LYS A 481 -37.70 3.17 5.94
CA LYS A 481 -37.67 2.58 7.28
C LYS A 481 -36.35 1.87 7.55
N THR A 482 -35.75 1.24 6.52
CA THR A 482 -34.49 0.54 6.70
C THR A 482 -33.34 1.52 6.95
N VAL A 483 -33.30 2.62 6.20
CA VAL A 483 -32.24 3.59 6.44
C VAL A 483 -32.50 4.40 7.71
N PHE A 484 -33.76 4.53 8.15
CA PHE A 484 -34.02 5.18 9.42
C PHE A 484 -33.60 4.30 10.58
N GLU A 485 -33.74 2.98 10.45
CA GLU A 485 -33.21 2.09 11.47
C GLU A 485 -31.69 2.03 11.42
N ALA A 486 -31.10 2.15 10.23
CA ALA A 486 -29.65 2.08 10.11
C ALA A 486 -28.97 3.34 10.61
N LEU A 487 -29.66 4.48 10.58
CA LEU A 487 -29.06 5.72 11.06
C LEU A 487 -28.99 5.78 12.59
N GLN A 488 -29.76 4.93 13.29
CA GLN A 488 -29.79 4.98 14.75
C GLN A 488 -28.56 4.35 15.39
N ALA A 489 -27.70 3.69 14.62
CA ALA A 489 -26.44 3.19 15.15
C ALA A 489 -25.50 4.35 15.46
N PRO A 490 -24.70 4.25 16.51
CA PRO A 490 -23.82 5.37 16.86
C PRO A 490 -22.65 5.54 15.90
N ALA A 491 -22.07 4.45 15.40
CA ALA A 491 -20.92 4.50 14.52
C ALA A 491 -21.35 4.46 13.05
N CYS A 492 -22.18 5.44 12.69
CA CYS A 492 -22.62 5.57 11.31
C CYS A 492 -21.51 6.20 10.47
N HIS A 493 -21.57 5.96 9.16
CA HIS A 493 -20.62 6.53 8.24
C HIS A 493 -21.26 7.68 7.47
N GLU A 494 -20.40 8.51 6.87
CA GLU A 494 -20.84 9.76 6.26
C GLU A 494 -21.73 9.53 5.05
N ASN A 495 -21.41 8.52 4.23
CA ASN A 495 -22.23 8.20 3.07
C ASN A 495 -23.61 7.71 3.50
N LEU A 496 -23.69 7.02 4.63
CA LEU A 496 -24.99 6.64 5.20
C LEU A 496 -25.80 7.86 5.60
N VAL A 497 -25.13 8.91 6.11
CA VAL A 497 -25.83 10.14 6.45
C VAL A 497 -26.35 10.84 5.21
N LYS A 498 -25.58 10.81 4.11
CA LYS A 498 -26.04 11.43 2.86
C LYS A 498 -27.24 10.70 2.29
N VAL A 499 -27.16 9.35 2.22
CA VAL A 499 -28.24 8.55 1.64
C VAL A 499 -29.50 8.66 2.50
N GLY A 500 -29.34 8.55 3.82
CA GLY A 500 -30.48 8.71 4.71
C GLY A 500 -31.06 10.09 4.70
N GLY A 501 -30.22 11.12 4.50
CA GLY A 501 -30.74 12.48 4.44
C GLY A 501 -31.60 12.71 3.23
N TYR A 502 -31.14 12.28 2.05
CA TYR A 502 -31.96 12.49 0.87
C TYR A 502 -33.19 11.59 0.85
N ILE A 503 -33.07 10.36 1.35
CA ILE A 503 -34.20 9.44 1.34
C ILE A 503 -35.27 9.88 2.32
N LEU A 504 -34.87 10.38 3.51
CA LEU A 504 -35.83 10.90 4.46
C LEU A 504 -36.45 12.20 3.95
N GLY A 505 -35.66 13.08 3.34
CA GLY A 505 -36.21 14.30 2.79
C GLY A 505 -37.15 14.09 1.61
N GLU A 506 -37.02 12.95 0.92
CA GLU A 506 -37.96 12.64 -0.14
C GLU A 506 -39.21 11.91 0.36
N PHE A 507 -39.05 10.99 1.31
CA PHE A 507 -40.16 10.12 1.72
C PHE A 507 -40.39 10.15 3.23
N GLY A 508 -40.33 11.33 3.85
CA GLY A 508 -40.69 11.41 5.25
C GLY A 508 -42.17 11.31 5.53
N ASN A 509 -43.02 11.45 4.52
CA ASN A 509 -44.46 11.43 4.76
C ASN A 509 -44.99 10.02 4.95
N LEU A 510 -44.33 9.00 4.38
CA LEU A 510 -44.88 7.67 4.39
C LEU A 510 -44.62 6.89 5.67
N ILE A 511 -43.83 7.44 6.61
CA ILE A 511 -43.59 6.75 7.87
C ILE A 511 -43.93 7.69 9.02
N ALA A 512 -44.86 8.61 8.79
CA ALA A 512 -45.25 9.56 9.84
C ALA A 512 -46.26 8.97 10.81
N GLY A 513 -46.92 7.86 10.45
CA GLY A 513 -47.93 7.30 11.32
C GLY A 513 -47.37 6.51 12.49
N ASP A 514 -46.16 5.98 12.35
CA ASP A 514 -45.54 5.18 13.40
C ASP A 514 -45.04 6.09 14.52
N PRO A 515 -45.23 5.71 15.79
CA PRO A 515 -44.76 6.56 16.89
C PRO A 515 -43.26 6.60 17.05
N ARG A 516 -42.52 5.63 16.50
CA ARG A 516 -41.06 5.65 16.56
C ARG A 516 -40.45 6.47 15.44
N SER A 517 -41.24 6.98 14.51
CA SER A 517 -40.75 7.74 13.36
C SER A 517 -41.57 9.01 13.17
N SER A 518 -41.74 9.76 14.25
CA SER A 518 -42.39 11.05 14.18
C SER A 518 -41.48 12.05 13.48
N PRO A 519 -42.04 13.15 12.93
CA PRO A 519 -41.18 14.17 12.31
C PRO A 519 -40.23 14.86 13.27
N LEU A 520 -40.54 14.91 14.56
CA LEU A 520 -39.62 15.49 15.54
C LEU A 520 -38.36 14.63 15.68
N ILE A 521 -38.54 13.32 15.79
CA ILE A 521 -37.39 12.41 15.84
C ILE A 521 -36.67 12.39 14.49
N GLN A 522 -37.43 12.50 13.40
CA GLN A 522 -36.85 12.52 12.06
C GLN A 522 -35.96 13.73 11.85
N PHE A 523 -36.32 14.87 12.44
CA PHE A 523 -35.43 16.02 12.38
C PHE A 523 -34.28 15.89 13.38
N ASN A 524 -34.56 15.38 14.59
CA ASN A 524 -33.56 15.41 15.65
C ASN A 524 -32.41 14.45 15.39
N LEU A 525 -32.68 13.33 14.71
CA LEU A 525 -31.60 12.41 14.36
C LEU A 525 -30.65 13.04 13.34
N LEU A 526 -31.20 13.70 12.31
CA LEU A 526 -30.36 14.37 11.33
C LEU A 526 -29.68 15.60 11.90
N HIS A 527 -30.31 16.26 12.88
CA HIS A 527 -29.67 17.41 13.49
C HIS A 527 -28.56 16.98 14.43
N SER A 528 -28.64 15.77 14.98
CA SER A 528 -27.51 15.22 15.72
C SER A 528 -26.39 14.82 14.77
N LYS A 529 -26.74 14.27 13.62
CA LYS A 529 -25.72 13.88 12.64
C LYS A 529 -25.21 15.03 11.79
N PHE A 530 -25.78 16.22 11.93
CA PHE A 530 -25.46 17.35 11.05
C PHE A 530 -24.15 18.03 11.42
N HIS A 531 -23.84 18.14 12.72
CA HIS A 531 -22.77 19.02 13.16
C HIS A 531 -21.39 18.45 12.85
N LEU A 532 -21.12 17.23 13.32
CA LEU A 532 -19.78 16.67 13.24
C LEU A 532 -19.49 15.97 11.91
N CYS A 533 -20.31 16.18 10.89
CA CYS A 533 -20.05 15.61 9.58
C CYS A 533 -19.48 16.69 8.64
N SER A 534 -19.33 16.35 7.37
CA SER A 534 -18.54 17.15 6.44
C SER A 534 -19.41 18.11 5.64
N VAL A 535 -18.80 18.78 4.66
CA VAL A 535 -19.40 19.88 3.92
C VAL A 535 -20.49 19.44 2.94
N PRO A 536 -20.33 18.42 2.07
CA PRO A 536 -21.49 18.04 1.25
C PRO A 536 -22.60 17.38 2.04
N THR A 537 -22.27 16.76 3.18
CA THR A 537 -23.29 16.25 4.09
C THR A 537 -24.13 17.38 4.67
N ARG A 538 -23.45 18.45 5.12
CA ARG A 538 -24.17 19.61 5.63
C ARG A 538 -24.91 20.35 4.53
N ALA A 539 -24.43 20.26 3.29
CA ALA A 539 -25.16 20.86 2.17
C ALA A 539 -26.43 20.09 1.85
N LEU A 540 -26.38 18.77 1.94
CA LEU A 540 -27.54 17.95 1.59
C LEU A 540 -28.59 17.94 2.69
N LEU A 541 -28.16 17.95 3.95
CA LEU A 541 -29.12 17.93 5.04
C LEU A 541 -29.92 19.21 5.16
N LEU A 542 -29.43 20.33 4.60
CA LEU A 542 -30.24 21.56 4.60
C LEU A 542 -31.39 21.46 3.62
N SER A 543 -31.17 20.82 2.47
CA SER A 543 -32.27 20.54 1.55
C SER A 543 -33.26 19.57 2.18
N THR A 544 -32.75 18.60 2.95
CA THR A 544 -33.63 17.73 3.73
C THR A 544 -34.44 18.52 4.76
N TYR A 545 -33.82 19.52 5.39
CA TYR A 545 -34.51 20.36 6.36
C TYR A 545 -35.64 21.15 5.73
N ILE A 546 -35.38 21.73 4.56
CA ILE A 546 -36.44 22.53 3.93
C ILE A 546 -37.53 21.63 3.34
N LYS A 547 -37.20 20.38 2.99
CA LYS A 547 -38.27 19.46 2.60
C LYS A 547 -39.11 19.05 3.81
N PHE A 548 -38.50 18.96 4.98
CA PHE A 548 -39.27 18.70 6.20
C PHE A 548 -40.15 19.89 6.56
N VAL A 549 -39.67 21.11 6.32
CA VAL A 549 -40.50 22.29 6.55
C VAL A 549 -41.68 22.31 5.59
N ASN A 550 -41.45 21.88 4.34
CA ASN A 550 -42.54 21.79 3.37
C ASN A 550 -43.54 20.71 3.74
N LEU A 551 -43.06 19.59 4.31
CA LEU A 551 -43.95 18.45 4.56
C LEU A 551 -44.80 18.65 5.81
N PHE A 552 -44.18 18.89 6.96
CA PHE A 552 -44.89 18.81 8.23
C PHE A 552 -44.96 20.16 8.92
N PRO A 553 -46.13 20.82 8.95
CA PRO A 553 -46.25 22.10 9.66
C PRO A 553 -46.10 22.00 11.17
N GLU A 554 -46.09 20.79 11.74
CA GLU A 554 -45.75 20.63 13.15
C GLU A 554 -44.26 20.88 13.39
N VAL A 555 -43.41 20.56 12.42
CA VAL A 555 -41.98 20.56 12.64
C VAL A 555 -41.32 21.87 12.20
N LYS A 556 -42.13 22.86 11.82
CA LYS A 556 -41.62 24.07 11.17
C LYS A 556 -40.84 24.97 12.12
N ALA A 557 -41.19 24.97 13.40
CA ALA A 557 -40.65 25.98 14.32
C ALA A 557 -39.18 25.74 14.64
N THR A 558 -38.84 24.51 15.05
CA THR A 558 -37.46 24.22 15.44
C THR A 558 -36.51 24.26 14.25
N ILE A 559 -36.96 23.75 13.10
CA ILE A 559 -36.11 23.77 11.91
C ILE A 559 -35.96 25.19 11.38
N GLN A 560 -37.00 26.02 11.51
CA GLN A 560 -36.86 27.42 11.15
C GLN A 560 -35.92 28.16 12.10
N ASP A 561 -35.90 27.76 13.37
CA ASP A 561 -34.94 28.35 14.30
C ASP A 561 -33.50 27.93 13.97
N VAL A 562 -33.32 26.67 13.55
CA VAL A 562 -32.00 26.20 13.16
C VAL A 562 -31.52 26.91 11.90
N LEU A 563 -32.43 27.14 10.95
CA LEU A 563 -32.08 27.91 9.76
C LEU A 563 -31.82 29.38 10.09
N ARG A 564 -32.48 29.91 11.11
CA ARG A 564 -32.26 31.29 11.52
C ARG A 564 -31.05 31.46 12.43
N SER A 565 -30.44 30.35 12.87
CA SER A 565 -29.30 30.44 13.78
C SER A 565 -28.06 31.03 13.10
N ASP A 566 -27.22 31.65 13.92
CA ASP A 566 -26.04 32.33 13.41
C ASP A 566 -24.94 31.36 12.99
N SER A 567 -24.94 30.14 13.52
CA SER A 567 -23.99 29.14 13.06
C SER A 567 -24.27 28.69 11.63
N GLN A 568 -25.52 28.82 11.18
CA GLN A 568 -25.85 28.55 9.78
C GLN A 568 -25.79 29.80 8.92
N LEU A 569 -26.15 30.96 9.46
CA LEU A 569 -26.13 32.18 8.65
C LEU A 569 -24.72 32.69 8.41
N LYS A 570 -23.90 32.78 9.47
CA LYS A 570 -22.57 33.36 9.39
C LYS A 570 -21.49 32.32 9.13
N ASN A 571 -21.82 31.21 8.50
CA ASN A 571 -20.82 30.20 8.21
C ASN A 571 -19.90 30.67 7.09
N ALA A 572 -18.63 30.26 7.18
CA ALA A 572 -17.64 30.71 6.22
C ALA A 572 -17.78 30.05 4.86
N ASP A 573 -18.48 28.92 4.77
CA ASP A 573 -18.62 28.20 3.52
C ASP A 573 -19.78 28.77 2.72
N VAL A 574 -19.53 29.05 1.44
CA VAL A 574 -20.49 29.73 0.58
C VAL A 574 -21.70 28.84 0.31
N GLU A 575 -21.49 27.53 0.18
CA GLU A 575 -22.58 26.59 -0.06
C GLU A 575 -23.58 26.61 1.10
N LEU A 576 -23.10 26.40 2.32
CA LEU A 576 -23.98 26.38 3.48
C LEU A 576 -24.59 27.75 3.76
N GLN A 577 -23.85 28.83 3.50
CA GLN A 577 -24.41 30.16 3.68
C GLN A 577 -25.55 30.43 2.71
N GLN A 578 -25.37 30.06 1.43
CA GLN A 578 -26.41 30.28 0.45
C GLN A 578 -27.63 29.40 0.72
N ARG A 579 -27.41 28.14 1.10
CA ARG A 579 -28.52 27.24 1.41
C ARG A 579 -29.32 27.74 2.60
N ALA A 580 -28.65 28.11 3.69
CA ALA A 580 -29.34 28.56 4.89
C ALA A 580 -30.06 29.87 4.66
N VAL A 581 -29.43 30.81 3.95
CA VAL A 581 -30.03 32.13 3.74
C VAL A 581 -31.27 32.02 2.84
N GLU A 582 -31.14 31.33 1.70
CA GLU A 582 -32.28 31.26 0.81
C GLU A 582 -33.37 30.31 1.31
N TYR A 583 -33.04 29.34 2.16
CA TYR A 583 -34.09 28.53 2.76
C TYR A 583 -34.83 29.28 3.84
N LEU A 584 -34.13 30.10 4.63
CA LEU A 584 -34.81 30.95 5.60
C LEU A 584 -35.69 31.99 4.91
N ARG A 585 -35.27 32.50 3.75
CA ARG A 585 -36.12 33.43 3.02
C ARG A 585 -37.30 32.71 2.36
N LEU A 586 -37.08 31.48 1.89
CA LEU A 586 -38.13 30.73 1.21
C LEU A 586 -39.15 30.14 2.16
N SER A 587 -38.80 29.97 3.44
CA SER A 587 -39.77 29.43 4.38
C SER A 587 -40.73 30.48 4.91
N THR A 588 -40.48 31.76 4.62
CA THR A 588 -41.25 32.86 5.20
C THR A 588 -41.71 33.84 4.11
N VAL A 589 -42.30 33.31 3.03
CA VAL A 589 -42.89 34.17 2.02
C VAL A 589 -44.41 34.31 2.19
N ALA A 590 -44.98 33.68 3.23
CA ALA A 590 -46.41 33.74 3.57
C ALA A 590 -47.31 33.27 2.43
N SER A 591 -46.87 32.23 1.73
CA SER A 591 -47.64 31.65 0.63
C SER A 591 -47.30 30.17 0.55
N THR A 592 -48.17 29.32 1.11
CA THR A 592 -47.91 27.89 1.12
C THR A 592 -48.11 27.24 -0.24
N ASP A 593 -48.86 27.89 -1.14
CA ASP A 593 -49.07 27.32 -2.47
C ASP A 593 -47.80 27.36 -3.30
N ILE A 594 -47.08 28.49 -3.28
CA ILE A 594 -45.81 28.60 -3.99
C ILE A 594 -44.76 27.69 -3.35
N LEU A 595 -44.81 27.55 -2.02
CA LEU A 595 -43.89 26.67 -1.31
C LEU A 595 -44.11 25.22 -1.69
N ALA A 596 -45.38 24.80 -1.80
CA ALA A 596 -45.68 23.44 -2.20
C ALA A 596 -45.41 23.22 -3.69
N THR A 597 -45.52 24.26 -4.50
CA THR A 597 -45.21 24.13 -5.92
C THR A 597 -43.71 24.00 -6.14
N VAL A 598 -42.91 24.71 -5.34
CA VAL A 598 -41.46 24.60 -5.47
C VAL A 598 -40.95 23.28 -4.87
N LEU A 599 -41.31 23.01 -3.62
CA LEU A 599 -40.82 21.81 -2.95
C LEU A 599 -41.80 20.65 -3.08
N GLU A 600 -42.17 20.33 -4.32
CA GLU A 600 -43.10 19.24 -4.58
C GLU A 600 -42.33 17.92 -4.69
N GLU A 601 -43.01 16.87 -5.15
CA GLU A 601 -42.36 15.59 -5.35
C GLU A 601 -41.44 15.64 -6.56
N MET A 602 -40.32 14.96 -6.47
CA MET A 602 -39.32 15.02 -7.52
C MET A 602 -39.67 14.02 -8.63
N PRO A 603 -39.70 14.43 -9.88
CA PRO A 603 -39.90 13.49 -10.99
C PRO A 603 -38.68 12.61 -11.18
N PRO A 604 -38.84 11.42 -11.74
CA PRO A 604 -37.73 10.45 -11.73
C PRO A 604 -36.61 10.81 -12.70
N PHE A 605 -35.48 10.15 -12.50
CA PHE A 605 -34.32 10.35 -13.35
C PHE A 605 -34.56 9.73 -14.72
N PRO A 606 -33.93 10.26 -15.76
CA PRO A 606 -33.95 9.59 -17.06
C PRO A 606 -33.05 8.35 -17.04
N GLU A 607 -33.21 7.53 -18.08
CA GLU A 607 -32.43 6.31 -18.21
C GLU A 607 -31.00 6.65 -18.61
N ARG A 608 -30.05 6.40 -17.71
CA ARG A 608 -28.65 6.70 -17.95
C ARG A 608 -27.96 5.48 -18.56
N GLU A 609 -26.64 5.52 -18.63
CA GLU A 609 -25.85 4.49 -19.31
C GLU A 609 -24.78 3.94 -18.40
N SER A 610 -25.16 3.60 -17.17
CA SER A 610 -24.36 2.85 -16.19
C SER A 610 -23.06 3.58 -15.85
N SER A 611 -23.24 4.70 -15.13
CA SER A 611 -22.11 5.53 -14.70
C SER A 611 -21.16 4.77 -13.78
N ILE A 612 -21.66 3.78 -13.04
CA ILE A 612 -20.77 2.92 -12.25
C ILE A 612 -19.90 2.08 -13.17
N LEU A 613 -20.46 1.58 -14.28
CA LEU A 613 -19.67 0.85 -15.26
C LEU A 613 -18.65 1.76 -15.94
N ALA A 614 -19.02 3.02 -16.18
CA ALA A 614 -18.08 3.97 -16.75
C ALA A 614 -16.94 4.27 -15.78
N LYS A 615 -17.25 4.39 -14.49
CA LYS A 615 -16.22 4.60 -13.47
C LYS A 615 -15.31 3.39 -13.35
N LEU A 616 -15.87 2.18 -13.46
CA LEU A 616 -15.05 0.98 -13.39
C LEU A 616 -14.17 0.83 -14.61
N LYS A 617 -14.68 1.23 -15.79
CA LYS A 617 -13.86 1.18 -17.00
C LYS A 617 -12.77 2.24 -16.99
N LYS A 618 -13.03 3.40 -16.38
CA LYS A 618 -11.99 4.41 -16.24
C LYS A 618 -10.97 4.02 -15.18
N LYS A 619 -11.39 3.26 -14.17
CA LYS A 619 -10.48 2.81 -13.12
C LYS A 619 -9.57 1.70 -13.62
N LYS A 620 -10.15 0.61 -14.12
CA LYS A 620 -9.38 -0.51 -14.64
C LYS A 620 -9.09 -0.33 -16.13
N LYS B 5 13.49 -36.02 15.21
CA LYS B 5 14.40 -35.06 14.63
C LYS B 5 13.73 -34.28 13.51
N TYR B 6 13.11 -33.16 13.86
CA TYR B 6 12.37 -32.34 12.92
C TYR B 6 12.83 -30.89 13.03
N PHE B 7 12.53 -30.12 11.98
CA PHE B 7 12.88 -28.70 11.83
C PHE B 7 14.40 -28.50 11.95
N THR B 8 15.09 -29.07 10.97
CA THR B 8 16.55 -28.95 10.89
C THR B 8 16.90 -27.69 10.12
N THR B 9 17.72 -26.82 10.72
CA THR B 9 18.14 -25.58 10.10
C THR B 9 19.66 -25.59 9.92
N ASN B 10 20.15 -24.58 9.21
CA ASN B 10 21.55 -24.48 8.85
C ASN B 10 22.22 -23.33 9.60
N LYS B 11 23.55 -23.27 9.47
CA LYS B 11 24.35 -22.20 10.07
C LYS B 11 25.48 -21.87 9.09
N LYS B 12 25.24 -20.87 8.22
CA LYS B 12 26.20 -20.35 7.24
C LYS B 12 26.72 -21.43 6.30
N GLY B 13 25.84 -22.37 5.94
CA GLY B 13 26.21 -23.43 5.01
C GLY B 13 26.62 -24.71 5.70
N GLU B 14 25.93 -25.07 6.78
CA GLU B 14 26.20 -26.31 7.48
C GLU B 14 24.91 -27.09 7.69
N ILE B 15 24.97 -28.18 8.44
CA ILE B 15 23.78 -28.97 8.80
C ILE B 15 23.90 -29.33 10.28
N PHE B 16 22.92 -28.90 11.08
CA PHE B 16 22.91 -29.23 12.50
C PHE B 16 21.47 -29.25 12.98
N GLU B 17 21.21 -30.06 14.00
CA GLU B 17 19.87 -30.26 14.51
C GLU B 17 19.62 -29.33 15.69
N LEU B 18 18.44 -28.69 15.70
CA LEU B 18 18.11 -27.77 16.78
C LEU B 18 17.55 -28.49 17.99
N LYS B 19 16.72 -29.51 17.77
CA LYS B 19 16.02 -30.16 18.88
C LYS B 19 16.96 -30.97 19.76
N ALA B 20 17.99 -31.58 19.17
CA ALA B 20 19.01 -32.23 19.98
C ALA B 20 19.84 -31.21 20.75
N GLU B 21 20.06 -30.03 20.17
CA GLU B 21 20.78 -28.98 20.89
C GLU B 21 19.90 -28.36 21.98
N LEU B 22 18.58 -28.37 21.81
CA LEU B 22 17.70 -27.90 22.86
C LEU B 22 17.63 -28.90 24.01
N ASN B 23 17.55 -30.19 23.70
CA ASN B 23 17.49 -31.20 24.73
C ASN B 23 18.85 -31.58 25.29
N ASN B 24 19.94 -31.04 24.73
CA ASN B 24 21.27 -31.34 25.24
C ASN B 24 21.51 -30.64 26.57
N GLU B 25 22.56 -31.09 27.27
CA GLU B 25 22.91 -30.54 28.57
C GLU B 25 23.69 -29.24 28.49
N LYS B 26 24.12 -28.84 27.29
CA LYS B 26 24.87 -27.59 27.11
C LYS B 26 23.89 -26.43 27.17
N LYS B 27 23.87 -25.73 28.31
CA LYS B 27 22.90 -24.66 28.51
C LYS B 27 23.26 -23.42 27.68
N GLU B 28 24.55 -23.17 27.45
CA GLU B 28 24.95 -22.06 26.60
C GLU B 28 24.58 -22.32 25.14
N LYS B 29 24.71 -23.58 24.70
CA LYS B 29 24.27 -23.93 23.35
C LYS B 29 22.75 -23.89 23.23
N ARG B 30 22.05 -24.24 24.31
CA ARG B 30 20.59 -24.12 24.31
C ARG B 30 20.17 -22.66 24.26
N LYS B 31 20.92 -21.78 24.94
CA LYS B 31 20.62 -20.35 24.89
C LYS B 31 20.90 -19.77 23.51
N GLU B 32 21.98 -20.22 22.86
CA GLU B 32 22.27 -19.77 21.50
C GLU B 32 21.22 -20.29 20.51
N ALA B 33 20.73 -21.51 20.73
CA ALA B 33 19.70 -22.09 19.87
C ALA B 33 18.38 -21.36 20.02
N VAL B 34 17.97 -21.06 21.26
CA VAL B 34 16.73 -20.32 21.46
C VAL B 34 16.89 -18.85 21.04
N LYS B 35 18.12 -18.32 21.05
CA LYS B 35 18.35 -16.99 20.49
C LYS B 35 18.17 -16.99 18.98
N LYS B 36 18.64 -18.05 18.31
CA LYS B 36 18.42 -18.17 16.87
C LYS B 36 16.95 -18.38 16.55
N VAL B 37 16.23 -19.12 17.40
CA VAL B 37 14.79 -19.32 17.20
C VAL B 37 14.03 -18.00 17.36
N ILE B 38 14.40 -17.20 18.37
CA ILE B 38 13.76 -15.90 18.57
C ILE B 38 14.12 -14.92 17.44
N ALA B 39 15.34 -15.03 16.90
CA ALA B 39 15.72 -14.21 15.75
C ALA B 39 14.90 -14.57 14.51
N ALA B 40 14.67 -15.87 14.28
CA ALA B 40 13.79 -16.29 13.19
C ALA B 40 12.36 -15.85 13.43
N MET B 41 11.92 -15.84 14.69
CA MET B 41 10.58 -15.38 15.03
C MET B 41 10.42 -13.88 14.77
N THR B 42 11.47 -13.10 15.02
CA THR B 42 11.41 -11.67 14.75
C THR B 42 11.45 -11.38 13.26
N VAL B 43 12.29 -12.10 12.50
CA VAL B 43 12.32 -11.84 11.06
C VAL B 43 11.12 -12.43 10.35
N GLY B 44 10.37 -13.34 10.98
CA GLY B 44 9.08 -13.72 10.45
C GLY B 44 8.96 -15.15 9.99
N LYS B 45 9.75 -16.05 10.57
CA LYS B 45 9.67 -17.45 10.21
C LYS B 45 8.50 -18.12 10.95
N ASP B 46 8.25 -19.37 10.59
CA ASP B 46 7.23 -20.20 11.24
C ASP B 46 7.98 -21.22 12.08
N VAL B 47 8.29 -20.84 13.32
CA VAL B 47 9.07 -21.68 14.22
C VAL B 47 8.14 -22.28 15.26
N SER B 48 6.86 -22.42 14.92
CA SER B 48 5.85 -22.93 15.84
C SER B 48 5.94 -24.43 16.07
N SER B 49 6.83 -25.14 15.37
CA SER B 49 6.98 -26.58 15.54
C SER B 49 8.01 -26.95 16.60
N LEU B 50 8.42 -26.00 17.43
CA LEU B 50 9.38 -26.25 18.50
C LEU B 50 8.79 -25.95 19.88
N PHE B 51 7.47 -25.78 19.97
CA PHE B 51 6.85 -25.33 21.22
C PHE B 51 6.93 -26.36 22.35
N PRO B 52 6.64 -27.67 22.16
CA PRO B 52 6.85 -28.61 23.28
C PRO B 52 8.32 -28.90 23.55
N ASP B 53 9.23 -28.46 22.70
CA ASP B 53 10.65 -28.61 22.99
C ASP B 53 11.25 -27.38 23.64
N VAL B 54 10.57 -26.23 23.58
CA VAL B 54 11.03 -25.05 24.30
C VAL B 54 10.26 -24.79 25.58
N VAL B 55 9.10 -25.41 25.77
CA VAL B 55 8.30 -25.20 26.98
C VAL B 55 8.51 -26.31 28.00
N ASN B 56 8.30 -27.57 27.59
CA ASN B 56 8.33 -28.69 28.53
C ASN B 56 9.74 -29.03 28.99
N CYS B 57 10.77 -28.58 28.26
CA CYS B 57 12.16 -28.88 28.59
C CYS B 57 12.78 -27.85 29.54
N MET B 58 11.96 -27.17 30.34
CA MET B 58 12.45 -26.14 31.26
C MET B 58 13.09 -26.82 32.46
N GLN B 59 14.32 -27.29 32.27
CA GLN B 59 15.09 -27.93 33.33
C GLN B 59 16.39 -27.23 33.64
N THR B 60 16.78 -26.22 32.87
CA THR B 60 18.05 -25.53 33.02
C THR B 60 17.86 -24.33 33.97
N ASP B 61 18.82 -23.40 33.96
CA ASP B 61 18.81 -22.24 34.84
C ASP B 61 17.60 -21.33 34.59
N ASN B 62 17.29 -20.52 35.59
CA ASN B 62 15.99 -19.88 35.67
C ASN B 62 15.88 -18.64 34.79
N LEU B 63 16.72 -17.62 35.07
CA LEU B 63 16.45 -16.23 34.69
C LEU B 63 16.38 -15.97 33.19
N GLU B 64 17.52 -16.10 32.49
CA GLU B 64 17.58 -15.67 31.09
C GLU B 64 16.81 -16.64 30.18
N LEU B 65 16.96 -17.94 30.41
CA LEU B 65 16.28 -18.92 29.58
C LEU B 65 14.77 -18.88 29.81
N LYS B 66 14.35 -18.71 31.07
CA LYS B 66 12.92 -18.58 31.35
C LYS B 66 12.35 -17.28 30.78
N LYS B 67 13.13 -16.20 30.76
CA LYS B 67 12.68 -14.97 30.14
C LYS B 67 12.52 -15.12 28.63
N LEU B 68 13.44 -15.84 27.99
CA LEU B 68 13.33 -16.05 26.54
C LEU B 68 12.18 -17.00 26.20
N VAL B 69 11.96 -18.03 27.03
CA VAL B 69 10.85 -18.95 26.82
C VAL B 69 9.52 -18.24 27.04
N TYR B 70 9.45 -17.37 28.04
CA TYR B 70 8.23 -16.60 28.28
C TYR B 70 8.00 -15.56 27.19
N LEU B 71 9.08 -15.03 26.58
CA LEU B 71 8.93 -14.16 25.43
C LEU B 71 8.37 -14.93 24.23
N TYR B 72 8.86 -16.16 24.02
CA TYR B 72 8.33 -17.03 22.98
C TYR B 72 6.86 -17.35 23.22
N LEU B 73 6.49 -17.56 24.48
CA LEU B 73 5.10 -17.90 24.79
C LEU B 73 4.18 -16.69 24.65
N MET B 74 4.64 -15.51 25.06
CA MET B 74 3.79 -14.33 24.88
C MET B 74 3.77 -13.85 23.42
N ASN B 75 4.71 -14.33 22.59
CA ASN B 75 4.60 -14.06 21.17
C ASN B 75 3.68 -15.06 20.47
N TYR B 76 3.71 -16.34 20.88
CA TYR B 76 2.94 -17.39 20.23
C TYR B 76 1.77 -17.89 21.07
N ALA B 77 1.23 -17.02 21.95
CA ALA B 77 0.02 -17.36 22.70
C ALA B 77 -1.23 -17.46 21.84
N LYS B 78 -1.19 -17.00 20.59
CA LYS B 78 -2.31 -17.15 19.67
C LYS B 78 -2.33 -18.49 18.97
N SER B 79 -1.56 -19.47 19.46
CA SER B 79 -1.50 -20.80 18.87
C SER B 79 -2.63 -21.67 19.44
N GLN B 80 -2.56 -22.95 19.17
CA GLN B 80 -3.61 -23.88 19.57
C GLN B 80 -3.45 -24.25 21.05
N PRO B 81 -4.57 -24.37 21.78
CA PRO B 81 -4.48 -24.76 23.20
C PRO B 81 -4.08 -26.21 23.41
N ASP B 82 -4.24 -27.08 22.40
CA ASP B 82 -3.80 -28.45 22.53
C ASP B 82 -2.28 -28.55 22.59
N MET B 83 -1.59 -27.68 21.84
CA MET B 83 -0.15 -27.59 21.98
C MET B 83 0.25 -26.69 23.14
N ALA B 84 -0.59 -25.71 23.48
CA ALA B 84 -0.29 -24.81 24.59
C ALA B 84 -0.55 -25.43 25.96
N ILE B 85 -1.16 -26.60 26.02
CA ILE B 85 -1.49 -27.24 27.30
C ILE B 85 -0.59 -28.44 27.52
N MET B 86 0.60 -28.44 26.90
CA MET B 86 1.53 -29.54 27.11
C MET B 86 2.21 -29.44 28.47
N ALA B 87 2.59 -28.23 28.88
CA ALA B 87 3.20 -27.99 30.18
C ALA B 87 2.59 -26.76 30.83
N VAL B 88 1.30 -26.52 30.57
CA VAL B 88 0.65 -25.32 31.09
C VAL B 88 0.39 -25.42 32.59
N ASN B 89 0.35 -26.63 33.15
CA ASN B 89 0.18 -26.78 34.60
C ASN B 89 1.44 -26.34 35.34
N SER B 90 2.60 -26.81 34.89
CA SER B 90 3.87 -26.35 35.43
C SER B 90 4.15 -24.91 35.06
N PHE B 91 3.53 -24.40 34.00
CA PHE B 91 3.65 -22.98 33.67
C PHE B 91 2.89 -22.12 34.68
N VAL B 92 1.61 -22.46 34.94
CA VAL B 92 0.81 -21.67 35.87
C VAL B 92 1.12 -21.97 37.33
N LYS B 93 1.92 -23.00 37.61
CA LYS B 93 2.39 -23.23 38.97
C LYS B 93 3.67 -22.43 39.22
N ASP B 94 3.51 -21.11 39.22
CA ASP B 94 4.62 -20.20 39.41
C ASP B 94 4.31 -19.05 40.35
N CYS B 95 3.14 -19.06 41.02
CA CYS B 95 2.81 -18.02 41.97
C CYS B 95 3.36 -18.31 43.37
N GLU B 96 4.07 -19.42 43.55
CA GLU B 96 4.68 -19.77 44.82
C GLU B 96 6.20 -19.81 44.73
N ASP B 97 6.77 -19.18 43.70
CA ASP B 97 8.22 -19.15 43.50
C ASP B 97 8.88 -18.21 44.50
N PRO B 98 10.12 -18.51 44.91
CA PRO B 98 10.78 -17.63 45.89
C PRO B 98 11.19 -16.27 45.33
N ASN B 99 11.32 -16.13 44.01
CA ASN B 99 11.71 -14.85 43.44
C ASN B 99 10.48 -14.09 42.99
N PRO B 100 10.21 -12.92 43.58
CA PRO B 100 9.07 -12.12 43.11
C PRO B 100 9.25 -11.56 41.71
N LEU B 101 10.49 -11.41 41.25
CA LEU B 101 10.73 -11.04 39.85
C LEU B 101 10.28 -12.16 38.92
N ILE B 102 10.58 -13.41 39.28
CA ILE B 102 10.13 -14.56 38.50
C ILE B 102 8.60 -14.67 38.54
N ARG B 103 8.01 -14.38 39.70
CA ARG B 103 6.55 -14.40 39.84
C ARG B 103 5.89 -13.34 38.96
N ALA B 104 6.46 -12.13 38.96
CA ALA B 104 5.90 -11.04 38.17
C ALA B 104 6.08 -11.29 36.68
N LEU B 105 7.21 -11.89 36.29
CA LEU B 105 7.41 -12.24 34.89
C LEU B 105 6.45 -13.34 34.45
N ALA B 106 6.18 -14.30 35.33
CA ALA B 106 5.24 -15.37 35.01
C ALA B 106 3.82 -14.84 34.89
N VAL B 107 3.44 -13.90 35.75
CA VAL B 107 2.12 -13.28 35.65
C VAL B 107 2.01 -12.45 34.38
N ARG B 108 3.06 -11.69 34.05
CA ARG B 108 3.04 -10.83 32.87
C ARG B 108 3.05 -11.63 31.57
N THR B 109 3.63 -12.83 31.58
CA THR B 109 3.56 -13.67 30.40
C THR B 109 2.36 -14.61 30.39
N MET B 110 1.67 -14.76 31.52
CA MET B 110 0.41 -15.51 31.53
C MET B 110 -0.79 -14.64 31.23
N GLY B 111 -0.67 -13.32 31.39
CA GLY B 111 -1.80 -12.44 31.13
C GLY B 111 -2.11 -12.26 29.67
N CYS B 112 -1.12 -12.42 28.79
CA CYS B 112 -1.29 -12.20 27.36
C CYS B 112 -1.91 -13.39 26.64
N ILE B 113 -2.28 -14.45 27.35
CA ILE B 113 -2.84 -15.64 26.72
C ILE B 113 -4.36 -15.54 26.76
N ARG B 114 -4.96 -15.33 25.60
CA ARG B 114 -6.42 -15.29 25.47
C ARG B 114 -6.94 -16.67 25.11
N VAL B 115 -6.94 -17.56 26.11
CA VAL B 115 -7.38 -18.93 25.94
C VAL B 115 -8.67 -19.12 26.73
N ASP B 116 -9.39 -20.19 26.42
CA ASP B 116 -10.66 -20.47 27.09
C ASP B 116 -10.47 -20.91 28.54
N LYS B 117 -9.32 -21.49 28.88
CA LYS B 117 -9.03 -21.92 30.24
C LYS B 117 -8.38 -20.83 31.08
N ILE B 118 -8.33 -19.60 30.58
CA ILE B 118 -7.63 -18.52 31.28
C ILE B 118 -8.42 -18.09 32.51
N THR B 119 -9.72 -17.82 32.35
CA THR B 119 -10.56 -17.37 33.45
C THR B 119 -10.82 -18.46 34.49
N GLU B 120 -10.52 -19.72 34.18
CA GLU B 120 -10.67 -20.81 35.12
C GLU B 120 -9.35 -21.34 35.67
N TYR B 121 -8.20 -20.93 35.10
CA TYR B 121 -6.92 -21.43 35.55
C TYR B 121 -5.89 -20.33 35.81
N LEU B 122 -6.29 -19.06 35.79
CA LEU B 122 -5.38 -17.97 36.10
C LEU B 122 -5.84 -17.10 37.25
N CYS B 123 -7.05 -17.33 37.79
CA CYS B 123 -7.54 -16.51 38.88
C CYS B 123 -6.81 -16.82 40.18
N GLU B 124 -6.38 -18.05 40.36
CA GLU B 124 -5.64 -18.43 41.57
C GLU B 124 -4.20 -17.89 41.60
N PRO B 125 -3.39 -17.93 40.52
CA PRO B 125 -2.09 -17.23 40.60
C PRO B 125 -2.21 -15.72 40.60
N LEU B 126 -3.32 -15.18 40.08
CA LEU B 126 -3.53 -13.73 40.16
C LEU B 126 -3.87 -13.31 41.58
N ARG B 127 -4.82 -14.00 42.22
CA ARG B 127 -5.20 -13.68 43.59
C ARG B 127 -4.14 -14.10 44.60
N LYS B 128 -3.25 -15.03 44.24
CA LYS B 128 -2.16 -15.44 45.10
C LYS B 128 -0.98 -14.48 45.07
N CYS B 129 -1.04 -13.42 44.24
CA CYS B 129 0.03 -12.44 44.16
C CYS B 129 -0.49 -11.01 44.21
N LEU B 130 -1.77 -10.80 44.54
CA LEU B 130 -2.28 -9.44 44.69
C LEU B 130 -1.74 -8.80 45.96
N LYS B 131 -2.02 -9.42 47.11
CA LYS B 131 -1.48 -8.94 48.38
C LYS B 131 -0.10 -9.54 48.64
N ASP B 132 0.85 -9.13 47.81
CA ASP B 132 2.19 -9.67 47.81
C ASP B 132 3.14 -8.70 48.52
N GLU B 133 4.44 -8.99 48.48
CA GLU B 133 5.44 -8.18 49.14
C GLU B 133 6.04 -7.13 48.21
N ASP B 134 6.56 -7.57 47.07
CA ASP B 134 7.20 -6.64 46.14
C ASP B 134 6.14 -5.83 45.38
N PRO B 135 6.34 -4.51 45.23
CA PRO B 135 5.33 -3.70 44.54
C PRO B 135 5.29 -3.92 43.04
N TYR B 136 6.38 -4.40 42.43
CA TYR B 136 6.37 -4.67 41.00
C TYR B 136 5.46 -5.86 40.67
N VAL B 137 5.31 -6.78 41.62
CA VAL B 137 4.38 -7.90 41.44
C VAL B 137 2.94 -7.39 41.40
N ARG B 138 2.59 -6.45 42.28
CA ARG B 138 1.27 -5.85 42.26
C ARG B 138 1.07 -4.97 41.03
N LYS B 139 2.14 -4.34 40.55
CA LYS B 139 2.08 -3.56 39.32
C LYS B 139 1.75 -4.45 38.13
N THR B 140 2.47 -5.55 37.97
CA THR B 140 2.18 -6.51 36.89
C THR B 140 0.82 -7.17 37.09
N ALA B 141 0.40 -7.34 38.34
CA ALA B 141 -0.91 -7.91 38.61
C ALA B 141 -2.03 -7.00 38.16
N ALA B 142 -1.91 -5.69 38.42
CA ALA B 142 -2.93 -4.76 37.95
C ALA B 142 -2.87 -4.59 36.44
N VAL B 143 -1.67 -4.69 35.84
CA VAL B 143 -1.54 -4.65 34.38
C VAL B 143 -2.27 -5.83 33.76
N CYS B 144 -2.07 -7.03 34.30
CA CYS B 144 -2.75 -8.20 33.77
C CYS B 144 -4.24 -8.21 34.13
N VAL B 145 -4.65 -7.54 35.21
CA VAL B 145 -6.06 -7.36 35.50
C VAL B 145 -6.71 -6.50 34.42
N ALA B 146 -6.05 -5.41 34.02
CA ALA B 146 -6.55 -4.60 32.93
C ALA B 146 -6.52 -5.34 31.60
N LYS B 147 -5.53 -6.22 31.42
CA LYS B 147 -5.43 -7.00 30.18
C LYS B 147 -6.56 -8.02 30.09
N LEU B 148 -6.90 -8.68 31.21
CA LEU B 148 -8.02 -9.61 31.20
C LEU B 148 -9.35 -8.90 31.17
N HIS B 149 -9.41 -7.66 31.66
CA HIS B 149 -10.61 -6.85 31.61
C HIS B 149 -10.75 -6.09 30.30
N ASP B 150 -9.76 -6.18 29.42
CA ASP B 150 -9.88 -5.57 28.09
C ASP B 150 -10.95 -6.26 27.24
N ILE B 151 -11.20 -7.54 27.49
CA ILE B 151 -12.29 -8.24 26.81
C ILE B 151 -13.64 -7.85 27.38
N ASN B 152 -13.66 -7.29 28.59
CA ASN B 152 -14.86 -6.78 29.28
C ASN B 152 -15.90 -7.87 29.47
N ALA B 153 -15.45 -9.09 29.73
CA ALA B 153 -16.34 -10.23 29.91
C ALA B 153 -16.48 -10.58 31.38
N GLN B 154 -17.61 -11.17 31.73
CA GLN B 154 -17.87 -11.61 33.10
C GLN B 154 -17.04 -12.86 33.36
N MET B 155 -15.95 -12.70 34.10
CA MET B 155 -15.03 -13.80 34.38
C MET B 155 -15.55 -14.61 35.57
N VAL B 156 -14.71 -15.52 36.07
CA VAL B 156 -15.12 -16.36 37.19
C VAL B 156 -15.13 -15.57 38.48
N GLU B 157 -14.23 -14.61 38.64
CA GLU B 157 -14.16 -13.77 39.82
C GLU B 157 -13.92 -12.31 39.43
N ASP B 158 -14.67 -11.84 38.42
CA ASP B 158 -14.48 -10.49 37.92
C ASP B 158 -14.94 -9.43 38.93
N GLN B 159 -15.99 -9.73 39.70
CA GLN B 159 -16.41 -8.81 40.75
C GLN B 159 -15.37 -8.72 41.86
N GLY B 160 -14.75 -9.85 42.22
CA GLY B 160 -13.65 -9.82 43.16
C GLY B 160 -12.43 -9.11 42.62
N PHE B 161 -12.20 -9.20 41.30
CA PHE B 161 -11.11 -8.46 40.67
C PHE B 161 -11.35 -6.96 40.71
N LEU B 162 -12.60 -6.54 40.48
CA LEU B 162 -12.93 -5.11 40.58
C LEU B 162 -12.87 -4.62 42.01
N ASP B 163 -13.24 -5.46 42.98
CA ASP B 163 -13.12 -5.08 44.39
C ASP B 163 -11.65 -4.98 44.81
N SER B 164 -10.80 -5.89 44.30
CA SER B 164 -9.37 -5.80 44.56
C SER B 164 -8.76 -4.59 43.87
N LEU B 165 -9.30 -4.19 42.71
CA LEU B 165 -8.85 -2.96 42.07
C LEU B 165 -9.23 -1.73 42.88
N ARG B 166 -10.46 -1.72 43.43
CA ARG B 166 -10.88 -0.62 44.29
C ARG B 166 -10.09 -0.58 45.59
N ASP B 167 -9.63 -1.73 46.07
CA ASP B 167 -8.75 -1.75 47.23
C ASP B 167 -7.34 -1.28 46.88
N LEU B 168 -6.87 -1.63 45.68
CA LEU B 168 -5.53 -1.22 45.25
C LEU B 168 -5.46 0.25 44.88
N ILE B 169 -6.62 0.89 44.63
CA ILE B 169 -6.64 2.34 44.41
C ILE B 169 -6.17 3.07 45.66
N ALA B 170 -6.66 2.67 46.83
CA ALA B 170 -6.23 3.25 48.10
C ALA B 170 -5.22 2.28 48.73
N ASP B 171 -3.95 2.43 48.36
CA ASP B 171 -2.89 1.58 48.88
C ASP B 171 -1.66 2.46 49.11
N SER B 172 -0.51 1.81 49.32
CA SER B 172 0.70 2.50 49.77
C SER B 172 1.57 2.99 48.62
N ASN B 173 1.90 2.11 47.67
CA ASN B 173 2.90 2.46 46.66
C ASN B 173 2.29 3.38 45.60
N PRO B 174 2.97 4.47 45.24
CA PRO B 174 2.37 5.42 44.29
C PRO B 174 2.26 4.89 42.88
N MET B 175 3.26 4.13 42.41
CA MET B 175 3.15 3.52 41.08
C MET B 175 2.08 2.44 41.05
N VAL B 176 1.90 1.72 42.16
CA VAL B 176 0.86 0.71 42.23
C VAL B 176 -0.52 1.34 42.18
N VAL B 177 -0.73 2.42 42.95
CA VAL B 177 -2.06 3.03 42.93
C VAL B 177 -2.29 3.79 41.63
N ALA B 178 -1.23 4.28 40.99
CA ALA B 178 -1.37 4.92 39.68
C ALA B 178 -1.76 3.91 38.61
N ASN B 179 -1.12 2.73 38.62
CA ASN B 179 -1.50 1.68 37.70
C ASN B 179 -2.89 1.13 37.99
N ALA B 180 -3.31 1.15 39.26
CA ALA B 180 -4.66 0.69 39.60
C ALA B 180 -5.72 1.65 39.09
N VAL B 181 -5.50 2.95 39.25
CA VAL B 181 -6.45 3.93 38.72
C VAL B 181 -6.39 3.95 37.19
N ALA B 182 -5.24 3.63 36.61
CA ALA B 182 -5.14 3.46 35.16
C ALA B 182 -5.94 2.25 34.68
N ALA B 183 -5.94 1.17 35.47
CA ALA B 183 -6.75 0.01 35.13
C ALA B 183 -8.24 0.29 35.31
N LEU B 184 -8.59 1.14 36.28
CA LEU B 184 -9.98 1.57 36.40
C LEU B 184 -10.41 2.43 35.21
N SER B 185 -9.48 3.25 34.69
CA SER B 185 -9.77 4.01 33.48
C SER B 185 -9.86 3.09 32.26
N GLU B 186 -9.08 2.01 32.25
CA GLU B 186 -9.12 1.07 31.13
C GLU B 186 -10.41 0.26 31.11
N ILE B 187 -10.88 -0.17 32.28
CA ILE B 187 -12.19 -0.83 32.34
C ILE B 187 -13.32 0.19 32.19
N SER B 188 -13.04 1.48 32.42
CA SER B 188 -14.00 2.54 32.17
C SER B 188 -14.03 2.99 30.72
N GLU B 189 -13.35 2.28 29.82
CA GLU B 189 -13.44 2.59 28.39
C GLU B 189 -14.83 2.29 27.85
N SER B 190 -15.48 1.25 28.36
CA SER B 190 -16.88 0.99 28.07
C SER B 190 -17.73 1.76 29.09
N HIS B 191 -19.02 1.46 29.14
CA HIS B 191 -19.94 2.09 30.10
C HIS B 191 -20.55 1.01 30.98
N PRO B 192 -19.85 0.58 32.03
CA PRO B 192 -20.44 -0.40 32.96
C PRO B 192 -21.31 0.28 34.01
N ASN B 193 -21.80 -0.50 34.98
CA ASN B 193 -22.61 0.08 36.05
C ASN B 193 -21.75 0.89 37.02
N SER B 194 -20.57 0.36 37.36
CA SER B 194 -19.65 1.06 38.28
C SER B 194 -18.61 1.85 37.48
N ASN B 195 -19.13 2.76 36.64
CA ASN B 195 -18.27 3.58 35.79
C ASN B 195 -17.77 4.79 36.56
N LEU B 196 -16.44 4.93 36.62
CA LEU B 196 -15.73 6.05 37.25
C LEU B 196 -16.09 6.19 38.73
N LEU B 197 -15.72 5.17 39.50
CA LEU B 197 -15.94 5.16 40.94
C LEU B 197 -15.01 6.18 41.59
N ASP B 198 -15.56 7.32 42.00
CA ASP B 198 -14.76 8.42 42.54
C ASP B 198 -14.30 8.12 43.95
N LEU B 199 -15.25 7.97 44.88
CA LEU B 199 -15.01 7.85 46.33
C LEU B 199 -14.13 9.00 46.83
N ASN B 200 -14.61 10.23 46.57
CA ASN B 200 -13.91 11.52 46.64
C ASN B 200 -13.04 11.78 47.88
N PRO B 201 -13.57 11.83 49.11
CA PRO B 201 -12.83 12.53 50.19
C PRO B 201 -11.60 11.79 50.71
N GLN B 202 -11.38 10.54 50.30
CA GLN B 202 -10.14 9.83 50.60
C GLN B 202 -9.33 9.51 49.35
N ASN B 203 -9.99 9.13 48.26
CA ASN B 203 -9.28 8.76 47.04
C ASN B 203 -8.65 9.97 46.36
N ILE B 204 -9.28 11.15 46.47
CA ILE B 204 -8.69 12.35 45.89
C ILE B 204 -7.41 12.73 46.63
N ASN B 205 -7.42 12.66 47.96
CA ASN B 205 -6.22 12.94 48.74
C ASN B 205 -5.14 11.89 48.52
N LYS B 206 -5.54 10.62 48.35
CA LYS B 206 -4.57 9.57 48.07
C LYS B 206 -3.93 9.76 46.69
N LEU B 207 -4.74 10.13 45.69
CA LEU B 207 -4.20 10.41 44.36
C LEU B 207 -3.31 11.64 44.36
N LEU B 208 -3.63 12.65 45.18
CA LEU B 208 -2.79 13.85 45.24
C LEU B 208 -1.46 13.56 45.93
N THR B 209 -1.48 12.73 46.98
CA THR B 209 -0.23 12.32 47.63
C THR B 209 0.61 11.44 46.70
N ALA B 210 -0.05 10.59 45.92
CA ALA B 210 0.67 9.77 44.95
C ALA B 210 1.25 10.64 43.83
N LEU B 211 0.53 11.69 43.44
CA LEU B 211 1.04 12.61 42.43
C LEU B 211 2.20 13.43 42.96
N ASN B 212 2.19 13.73 44.27
CA ASN B 212 3.28 14.47 44.87
C ASN B 212 4.52 13.59 45.03
N GLU B 213 4.34 12.33 45.40
CA GLU B 213 5.46 11.42 45.64
C GLU B 213 5.54 10.31 44.59
N CYS B 214 5.22 10.62 43.34
CA CYS B 214 5.23 9.64 42.27
C CYS B 214 6.51 9.75 41.46
N THR B 215 6.65 8.84 40.49
CA THR B 215 7.77 8.83 39.57
C THR B 215 7.41 9.67 38.34
N GLU B 216 8.21 9.55 37.28
CA GLU B 216 8.03 10.35 36.08
C GLU B 216 7.12 9.69 35.05
N TRP B 217 6.39 8.64 35.43
CA TRP B 217 5.50 8.01 34.45
C TRP B 217 4.07 7.84 34.93
N GLY B 218 3.86 7.58 36.22
CA GLY B 218 2.50 7.37 36.73
C GLY B 218 1.66 8.62 36.79
N GLN B 219 2.31 9.80 36.74
CA GLN B 219 1.59 11.07 36.79
C GLN B 219 0.71 11.25 35.56
N ILE B 220 1.11 10.68 34.42
CA ILE B 220 0.31 10.78 33.20
C ILE B 220 -1.01 10.04 33.35
N PHE B 221 -0.97 8.84 33.91
CA PHE B 221 -2.21 8.08 34.12
C PHE B 221 -3.07 8.70 35.22
N ILE B 222 -2.42 9.24 36.26
CA ILE B 222 -3.15 9.88 37.36
C ILE B 222 -3.89 11.12 36.86
N LEU B 223 -3.20 11.98 36.10
CA LEU B 223 -3.85 13.16 35.54
C LEU B 223 -4.83 12.79 34.43
N ASP B 224 -4.62 11.65 33.77
CA ASP B 224 -5.55 11.19 32.74
C ASP B 224 -6.89 10.81 33.34
N CYS B 225 -6.87 10.08 34.47
CA CYS B 225 -8.13 9.77 35.13
C CYS B 225 -8.67 10.97 35.91
N LEU B 226 -7.82 11.90 36.33
CA LEU B 226 -8.28 13.13 36.96
C LEU B 226 -8.93 14.08 35.97
N SER B 227 -8.64 13.94 34.67
CA SER B 227 -9.17 14.85 33.67
C SER B 227 -10.68 14.68 33.50
N ASN B 228 -11.19 13.46 33.61
CA ASN B 228 -12.62 13.23 33.46
C ASN B 228 -13.41 13.54 34.72
N TYR B 229 -12.75 13.82 35.83
CA TYR B 229 -13.44 14.09 37.09
C TYR B 229 -13.96 15.52 37.11
N ASN B 230 -15.19 15.69 37.60
CA ASN B 230 -15.85 16.99 37.67
C ASN B 230 -16.49 17.16 39.04
N PRO B 231 -15.80 17.85 39.96
CA PRO B 231 -16.39 18.11 41.28
C PRO B 231 -17.31 19.31 41.29
N LYS B 232 -17.79 19.69 42.48
CA LYS B 232 -18.66 20.85 42.62
C LYS B 232 -18.28 21.74 43.79
N ASP B 233 -17.26 21.40 44.58
CA ASP B 233 -16.90 22.19 45.74
C ASP B 233 -16.04 23.39 45.32
N ASP B 234 -15.65 24.19 46.31
CA ASP B 234 -14.84 25.38 46.08
C ASP B 234 -13.45 25.26 46.70
N ARG B 235 -13.37 24.99 48.01
CA ARG B 235 -12.06 24.87 48.66
C ARG B 235 -11.36 23.58 48.25
N GLU B 236 -12.12 22.51 48.04
CA GLU B 236 -11.57 21.28 47.49
C GLU B 236 -11.05 21.49 46.08
N ALA B 237 -11.77 22.28 45.28
CA ALA B 237 -11.33 22.59 43.92
C ALA B 237 -10.06 23.44 43.93
N GLN B 238 -9.97 24.40 44.86
CA GLN B 238 -8.76 25.21 44.96
C GLN B 238 -7.57 24.40 45.46
N SER B 239 -7.81 23.43 46.35
CA SER B 239 -6.72 22.55 46.79
C SER B 239 -6.27 21.63 45.67
N ILE B 240 -7.22 21.18 44.82
CA ILE B 240 -6.89 20.38 43.65
C ILE B 240 -6.04 21.18 42.67
N CYS B 241 -6.43 22.44 42.42
CA CYS B 241 -5.65 23.30 41.53
C CYS B 241 -4.28 23.64 42.11
N GLU B 242 -4.19 23.80 43.43
CA GLU B 242 -2.89 24.08 44.06
C GLU B 242 -1.97 22.86 44.02
N ARG B 243 -2.52 21.66 44.13
CA ARG B 243 -1.69 20.46 44.01
C ARG B 243 -1.32 20.19 42.56
N VAL B 244 -2.19 20.57 41.61
CA VAL B 244 -1.91 20.35 40.20
C VAL B 244 -0.89 21.35 39.67
N THR B 245 -0.89 22.57 40.23
CA THR B 245 -0.17 23.71 39.64
C THR B 245 1.34 23.54 39.43
N PRO B 246 2.17 22.99 40.38
CA PRO B 246 3.58 22.78 40.02
C PRO B 246 3.77 21.63 39.05
N ARG B 247 4.03 21.96 37.78
CA ARG B 247 4.22 20.97 36.71
C ARG B 247 5.29 21.47 35.75
N LEU B 248 6.53 21.06 36.01
CA LEU B 248 7.65 21.29 35.10
C LEU B 248 8.51 20.03 35.05
N SER B 249 7.86 18.87 34.91
CA SER B 249 8.49 17.59 35.13
C SER B 249 9.46 17.24 34.01
N HIS B 250 10.29 16.21 34.27
CA HIS B 250 11.32 15.80 33.32
C HIS B 250 10.73 15.18 32.07
N ALA B 251 9.60 14.48 32.19
CA ALA B 251 8.82 14.12 31.01
C ALA B 251 8.18 15.41 30.52
N ASN B 252 8.86 16.09 29.59
CA ASN B 252 8.64 17.51 29.37
C ASN B 252 7.31 17.83 28.70
N SER B 253 6.66 16.86 28.07
CA SER B 253 5.50 17.20 27.25
C SER B 253 4.22 16.52 27.68
N ALA B 254 4.26 15.23 28.02
CA ALA B 254 3.03 14.48 28.28
C ALA B 254 2.39 14.90 29.60
N VAL B 255 3.20 15.02 30.65
CA VAL B 255 2.69 15.47 31.95
C VAL B 255 2.20 16.90 31.87
N VAL B 256 2.90 17.75 31.11
CA VAL B 256 2.54 19.15 31.00
C VAL B 256 1.22 19.31 30.24
N LEU B 257 1.05 18.59 29.13
CA LEU B 257 -0.20 18.69 28.38
C LEU B 257 -1.36 18.02 29.13
N SER B 258 -1.09 16.98 29.92
CA SER B 258 -2.15 16.40 30.73
C SER B 258 -2.58 17.34 31.85
N ALA B 259 -1.62 18.06 32.43
CA ALA B 259 -1.97 19.06 33.45
C ALA B 259 -2.71 20.25 32.83
N VAL B 260 -2.37 20.63 31.61
CA VAL B 260 -3.10 21.68 30.91
C VAL B 260 -4.52 21.21 30.59
N LYS B 261 -4.67 19.92 30.25
CA LYS B 261 -6.00 19.34 30.05
C LYS B 261 -6.83 19.36 31.33
N VAL B 262 -6.19 19.03 32.46
CA VAL B 262 -6.88 19.05 33.75
C VAL B 262 -7.28 20.47 34.13
N LEU B 263 -6.40 21.44 33.87
CA LEU B 263 -6.70 22.83 34.23
C LEU B 263 -7.74 23.45 33.30
N MET B 264 -7.80 23.02 32.04
CA MET B 264 -8.78 23.60 31.12
C MET B 264 -10.15 22.95 31.28
N LYS B 265 -10.21 21.64 31.51
CA LYS B 265 -11.48 21.01 31.85
C LYS B 265 -11.93 21.40 33.25
N PHE B 266 -11.01 21.83 34.10
CA PHE B 266 -11.29 22.31 35.45
C PHE B 266 -11.51 23.82 35.45
N LEU B 267 -12.41 24.28 34.58
CA LEU B 267 -12.70 25.71 34.42
C LEU B 267 -14.21 25.88 34.50
N GLU B 268 -14.73 25.96 35.73
CA GLU B 268 -16.16 26.17 35.98
C GLU B 268 -16.25 27.28 37.02
N LEU B 269 -16.24 28.53 36.55
CA LEU B 269 -16.27 29.70 37.41
C LEU B 269 -16.72 30.88 36.58
N LEU B 270 -16.58 32.08 37.13
CA LEU B 270 -16.89 33.30 36.39
C LEU B 270 -15.80 33.56 35.36
N PRO B 271 -16.13 33.68 34.08
CA PRO B 271 -15.09 33.88 33.06
C PRO B 271 -14.51 35.30 33.04
N LYS B 272 -15.06 36.24 33.81
CA LYS B 272 -14.54 37.58 33.88
C LYS B 272 -14.42 38.13 35.30
N ASP B 273 -14.97 37.46 36.31
CA ASP B 273 -14.95 37.96 37.67
C ASP B 273 -14.10 37.12 38.61
N SER B 274 -13.80 35.88 38.27
CA SER B 274 -12.98 35.03 39.13
C SER B 274 -11.51 35.46 39.03
N ASP B 275 -10.91 35.80 40.17
CA ASP B 275 -9.50 36.16 40.18
C ASP B 275 -8.61 34.95 39.97
N TYR B 276 -9.06 33.78 40.42
CA TYR B 276 -8.27 32.56 40.19
C TYR B 276 -8.32 32.12 38.73
N TYR B 277 -9.33 32.55 37.97
CA TYR B 277 -9.32 32.35 36.53
C TYR B 277 -8.17 33.10 35.88
N ASN B 278 -7.99 34.37 36.27
CA ASN B 278 -6.84 35.14 35.79
C ASN B 278 -5.52 34.58 36.31
N MET B 279 -5.55 33.98 37.52
CA MET B 279 -4.36 33.32 38.04
C MET B 279 -4.00 32.10 37.20
N LEU B 280 -4.99 31.31 36.78
CA LEU B 280 -4.72 30.18 35.90
C LEU B 280 -4.28 30.62 34.51
N LEU B 281 -4.81 31.76 34.03
CA LEU B 281 -4.35 32.30 32.75
C LEU B 281 -2.89 32.76 32.84
N LYS B 282 -2.49 33.29 34.00
CA LYS B 282 -1.08 33.60 34.20
C LYS B 282 -0.25 32.34 34.41
N LYS B 283 -0.87 31.26 34.88
CA LYS B 283 -0.13 30.03 35.19
C LYS B 283 0.15 29.21 33.94
N LEU B 284 -0.76 29.18 32.97
CA LEU B 284 -0.62 28.28 31.82
C LEU B 284 0.44 28.74 30.82
N ALA B 285 0.76 30.02 30.81
CA ALA B 285 1.57 30.57 29.72
C ALA B 285 3.07 30.23 29.77
N PRO B 286 3.76 30.17 30.93
CA PRO B 286 5.16 29.67 30.89
C PRO B 286 5.29 28.21 30.48
N PRO B 287 4.42 27.26 30.89
CA PRO B 287 4.53 25.93 30.27
C PRO B 287 4.14 25.90 28.81
N LEU B 288 3.10 26.64 28.41
CA LEU B 288 2.71 26.63 27.00
C LEU B 288 3.69 27.39 26.11
N VAL B 289 4.60 28.18 26.67
CA VAL B 289 5.66 28.78 25.88
C VAL B 289 6.92 27.93 25.90
N THR B 290 7.36 27.47 27.07
CA THR B 290 8.58 26.69 27.18
C THR B 290 8.40 25.24 26.72
N LEU B 291 7.19 24.84 26.35
CA LEU B 291 6.97 23.50 25.80
C LEU B 291 7.54 23.35 24.40
N LEU B 292 7.74 24.45 23.68
CA LEU B 292 8.12 24.39 22.26
C LEU B 292 9.61 24.18 22.04
N SER B 293 10.45 24.28 23.08
CA SER B 293 11.90 24.24 22.90
C SER B 293 12.47 22.84 23.02
N GLY B 294 11.70 21.81 22.68
CA GLY B 294 12.18 20.45 22.78
C GLY B 294 12.35 19.76 21.45
N GLU B 295 12.08 18.47 21.41
CA GLU B 295 12.23 17.67 20.21
C GLU B 295 11.08 17.97 19.24
N PRO B 296 11.29 17.75 17.94
CA PRO B 296 10.27 18.16 16.95
C PRO B 296 8.93 17.44 17.04
N GLU B 297 8.90 16.17 17.45
CA GLU B 297 7.63 15.45 17.48
C GLU B 297 6.73 15.94 18.60
N VAL B 298 7.28 16.07 19.81
CA VAL B 298 6.49 16.64 20.90
C VAL B 298 6.26 18.13 20.69
N GLN B 299 7.11 18.80 19.91
CA GLN B 299 6.84 20.17 19.50
C GLN B 299 5.61 20.24 18.60
N TYR B 300 5.48 19.29 17.66
CA TYR B 300 4.33 19.24 16.76
C TYR B 300 3.05 18.91 17.52
N VAL B 301 3.13 17.98 18.48
CA VAL B 301 1.98 17.64 19.32
C VAL B 301 1.57 18.85 20.17
N ALA B 302 2.56 19.57 20.71
CA ALA B 302 2.28 20.77 21.49
C ALA B 302 1.64 21.86 20.64
N LEU B 303 2.07 21.99 19.38
CA LEU B 303 1.47 23.00 18.50
C LEU B 303 0.04 22.64 18.12
N ARG B 304 -0.22 21.35 17.88
CA ARG B 304 -1.58 20.93 17.56
C ARG B 304 -2.52 21.09 18.74
N ASN B 305 -2.01 20.94 19.97
CA ASN B 305 -2.85 21.22 21.13
C ASN B 305 -3.00 22.72 21.39
N ILE B 306 -1.95 23.50 21.11
CA ILE B 306 -1.97 24.94 21.33
C ILE B 306 -2.94 25.61 20.35
N ASN B 307 -3.11 25.02 19.16
CA ASN B 307 -4.11 25.51 18.21
C ASN B 307 -5.52 25.42 18.78
N LEU B 308 -5.86 24.29 19.40
CA LEU B 308 -7.17 24.14 20.01
C LEU B 308 -7.32 25.01 21.25
N ILE B 309 -6.23 25.19 22.01
CA ILE B 309 -6.25 26.06 23.19
C ILE B 309 -6.51 27.51 22.77
N VAL B 310 -5.90 27.95 21.67
CA VAL B 310 -6.10 29.31 21.17
C VAL B 310 -7.49 29.47 20.59
N GLN B 311 -7.99 28.45 19.88
CA GLN B 311 -9.34 28.50 19.32
C GLN B 311 -10.41 28.56 20.41
N LYS B 312 -10.19 27.89 21.54
CA LYS B 312 -11.17 27.99 22.61
C LYS B 312 -10.99 29.25 23.44
N ARG B 313 -9.85 29.37 24.12
CA ARG B 313 -9.57 30.53 24.96
C ARG B 313 -8.42 31.32 24.36
N PRO B 314 -8.69 32.44 23.68
CA PRO B 314 -7.60 33.19 23.04
C PRO B 314 -6.75 34.01 24.00
N GLU B 315 -7.13 34.12 25.28
CA GLU B 315 -6.47 35.00 26.23
C GLU B 315 -5.38 34.30 27.03
N ILE B 316 -4.75 33.27 26.47
CA ILE B 316 -3.69 32.53 27.15
C ILE B 316 -2.31 32.89 26.58
N LEU B 317 -2.13 32.71 25.28
CA LEU B 317 -0.89 33.08 24.60
C LEU B 317 -1.05 34.36 23.78
N LYS B 318 -1.95 35.25 24.19
CA LYS B 318 -2.24 36.43 23.39
C LYS B 318 -1.11 37.44 23.46
N GLN B 319 -0.53 37.64 24.63
CA GLN B 319 0.52 38.63 24.81
C GLN B 319 1.90 38.11 24.45
N GLU B 320 2.03 36.83 24.07
CA GLU B 320 3.31 36.24 23.70
C GLU B 320 3.18 35.62 22.31
N ILE B 321 3.68 36.33 21.30
CA ILE B 321 3.68 35.82 19.93
C ILE B 321 5.08 35.63 19.37
N LYS B 322 6.11 36.20 20.02
CA LYS B 322 7.48 36.11 19.53
C LYS B 322 8.04 34.69 19.57
N VAL B 323 7.45 33.81 20.39
CA VAL B 323 7.86 32.41 20.42
C VAL B 323 7.21 31.59 19.32
N PHE B 324 6.34 32.19 18.51
CA PHE B 324 5.65 31.46 17.45
C PHE B 324 6.12 31.84 16.06
N PHE B 325 7.07 32.77 15.93
CA PHE B 325 7.62 33.07 14.62
C PHE B 325 8.52 31.93 14.16
N VAL B 326 8.37 31.52 12.92
CA VAL B 326 9.09 30.36 12.40
C VAL B 326 10.52 30.74 12.12
N LYS B 327 11.46 29.86 12.49
CA LYS B 327 12.85 30.03 12.13
C LYS B 327 13.12 29.33 10.80
N TYR B 328 14.39 29.18 10.44
CA TYR B 328 14.76 28.59 9.16
C TYR B 328 15.27 27.17 9.27
N ASN B 329 15.26 26.58 10.46
CA ASN B 329 15.77 25.24 10.70
C ASN B 329 14.72 24.38 11.38
N ASP B 330 13.50 24.43 10.87
CA ASP B 330 12.38 23.68 11.42
C ASP B 330 11.79 22.76 10.36
N PRO B 331 11.21 21.63 10.77
CA PRO B 331 10.53 20.76 9.79
C PRO B 331 9.22 21.35 9.30
N ILE B 332 8.59 20.64 8.37
CA ILE B 332 7.46 21.22 7.62
C ILE B 332 6.21 21.33 8.49
N TYR B 333 6.00 20.37 9.40
CA TYR B 333 4.79 20.40 10.22
C TYR B 333 4.83 21.50 11.27
N VAL B 334 5.99 21.68 11.90
CA VAL B 334 6.19 22.81 12.82
C VAL B 334 6.12 24.13 12.04
N LYS B 335 6.65 24.13 10.82
CA LYS B 335 6.64 25.32 9.98
C LYS B 335 5.21 25.73 9.59
N LEU B 336 4.34 24.75 9.39
CA LEU B 336 2.94 25.05 9.09
C LEU B 336 2.18 25.49 10.33
N GLU B 337 2.36 24.77 11.44
CA GLU B 337 1.53 25.02 12.60
C GLU B 337 1.91 26.30 13.34
N LYS B 338 3.20 26.66 13.35
CA LYS B 338 3.58 27.95 13.92
C LYS B 338 2.99 29.10 13.12
N LEU B 339 2.93 28.94 11.79
CA LEU B 339 2.31 29.94 10.94
C LEU B 339 0.82 30.06 11.20
N ASP B 340 0.13 28.93 11.40
CA ASP B 340 -1.31 28.97 11.64
C ASP B 340 -1.63 29.56 13.00
N ILE B 341 -0.83 29.23 14.03
CA ILE B 341 -1.02 29.82 15.35
C ILE B 341 -0.69 31.31 15.33
N MET B 342 0.29 31.73 14.51
CA MET B 342 0.63 33.14 14.39
C MET B 342 -0.50 33.93 13.75
N ILE B 343 -1.06 33.42 12.66
CA ILE B 343 -2.16 34.13 12.02
C ILE B 343 -3.47 34.00 12.78
N ARG B 344 -3.55 33.07 13.73
CA ARG B 344 -4.70 33.10 14.64
C ARG B 344 -4.48 34.09 15.79
N LEU B 345 -3.23 34.31 16.19
CA LEU B 345 -2.90 35.23 17.26
C LEU B 345 -2.52 36.62 16.75
N ALA B 346 -2.74 36.90 15.46
CA ALA B 346 -2.46 38.22 14.91
C ALA B 346 -3.46 39.22 15.46
N SER B 347 -3.04 39.97 16.47
CA SER B 347 -3.91 40.92 17.16
C SER B 347 -3.73 42.31 16.57
N GLN B 348 -4.32 43.31 17.24
CA GLN B 348 -4.31 44.70 16.80
C GLN B 348 -3.08 45.46 17.27
N ALA B 349 -2.03 44.76 17.72
CA ALA B 349 -0.84 45.45 18.22
C ALA B 349 0.46 44.80 17.73
N ASN B 350 0.39 43.85 16.80
CA ASN B 350 1.60 43.21 16.29
C ASN B 350 1.55 42.99 14.79
N ILE B 351 0.75 43.80 14.08
CA ILE B 351 0.55 43.60 12.65
C ILE B 351 1.81 43.94 11.87
N ALA B 352 2.62 44.90 12.36
CA ALA B 352 3.87 45.23 11.69
C ALA B 352 4.88 44.10 11.80
N GLN B 353 4.89 43.38 12.92
CA GLN B 353 5.73 42.20 13.05
C GLN B 353 5.17 41.02 12.26
N VAL B 354 3.85 40.95 12.11
CA VAL B 354 3.24 39.81 11.42
C VAL B 354 3.41 39.93 9.91
N LEU B 355 3.14 41.11 9.35
CA LEU B 355 3.01 41.25 7.91
C LEU B 355 4.36 41.15 7.19
N ALA B 356 5.44 41.57 7.85
CA ALA B 356 6.76 41.47 7.25
C ALA B 356 7.18 40.01 7.11
N GLU B 357 6.96 39.20 8.15
CA GLU B 357 7.24 37.77 8.05
C GLU B 357 6.27 37.08 7.11
N LEU B 358 5.03 37.56 7.02
CA LEU B 358 4.07 36.97 6.10
C LEU B 358 4.46 37.19 4.64
N LYS B 359 4.90 38.40 4.31
CA LYS B 359 5.36 38.66 2.95
C LYS B 359 6.75 38.10 2.70
N GLU B 360 7.50 37.76 3.76
CA GLU B 360 8.78 37.08 3.55
C GLU B 360 8.61 35.59 3.35
N TYR B 361 7.59 34.97 3.94
CA TYR B 361 7.40 33.52 3.81
C TYR B 361 6.93 33.10 2.43
N ALA B 362 6.47 34.03 1.59
CA ALA B 362 5.97 33.67 0.28
C ALA B 362 7.07 33.28 -0.70
N THR B 363 8.33 33.60 -0.38
CA THR B 363 9.46 33.27 -1.24
C THR B 363 10.23 32.06 -0.75
N GLU B 364 9.54 31.09 -0.15
CA GLU B 364 10.20 29.89 0.35
C GLU B 364 10.18 28.81 -0.73
N VAL B 365 10.55 27.59 -0.36
CA VAL B 365 10.64 26.50 -1.32
C VAL B 365 9.64 25.38 -1.06
N ASP B 366 9.12 25.24 0.15
CA ASP B 366 8.11 24.22 0.43
C ASP B 366 6.78 24.69 -0.14
N VAL B 367 6.20 23.90 -1.04
CA VAL B 367 5.04 24.32 -1.82
C VAL B 367 3.81 24.45 -0.94
N ASP B 368 3.60 23.50 -0.03
CA ASP B 368 2.48 23.59 0.89
C ASP B 368 2.65 24.73 1.88
N PHE B 369 3.90 25.06 2.24
CA PHE B 369 4.13 26.19 3.12
C PHE B 369 3.86 27.52 2.41
N VAL B 370 4.20 27.61 1.12
CA VAL B 370 3.91 28.82 0.37
C VAL B 370 2.40 28.97 0.15
N ARG B 371 1.70 27.85 -0.05
CA ARG B 371 0.24 27.88 -0.14
C ARG B 371 -0.40 28.31 1.18
N LYS B 372 0.12 27.81 2.30
CA LYS B 372 -0.37 28.23 3.61
C LYS B 372 -0.06 29.70 3.87
N ALA B 373 1.07 30.21 3.38
CA ALA B 373 1.39 31.62 3.59
C ALA B 373 0.51 32.54 2.74
N VAL B 374 0.23 32.14 1.49
CA VAL B 374 -0.60 32.99 0.67
C VAL B 374 -2.07 32.87 1.04
N ARG B 375 -2.47 31.81 1.76
CA ARG B 375 -3.77 31.86 2.44
C ARG B 375 -3.70 32.67 3.72
N ALA B 376 -2.54 32.66 4.38
CA ALA B 376 -2.35 33.35 5.65
C ALA B 376 -2.40 34.85 5.49
N ILE B 377 -1.94 35.38 4.35
CA ILE B 377 -2.01 36.81 4.09
C ILE B 377 -3.47 37.26 4.03
N GLY B 378 -4.31 36.50 3.33
CA GLY B 378 -5.73 36.82 3.29
C GLY B 378 -6.43 36.62 4.61
N ARG B 379 -6.01 35.62 5.40
CA ARG B 379 -6.60 35.42 6.71
C ARG B 379 -6.23 36.55 7.66
N CYS B 380 -5.00 37.07 7.55
CA CYS B 380 -4.61 38.24 8.32
C CYS B 380 -5.33 39.49 7.82
N ALA B 381 -5.68 39.53 6.54
CA ALA B 381 -6.48 40.63 6.01
C ALA B 381 -7.89 40.61 6.60
N ILE B 382 -8.47 39.42 6.76
CA ILE B 382 -9.78 39.31 7.40
C ILE B 382 -9.67 39.64 8.88
N LYS B 383 -8.57 39.25 9.53
CA LYS B 383 -8.40 39.49 10.96
C LYS B 383 -8.21 40.98 11.26
N VAL B 384 -7.15 41.57 10.72
CA VAL B 384 -6.83 42.96 11.01
C VAL B 384 -7.75 43.87 10.23
N GLU B 385 -8.27 44.90 10.90
CA GLU B 385 -9.16 45.86 10.24
C GLU B 385 -8.38 46.79 9.31
N GLN B 386 -7.40 47.49 9.85
CA GLN B 386 -6.67 48.51 9.08
C GLN B 386 -5.43 47.94 8.42
N SER B 387 -5.58 46.81 7.73
CA SER B 387 -4.51 46.26 6.91
C SER B 387 -5.04 45.60 5.65
N ALA B 388 -6.35 45.67 5.38
CA ALA B 388 -6.94 44.90 4.29
C ALA B 388 -6.53 45.43 2.93
N GLU B 389 -6.38 46.75 2.80
CA GLU B 389 -5.97 47.33 1.52
C GLU B 389 -4.52 46.98 1.21
N ARG B 390 -3.64 46.99 2.22
CA ARG B 390 -2.25 46.62 2.01
C ARG B 390 -2.11 45.15 1.70
N CYS B 391 -2.90 44.30 2.36
CA CYS B 391 -2.84 42.87 2.07
C CYS B 391 -3.46 42.54 0.72
N VAL B 392 -4.48 43.32 0.28
CA VAL B 392 -5.04 43.14 -1.04
C VAL B 392 -4.02 43.54 -2.11
N SER B 393 -3.30 44.63 -1.87
CA SER B 393 -2.22 45.02 -2.79
C SER B 393 -1.10 43.99 -2.82
N THR B 394 -0.81 43.38 -1.67
CA THR B 394 0.21 42.33 -1.60
C THR B 394 -0.22 41.08 -2.36
N LEU B 395 -1.50 40.71 -2.23
CA LEU B 395 -2.03 39.56 -2.97
C LEU B 395 -2.06 39.83 -4.46
N LEU B 396 -2.36 41.08 -4.86
CA LEU B 396 -2.33 41.42 -6.28
C LEU B 396 -0.92 41.41 -6.83
N ASP B 397 0.07 41.84 -6.03
CA ASP B 397 1.45 41.78 -6.46
C ASP B 397 1.95 40.33 -6.54
N LEU B 398 1.44 39.45 -5.67
CA LEU B 398 1.80 38.05 -5.75
C LEU B 398 1.14 37.36 -6.94
N ILE B 399 -0.07 37.79 -7.29
CA ILE B 399 -0.75 37.24 -8.47
C ILE B 399 -0.08 37.72 -9.74
N GLN B 400 0.41 38.97 -9.75
CA GLN B 400 1.09 39.53 -10.91
C GLN B 400 2.43 38.86 -11.22
N THR B 401 2.98 38.06 -10.31
CA THR B 401 4.14 37.23 -10.62
C THR B 401 3.80 36.02 -11.47
N LYS B 402 2.50 35.69 -11.59
CA LYS B 402 1.97 34.63 -12.45
C LYS B 402 2.55 33.26 -12.08
N VAL B 403 2.31 32.87 -10.83
CA VAL B 403 2.76 31.58 -10.31
C VAL B 403 1.55 30.68 -10.12
N ASN B 404 1.68 29.43 -10.59
CA ASN B 404 0.53 28.54 -10.72
C ASN B 404 0.01 28.08 -9.37
N TYR B 405 0.90 27.80 -8.42
CA TYR B 405 0.48 27.38 -7.09
C TYR B 405 0.31 28.56 -6.12
N VAL B 406 0.35 29.78 -6.63
CA VAL B 406 0.12 30.96 -5.81
C VAL B 406 -1.19 31.65 -6.17
N VAL B 407 -1.50 31.77 -7.47
CA VAL B 407 -2.74 32.44 -7.88
C VAL B 407 -3.97 31.60 -7.50
N GLN B 408 -3.88 30.29 -7.70
CA GLN B 408 -4.99 29.38 -7.42
C GLN B 408 -5.31 29.26 -5.94
N GLU B 409 -4.39 29.65 -5.06
CA GLU B 409 -4.70 29.76 -3.64
C GLU B 409 -4.94 31.19 -3.18
N ALA B 410 -4.47 32.18 -3.94
CA ALA B 410 -4.69 33.56 -3.54
C ALA B 410 -6.09 34.04 -3.89
N ILE B 411 -6.68 33.51 -4.96
CA ILE B 411 -8.01 33.98 -5.34
C ILE B 411 -9.08 33.47 -4.37
N VAL B 412 -8.80 32.42 -3.60
CA VAL B 412 -9.76 31.92 -2.62
C VAL B 412 -9.84 32.87 -1.43
N VAL B 413 -8.69 33.29 -0.92
CA VAL B 413 -8.70 34.25 0.18
C VAL B 413 -9.14 35.62 -0.32
N ILE B 414 -8.94 35.91 -1.61
CA ILE B 414 -9.52 37.14 -2.17
C ILE B 414 -11.04 37.06 -2.18
N ARG B 415 -11.60 35.89 -2.49
CA ARG B 415 -13.05 35.68 -2.41
C ARG B 415 -13.54 35.82 -0.97
N ASP B 416 -12.73 35.36 -0.01
CA ASP B 416 -13.08 35.53 1.40
C ASP B 416 -13.09 37.00 1.81
N ILE B 417 -12.13 37.78 1.30
CA ILE B 417 -12.11 39.23 1.55
C ILE B 417 -13.32 39.90 0.92
N PHE B 418 -13.69 39.47 -0.28
CA PHE B 418 -14.89 40.00 -0.94
C PHE B 418 -16.17 39.65 -0.18
N ARG B 419 -16.21 38.48 0.46
CA ARG B 419 -17.38 38.11 1.24
C ARG B 419 -17.42 38.88 2.56
N LYS B 420 -16.26 39.17 3.15
CA LYS B 420 -16.24 39.93 4.39
C LYS B 420 -16.58 41.41 4.14
N TYR B 421 -16.12 41.96 3.03
CA TYR B 421 -16.37 43.36 2.67
C TYR B 421 -17.01 43.41 1.29
N PRO B 422 -18.30 43.71 1.18
CA PRO B 422 -18.99 43.63 -0.10
C PRO B 422 -19.08 44.93 -0.90
N ASN B 423 -18.49 46.03 -0.43
CA ASN B 423 -18.66 47.30 -1.12
C ASN B 423 -17.34 48.01 -1.37
N LYS B 424 -16.35 47.79 -0.50
CA LYS B 424 -15.14 48.60 -0.51
C LYS B 424 -14.12 48.16 -1.56
N TYR B 425 -14.37 47.07 -2.29
CA TYR B 425 -13.39 46.53 -3.21
C TYR B 425 -14.03 46.17 -4.54
N GLU B 426 -14.79 47.10 -5.10
CA GLU B 426 -15.52 46.88 -6.35
C GLU B 426 -14.67 47.15 -7.59
N SER B 427 -13.35 47.11 -7.48
CA SER B 427 -12.47 47.41 -8.61
C SER B 427 -11.52 46.28 -8.96
N ILE B 428 -11.42 45.24 -8.14
CA ILE B 428 -10.45 44.17 -8.40
C ILE B 428 -10.97 43.16 -9.40
N ILE B 429 -12.29 43.15 -9.64
CA ILE B 429 -12.91 42.07 -10.40
C ILE B 429 -12.55 42.15 -11.88
N ALA B 430 -12.66 43.36 -12.46
CA ALA B 430 -12.44 43.56 -13.89
C ALA B 430 -11.00 43.34 -14.32
N THR B 431 -10.05 43.29 -13.38
CA THR B 431 -8.68 42.90 -13.66
C THR B 431 -8.44 41.43 -13.36
N LEU B 432 -8.89 40.96 -12.18
CA LEU B 432 -8.52 39.63 -11.72
C LEU B 432 -9.26 38.54 -12.49
N CYS B 433 -10.54 38.75 -12.79
CA CYS B 433 -11.26 37.79 -13.62
C CYS B 433 -10.79 37.85 -15.07
N GLU B 434 -10.29 39.00 -15.50
CA GLU B 434 -9.73 39.13 -16.84
C GLU B 434 -8.37 38.48 -16.97
N ASN B 435 -7.66 38.28 -15.86
CA ASN B 435 -6.36 37.62 -15.94
C ASN B 435 -6.51 36.13 -16.21
N LEU B 436 -7.06 35.39 -15.24
CA LEU B 436 -7.22 33.92 -15.27
C LEU B 436 -5.91 33.23 -15.66
N ASP B 437 -4.83 33.58 -14.97
CA ASP B 437 -3.49 33.20 -15.41
C ASP B 437 -3.05 31.85 -14.86
N SER B 438 -3.91 30.84 -15.00
CA SER B 438 -3.62 29.45 -14.62
C SER B 438 -4.72 28.57 -15.19
N LEU B 439 -4.56 27.27 -15.00
CA LEU B 439 -5.64 26.30 -15.17
C LEU B 439 -6.07 25.92 -13.76
N ASP B 440 -7.13 26.55 -13.28
CA ASP B 440 -7.41 26.61 -11.85
C ASP B 440 -7.96 25.29 -11.31
N GLU B 441 -7.52 24.95 -10.10
CA GLU B 441 -8.10 23.87 -9.32
C GLU B 441 -9.52 24.26 -8.87
N PRO B 442 -10.38 23.28 -8.56
CA PRO B 442 -11.81 23.58 -8.33
C PRO B 442 -12.12 24.56 -7.19
N ASP B 443 -11.23 24.73 -6.21
CA ASP B 443 -11.45 25.77 -5.21
C ASP B 443 -11.32 27.16 -5.84
N ALA B 444 -10.27 27.38 -6.63
CA ALA B 444 -10.12 28.63 -7.35
C ALA B 444 -11.19 28.81 -8.40
N ARG B 445 -11.65 27.72 -9.01
CA ARG B 445 -12.75 27.79 -9.96
C ARG B 445 -14.04 28.25 -9.29
N ALA B 446 -14.33 27.71 -8.09
CA ALA B 446 -15.51 28.14 -7.35
C ALA B 446 -15.39 29.59 -6.91
N ALA B 447 -14.19 30.03 -6.55
CA ALA B 447 -13.96 31.42 -6.19
C ALA B 447 -14.20 32.35 -7.38
N MET B 448 -13.67 31.97 -8.55
CA MET B 448 -13.86 32.77 -9.76
C MET B 448 -15.32 32.83 -10.17
N ILE B 449 -16.02 31.69 -10.10
CA ILE B 449 -17.41 31.64 -10.54
C ILE B 449 -18.30 32.41 -9.57
N TRP B 450 -18.01 32.36 -8.27
CA TRP B 450 -18.80 33.15 -7.32
C TRP B 450 -18.53 34.64 -7.46
N ILE B 451 -17.27 35.02 -7.74
CA ILE B 451 -16.95 36.43 -7.90
C ILE B 451 -17.59 36.98 -9.17
N VAL B 452 -17.67 36.16 -10.23
CA VAL B 452 -18.36 36.56 -11.46
C VAL B 452 -19.86 36.67 -11.21
N GLY B 453 -20.42 35.74 -10.42
CA GLY B 453 -21.86 35.74 -10.18
C GLY B 453 -22.31 36.90 -9.32
N GLU B 454 -21.60 37.16 -8.23
CA GLU B 454 -21.91 38.34 -7.43
C GLU B 454 -21.34 39.59 -8.10
N TYR B 455 -21.78 40.76 -7.60
CA TYR B 455 -21.32 42.08 -8.05
C TYR B 455 -21.51 42.30 -9.55
N ALA B 456 -22.62 41.82 -10.09
CA ALA B 456 -22.82 41.76 -11.54
C ALA B 456 -23.05 43.11 -12.20
N GLU B 457 -23.13 44.20 -11.45
CA GLU B 457 -23.34 45.52 -12.05
C GLU B 457 -22.07 46.07 -12.72
N ARG B 458 -20.91 45.50 -12.42
CA ARG B 458 -19.65 46.00 -12.96
C ARG B 458 -18.91 44.99 -13.82
N ILE B 459 -19.47 43.79 -13.99
CA ILE B 459 -18.83 42.75 -14.78
C ILE B 459 -19.73 42.37 -15.94
N ASP B 460 -20.39 43.37 -16.56
CA ASP B 460 -21.50 43.19 -17.49
C ASP B 460 -21.20 42.33 -18.71
N ASN B 461 -19.94 41.99 -18.97
CA ASN B 461 -19.59 40.99 -19.98
C ASN B 461 -19.38 39.60 -19.36
N ALA B 462 -20.13 39.27 -18.31
CA ALA B 462 -19.96 38.01 -17.61
C ALA B 462 -20.50 36.82 -18.38
N ASP B 463 -21.30 37.05 -19.43
CA ASP B 463 -21.91 35.94 -20.17
C ASP B 463 -20.86 35.11 -20.89
N GLU B 464 -19.82 35.75 -21.42
CA GLU B 464 -18.75 35.01 -22.08
C GLU B 464 -17.91 34.22 -21.08
N LEU B 465 -17.59 34.83 -19.94
CA LEU B 465 -16.79 34.13 -18.93
C LEU B 465 -17.57 33.02 -18.24
N LEU B 466 -18.91 33.09 -18.25
CA LEU B 466 -19.71 31.99 -17.72
C LEU B 466 -19.89 30.89 -18.76
N GLU B 467 -20.11 31.27 -20.02
CA GLU B 467 -20.28 30.27 -21.07
C GLU B 467 -18.97 29.61 -21.48
N SER B 468 -17.84 30.17 -21.06
CA SER B 468 -16.58 29.44 -21.21
C SER B 468 -16.54 28.21 -20.33
N PHE B 469 -17.12 28.28 -19.13
CA PHE B 469 -17.24 27.13 -18.25
C PHE B 469 -18.48 26.30 -18.52
N LEU B 470 -19.52 26.89 -19.11
CA LEU B 470 -20.80 26.21 -19.27
C LEU B 470 -20.75 25.08 -20.29
N GLU B 471 -19.80 25.12 -21.23
CA GLU B 471 -19.67 24.04 -22.20
C GLU B 471 -19.08 22.80 -21.54
N GLY B 472 -17.94 22.94 -20.88
CA GLY B 472 -17.34 21.84 -20.15
C GLY B 472 -17.92 21.71 -18.76
N PHE B 473 -19.15 21.20 -18.67
CA PHE B 473 -19.85 21.08 -17.39
C PHE B 473 -19.53 19.72 -16.77
N HIS B 474 -18.26 19.57 -16.38
CA HIS B 474 -17.80 18.36 -15.68
C HIS B 474 -16.77 18.77 -14.63
N ASP B 475 -17.26 19.05 -13.43
CA ASP B 475 -16.49 19.37 -12.24
C ASP B 475 -17.45 19.29 -11.06
N GLU B 476 -16.94 19.57 -9.86
CA GLU B 476 -17.80 19.65 -8.67
C GLU B 476 -17.99 21.13 -8.33
N SER B 477 -18.94 21.75 -9.02
CA SER B 477 -19.22 23.16 -8.84
C SER B 477 -20.70 23.39 -9.10
N THR B 478 -21.48 23.55 -8.04
CA THR B 478 -22.86 24.01 -8.12
C THR B 478 -22.95 25.53 -8.14
N GLN B 479 -21.81 26.21 -8.03
CA GLN B 479 -21.80 27.67 -8.10
C GLN B 479 -22.15 28.16 -9.49
N VAL B 480 -21.91 27.36 -10.54
CA VAL B 480 -22.24 27.75 -11.90
C VAL B 480 -23.74 27.88 -12.16
N GLN B 481 -24.58 27.36 -11.27
CA GLN B 481 -26.00 27.70 -11.29
C GLN B 481 -26.43 28.58 -10.13
N LEU B 482 -25.90 28.37 -8.91
CA LEU B 482 -26.37 29.20 -7.80
C LEU B 482 -25.80 30.60 -7.80
N THR B 483 -24.86 30.90 -8.69
CA THR B 483 -24.41 32.26 -8.93
C THR B 483 -24.87 32.80 -10.27
N LEU B 484 -25.20 31.92 -11.22
CA LEU B 484 -25.80 32.38 -12.45
C LEU B 484 -27.21 32.90 -12.20
N LEU B 485 -27.99 32.21 -11.37
CA LEU B 485 -29.35 32.66 -11.15
C LEU B 485 -29.40 33.93 -10.29
N THR B 486 -28.48 34.07 -9.33
CA THR B 486 -28.50 35.24 -8.45
C THR B 486 -28.09 36.53 -9.15
N ALA B 487 -27.59 36.45 -10.39
CA ALA B 487 -27.32 37.64 -11.20
C ALA B 487 -28.24 37.76 -12.40
N ILE B 488 -28.66 36.64 -12.98
CA ILE B 488 -29.49 36.72 -14.18
C ILE B 488 -30.92 36.37 -13.75
N VAL B 489 -31.23 36.66 -12.48
CA VAL B 489 -32.60 36.90 -12.06
C VAL B 489 -32.91 38.39 -12.05
N LYS B 490 -31.91 39.26 -12.14
CA LYS B 490 -32.11 40.68 -12.30
C LYS B 490 -31.61 41.22 -13.63
N LEU B 491 -30.53 40.66 -14.20
CA LEU B 491 -30.10 41.11 -15.51
C LEU B 491 -31.05 40.66 -16.61
N PHE B 492 -31.67 39.48 -16.45
CA PHE B 492 -32.67 39.03 -17.42
C PHE B 492 -33.99 39.78 -17.28
N LEU B 493 -34.27 40.35 -16.12
CA LEU B 493 -35.44 41.21 -15.98
C LEU B 493 -35.17 42.61 -16.51
N LYS B 494 -33.94 43.10 -16.34
CA LYS B 494 -33.58 44.40 -16.90
C LYS B 494 -33.43 44.33 -18.41
N LYS B 495 -33.10 43.16 -18.95
CA LYS B 495 -32.98 42.95 -20.39
C LYS B 495 -33.85 41.76 -20.77
N PRO B 496 -35.10 41.99 -21.13
CA PRO B 496 -35.96 40.88 -21.58
C PRO B 496 -35.56 40.40 -22.96
N SER B 497 -36.01 39.18 -23.27
CA SER B 497 -35.63 38.42 -24.47
C SER B 497 -34.11 38.32 -24.60
N GLU B 498 -33.46 38.00 -23.49
CA GLU B 498 -32.01 37.99 -23.41
C GLU B 498 -31.60 37.04 -22.28
N THR B 499 -30.58 36.21 -22.55
CA THR B 499 -30.00 35.21 -21.63
C THR B 499 -31.01 34.18 -21.14
N GLN B 500 -32.12 34.01 -21.86
CA GLN B 500 -32.99 32.86 -21.66
C GLN B 500 -32.25 31.57 -22.00
N GLU B 501 -31.38 31.63 -23.01
CA GLU B 501 -30.51 30.53 -23.41
C GLU B 501 -29.31 30.34 -22.47
N LEU B 502 -29.30 31.01 -21.31
CA LEU B 502 -28.43 30.66 -20.20
C LEU B 502 -29.23 30.20 -18.99
N VAL B 503 -30.25 30.97 -18.60
CA VAL B 503 -31.05 30.60 -17.43
C VAL B 503 -31.96 29.42 -17.68
N GLN B 504 -32.11 28.96 -18.92
CA GLN B 504 -32.74 27.68 -19.18
C GLN B 504 -31.75 26.62 -19.62
N GLN B 505 -30.59 27.01 -20.17
CA GLN B 505 -29.58 26.03 -20.54
C GLN B 505 -28.95 25.38 -19.31
N VAL B 506 -28.64 26.18 -18.29
CA VAL B 506 -28.00 25.56 -17.11
C VAL B 506 -29.03 24.76 -16.31
N LEU B 507 -30.32 25.11 -16.40
CA LEU B 507 -31.33 24.29 -15.74
C LEU B 507 -31.61 23.02 -16.53
N SER B 508 -31.52 23.06 -17.86
CA SER B 508 -31.65 21.83 -18.63
C SER B 508 -30.43 20.94 -18.47
N LEU B 509 -29.28 21.52 -18.14
CA LEU B 509 -28.11 20.71 -17.83
C LEU B 509 -28.14 20.17 -16.41
N ALA B 510 -28.82 20.85 -15.49
CA ALA B 510 -28.94 20.36 -14.12
C ALA B 510 -30.18 19.52 -13.90
N THR B 511 -31.08 19.44 -14.87
CA THR B 511 -32.33 18.68 -14.71
C THR B 511 -32.19 17.24 -15.19
N GLN B 512 -31.78 17.04 -16.45
CA GLN B 512 -31.79 15.70 -17.05
C GLN B 512 -30.42 15.30 -17.60
N ASP B 513 -29.36 15.96 -17.17
CA ASP B 513 -28.01 15.56 -17.54
C ASP B 513 -27.13 15.24 -16.35
N SER B 514 -27.26 15.99 -15.27
CA SER B 514 -26.47 15.74 -14.06
C SER B 514 -27.09 14.57 -13.29
N ASP B 515 -26.29 13.52 -13.10
CA ASP B 515 -26.76 12.35 -12.37
C ASP B 515 -26.80 12.56 -10.86
N ASN B 516 -26.21 13.64 -10.37
CA ASN B 516 -26.19 13.92 -8.94
C ASN B 516 -27.57 14.36 -8.47
N PRO B 517 -28.17 13.68 -7.50
CA PRO B 517 -29.51 14.11 -7.03
C PRO B 517 -29.50 15.42 -6.29
N ASP B 518 -28.36 15.79 -5.68
CA ASP B 518 -28.25 17.10 -5.06
C ASP B 518 -28.32 18.21 -6.10
N LEU B 519 -27.56 18.08 -7.18
CA LEU B 519 -27.62 19.06 -8.26
C LEU B 519 -28.96 19.05 -8.97
N ARG B 520 -29.59 17.88 -9.09
CA ARG B 520 -30.90 17.84 -9.73
C ARG B 520 -31.96 18.50 -8.86
N ASP B 521 -31.87 18.34 -7.54
CA ASP B 521 -32.83 18.99 -6.65
C ASP B 521 -32.60 20.48 -6.58
N ARG B 522 -31.34 20.93 -6.66
CA ARG B 522 -31.08 22.36 -6.76
C ARG B 522 -31.62 22.94 -8.06
N GLY B 523 -31.48 22.20 -9.16
CA GLY B 523 -32.01 22.65 -10.43
C GLY B 523 -33.52 22.74 -10.45
N TYR B 524 -34.19 21.75 -9.84
CA TYR B 524 -35.65 21.81 -9.79
C TYR B 524 -36.15 22.88 -8.84
N ILE B 525 -35.44 23.11 -7.72
CA ILE B 525 -35.83 24.17 -6.78
C ILE B 525 -35.68 25.53 -7.44
N TYR B 526 -34.62 25.73 -8.23
CA TYR B 526 -34.48 26.98 -8.96
C TYR B 526 -35.51 27.12 -10.07
N TRP B 527 -35.75 26.04 -10.82
CA TRP B 527 -36.61 26.10 -12.00
C TRP B 527 -38.07 26.28 -11.62
N ARG B 528 -38.50 25.73 -10.49
CA ARG B 528 -39.87 25.95 -10.07
C ARG B 528 -40.08 27.30 -9.39
N LEU B 529 -39.01 28.04 -9.11
CA LEU B 529 -39.12 29.30 -8.38
C LEU B 529 -39.13 30.51 -9.31
N LEU B 530 -38.11 30.65 -10.16
CA LEU B 530 -38.02 31.83 -11.01
C LEU B 530 -38.97 31.78 -12.20
N SER B 531 -39.50 30.61 -12.53
CA SER B 531 -40.47 30.51 -13.61
C SER B 531 -41.90 30.75 -13.14
N THR B 532 -42.10 31.04 -11.86
CA THR B 532 -43.43 31.29 -11.31
C THR B 532 -43.60 32.72 -10.84
N ASP B 533 -42.67 33.24 -10.04
CA ASP B 533 -42.78 34.61 -9.55
C ASP B 533 -41.40 35.25 -9.43
N PRO B 534 -41.08 36.22 -10.31
CA PRO B 534 -39.75 36.83 -10.26
C PRO B 534 -39.51 37.69 -9.04
N VAL B 535 -40.55 38.33 -8.50
CA VAL B 535 -40.39 39.12 -7.28
C VAL B 535 -40.11 38.20 -6.09
N THR B 536 -40.75 37.04 -6.06
CA THR B 536 -40.50 36.06 -5.01
C THR B 536 -39.09 35.48 -5.15
N ALA B 537 -38.64 35.23 -6.38
CA ALA B 537 -37.29 34.72 -6.59
C ALA B 537 -36.24 35.75 -6.21
N LYS B 538 -36.50 37.03 -6.49
CA LYS B 538 -35.59 38.10 -6.10
C LYS B 538 -35.59 38.30 -4.59
N GLU B 539 -36.73 38.06 -3.93
CA GLU B 539 -36.77 38.16 -2.47
C GLU B 539 -36.03 37.00 -1.81
N VAL B 540 -36.14 35.80 -2.39
CA VAL B 540 -35.52 34.64 -1.76
C VAL B 540 -34.03 34.58 -2.04
N VAL B 541 -33.64 34.63 -3.31
CA VAL B 541 -32.23 34.40 -3.66
C VAL B 541 -31.39 35.65 -3.39
N LEU B 542 -31.88 36.81 -3.84
CA LEU B 542 -31.12 38.05 -3.78
C LEU B 542 -31.36 38.84 -2.50
N SER B 543 -31.70 38.16 -1.41
CA SER B 543 -31.80 38.84 -0.12
C SER B 543 -30.41 39.13 0.43
N GLU B 544 -30.36 40.00 1.44
CA GLU B 544 -29.10 40.36 2.06
C GLU B 544 -28.55 39.20 2.89
N LYS B 545 -27.23 39.11 2.94
CA LYS B 545 -26.57 38.06 3.68
C LYS B 545 -25.73 38.65 4.80
N PRO B 546 -25.67 38.00 5.96
CA PRO B 546 -24.82 38.50 7.05
C PRO B 546 -23.35 38.24 6.79
N LEU B 547 -22.52 39.05 7.44
CA LEU B 547 -21.09 38.91 7.33
C LEU B 547 -20.60 37.71 8.14
N ILE B 548 -19.45 37.18 7.74
CA ILE B 548 -18.87 36.03 8.41
C ILE B 548 -18.11 36.48 9.66
N SER B 549 -17.74 35.53 10.50
CA SER B 549 -16.98 35.84 11.71
C SER B 549 -15.53 36.19 11.36
N GLU B 550 -14.82 36.71 12.35
CA GLU B 550 -13.45 37.17 12.12
C GLU B 550 -12.47 36.01 11.99
N GLU B 551 -12.52 35.06 12.91
CA GLU B 551 -11.66 33.88 12.85
C GLU B 551 -12.15 32.97 11.75
N THR B 552 -11.34 32.82 10.70
CA THR B 552 -11.81 32.15 9.49
C THR B 552 -11.74 30.64 9.61
N ASP B 553 -10.53 30.09 9.77
CA ASP B 553 -10.33 28.65 9.81
C ASP B 553 -10.64 28.16 11.20
N LEU B 554 -11.93 27.99 11.48
CA LEU B 554 -12.40 27.46 12.73
C LEU B 554 -12.95 26.05 12.54
N ILE B 555 -13.16 25.37 13.66
CA ILE B 555 -13.89 24.12 13.68
C ILE B 555 -15.27 24.40 14.28
N GLU B 556 -16.13 23.40 14.21
CA GLU B 556 -17.47 23.53 14.77
C GLU B 556 -17.37 23.58 16.30
N PRO B 557 -18.30 24.30 16.96
CA PRO B 557 -18.23 24.41 18.43
C PRO B 557 -18.48 23.10 19.15
N THR B 558 -19.31 22.21 18.60
CA THR B 558 -19.52 20.90 19.22
C THR B 558 -18.25 20.05 19.13
N LEU B 559 -17.57 20.10 17.98
CA LEU B 559 -16.31 19.38 17.85
C LEU B 559 -15.21 20.02 18.70
N LEU B 560 -15.29 21.33 18.92
CA LEU B 560 -14.32 21.99 19.79
C LEU B 560 -14.52 21.59 21.24
N ASP B 561 -15.78 21.50 21.68
CA ASP B 561 -16.07 21.00 23.02
C ASP B 561 -15.73 19.51 23.15
N GLU B 562 -15.77 18.77 22.04
CA GLU B 562 -15.29 17.40 22.04
C GLU B 562 -13.78 17.34 22.23
N LEU B 563 -13.04 18.20 21.53
CA LEU B 563 -11.59 18.20 21.60
C LEU B 563 -11.03 18.89 22.85
N ILE B 564 -11.87 19.60 23.62
CA ILE B 564 -11.43 20.18 24.89
C ILE B 564 -11.04 19.08 25.86
N CYS B 565 -11.89 18.05 26.00
CA CYS B 565 -11.60 16.97 26.93
C CYS B 565 -10.52 16.03 26.40
N HIS B 566 -10.23 16.08 25.10
CA HIS B 566 -9.25 15.21 24.47
C HIS B 566 -8.02 16.00 24.04
N ILE B 567 -7.56 16.92 24.90
CA ILE B 567 -6.39 17.74 24.57
C ILE B 567 -5.12 16.89 24.55
N GLY B 568 -4.95 16.02 25.54
CA GLY B 568 -3.81 15.13 25.49
C GLY B 568 -3.95 13.98 24.53
N SER B 569 -5.15 13.74 24.00
CA SER B 569 -5.40 12.56 23.19
C SER B 569 -4.87 12.73 21.78
N LEU B 570 -5.04 11.69 20.97
CA LEU B 570 -4.62 11.71 19.58
C LEU B 570 -5.62 12.43 18.69
N ALA B 571 -6.85 12.63 19.17
CA ALA B 571 -7.82 13.42 18.44
C ALA B 571 -7.43 14.89 18.36
N SER B 572 -6.63 15.38 19.30
CA SER B 572 -6.13 16.75 19.21
C SER B 572 -5.09 16.87 18.10
N VAL B 573 -4.26 15.85 17.91
CA VAL B 573 -3.26 15.90 16.84
C VAL B 573 -3.92 15.68 15.48
N TYR B 574 -4.89 14.79 15.41
CA TYR B 574 -5.55 14.53 14.13
C TYR B 574 -6.59 15.59 13.78
N HIS B 575 -7.07 16.37 14.76
CA HIS B 575 -8.11 17.38 14.59
C HIS B 575 -9.38 16.82 13.97
N LYS B 576 -9.70 15.57 14.29
CA LYS B 576 -10.85 14.84 13.78
C LYS B 576 -11.71 14.41 14.95
N PRO B 577 -12.96 14.02 14.72
CA PRO B 577 -13.73 13.37 15.77
C PRO B 577 -13.10 12.05 16.17
N PRO B 578 -13.21 11.68 17.45
CA PRO B 578 -12.52 10.46 17.93
C PRO B 578 -13.07 9.16 17.38
N ASN B 579 -14.24 9.18 16.74
CA ASN B 579 -14.77 8.02 16.03
C ASN B 579 -14.30 7.96 14.59
N ALA B 580 -13.25 8.71 14.23
CA ALA B 580 -12.68 8.64 12.90
C ALA B 580 -11.54 7.65 12.79
N PHE B 581 -11.17 6.98 13.89
CA PHE B 581 -10.09 6.00 13.89
C PHE B 581 -10.41 4.92 14.92
N VAL B 582 -11.03 3.84 14.45
CA VAL B 582 -11.39 2.73 15.33
C VAL B 582 -10.70 1.44 14.86
N MET C 1 -2.88 1.26 25.14
CA MET C 1 -2.11 2.36 24.57
C MET C 1 -1.28 1.91 23.38
N ILE C 2 0.00 1.65 23.60
CA ILE C 2 0.90 1.26 22.53
C ILE C 2 0.63 -0.19 22.16
N GLY C 3 0.19 -0.41 20.92
CA GLY C 3 -0.12 -1.75 20.46
C GLY C 3 0.95 -2.31 19.55
N GLY C 4 2.20 -1.92 19.77
CA GLY C 4 3.29 -2.42 18.96
C GLY C 4 4.48 -1.49 18.94
N LEU C 5 5.68 -2.05 18.94
CA LEU C 5 6.92 -1.27 18.94
C LEU C 5 7.85 -1.87 17.90
N PHE C 6 7.91 -1.25 16.73
CA PHE C 6 8.60 -1.81 15.56
C PHE C 6 9.88 -1.03 15.33
N ILE C 7 11.01 -1.72 15.31
CA ILE C 7 12.29 -1.11 14.97
C ILE C 7 12.65 -1.52 13.56
N TYR C 8 12.78 -0.53 12.68
CA TYR C 8 13.05 -0.75 11.27
C TYR C 8 14.42 -0.18 10.92
N ASN C 9 15.10 -0.83 9.98
CA ASN C 9 16.38 -0.33 9.50
C ASN C 9 16.13 0.78 8.47
N HIS C 10 17.19 1.26 7.83
CA HIS C 10 17.06 2.33 6.85
C HIS C 10 16.47 1.86 5.53
N LYS C 11 16.36 0.55 5.32
CA LYS C 11 15.78 0.00 4.09
C LYS C 11 14.36 -0.50 4.27
N GLY C 12 14.04 -1.12 5.40
CA GLY C 12 12.69 -1.60 5.64
C GLY C 12 12.61 -2.95 6.30
N GLU C 13 13.74 -3.55 6.62
CA GLU C 13 13.75 -4.85 7.29
C GLU C 13 13.57 -4.67 8.79
N VAL C 14 12.74 -5.53 9.38
CA VAL C 14 12.43 -5.47 10.80
C VAL C 14 13.60 -6.00 11.60
N LEU C 15 13.96 -5.32 12.68
CA LEU C 15 14.98 -5.79 13.59
C LEU C 15 14.42 -6.29 14.91
N ILE C 16 13.59 -5.49 15.58
CA ILE C 16 12.91 -5.90 16.80
C ILE C 16 11.45 -5.45 16.70
N SER C 17 10.53 -6.41 16.77
CA SER C 17 9.11 -6.10 16.76
C SER C 17 8.44 -6.79 17.95
N ARG C 18 7.24 -6.33 18.27
CA ARG C 18 6.48 -6.86 19.40
C ARG C 18 5.02 -6.51 19.18
N VAL C 19 4.14 -7.47 19.45
CA VAL C 19 2.70 -7.28 19.32
C VAL C 19 2.09 -7.35 20.71
N TYR C 20 1.32 -6.32 21.08
CA TYR C 20 0.69 -6.25 22.39
C TYR C 20 -0.80 -6.52 22.38
N ARG C 21 -1.51 -6.07 21.35
CA ARG C 21 -2.95 -6.26 21.26
C ARG C 21 -3.28 -7.05 20.01
N ASP C 22 -4.50 -7.61 19.99
CA ASP C 22 -4.93 -8.50 18.92
C ASP C 22 -5.29 -7.76 17.64
N ASP C 23 -5.36 -6.43 17.66
CA ASP C 23 -5.76 -5.66 16.49
C ASP C 23 -4.56 -5.25 15.62
N ILE C 24 -3.39 -5.81 15.86
CA ILE C 24 -2.18 -5.47 15.12
C ILE C 24 -1.55 -6.77 14.63
N GLY C 25 -1.34 -6.88 13.32
CA GLY C 25 -0.77 -8.08 12.74
C GLY C 25 0.29 -7.83 11.70
N ARG C 26 0.53 -8.84 10.85
CA ARG C 26 1.57 -8.74 9.82
C ARG C 26 1.19 -7.72 8.76
N ASN C 27 -0.10 -7.53 8.52
CA ASN C 27 -0.54 -6.44 7.63
C ASN C 27 -0.21 -5.08 8.23
N ALA C 28 -0.34 -4.95 9.56
CA ALA C 28 0.05 -3.71 10.22
C ALA C 28 1.57 -3.54 10.23
N VAL C 29 2.31 -4.65 10.20
CA VAL C 29 3.77 -4.56 10.05
C VAL C 29 4.13 -4.07 8.66
N ASP C 30 3.51 -4.64 7.63
CA ASP C 30 3.90 -4.36 6.25
C ASP C 30 3.39 -3.03 5.73
N ALA C 31 2.24 -2.55 6.23
CA ALA C 31 1.66 -1.32 5.71
C ALA C 31 2.49 -0.09 6.04
N PHE C 32 3.14 -0.10 7.21
CA PHE C 32 4.01 1.01 7.60
C PHE C 32 5.20 1.14 6.67
N ARG C 33 5.84 0.02 6.33
CA ARG C 33 6.93 0.04 5.38
C ARG C 33 6.44 0.33 3.96
N VAL C 34 5.22 -0.07 3.65
CA VAL C 34 4.70 0.12 2.29
C VAL C 34 4.33 1.58 2.03
N ASN C 35 3.82 2.29 3.03
CA ASN C 35 3.32 3.64 2.81
C ASN C 35 4.02 4.71 3.65
N VAL C 36 5.13 4.40 4.30
CA VAL C 36 5.84 5.41 5.07
C VAL C 36 7.29 5.51 4.59
N ILE C 37 8.04 4.41 4.71
CA ILE C 37 9.44 4.43 4.32
C ILE C 37 9.60 4.42 2.81
N HIS C 38 9.01 3.41 2.15
CA HIS C 38 9.07 3.30 0.69
C HIS C 38 7.98 4.19 0.11
N ALA C 39 8.27 5.49 0.08
CA ALA C 39 7.34 6.50 -0.43
C ALA C 39 8.16 7.63 -1.02
N ARG C 40 7.51 8.77 -1.27
CA ARG C 40 8.16 9.92 -1.87
C ARG C 40 8.88 10.75 -0.80
N GLN C 41 9.37 11.92 -1.19
CA GLN C 41 10.09 12.79 -0.27
C GLN C 41 9.09 13.72 0.43
N GLN C 42 9.62 14.73 1.12
CA GLN C 42 8.86 15.73 1.90
C GLN C 42 8.00 15.03 2.97
N VAL C 43 8.71 14.53 3.98
CA VAL C 43 8.09 13.73 5.04
C VAL C 43 7.16 14.61 5.86
N ARG C 44 5.87 14.24 5.88
CA ARG C 44 4.83 14.99 6.56
C ARG C 44 4.80 14.70 8.06
N SER C 45 3.68 15.03 8.69
CA SER C 45 3.50 14.88 10.14
C SER C 45 3.77 13.45 10.60
N PRO C 46 4.43 13.27 11.75
CA PRO C 46 4.86 11.93 12.17
C PRO C 46 3.73 11.03 12.66
N VAL C 47 2.49 11.50 12.73
CA VAL C 47 1.39 10.66 13.15
C VAL C 47 0.55 10.31 11.92
N THR C 48 0.87 9.18 11.29
CA THR C 48 0.24 8.78 10.03
C THR C 48 -1.02 7.96 10.32
N ASN C 49 -2.13 8.32 9.65
CA ASN C 49 -3.40 7.64 9.80
C ASN C 49 -3.64 6.78 8.56
N ILE C 50 -3.54 5.46 8.73
CA ILE C 50 -3.75 4.51 7.65
C ILE C 50 -4.67 3.41 8.15
N ALA C 51 -5.85 3.28 7.51
CA ALA C 51 -6.82 2.20 7.75
C ALA C 51 -7.29 2.15 9.19
N ARG C 52 -7.61 3.33 9.73
CA ARG C 52 -7.94 3.55 11.15
C ARG C 52 -6.85 3.01 12.07
N THR C 53 -5.60 3.27 11.68
CA THR C 53 -4.43 2.86 12.45
C THR C 53 -3.46 4.03 12.51
N SER C 54 -2.83 4.22 13.66
CA SER C 54 -1.96 5.37 13.89
C SER C 54 -0.52 4.90 13.99
N PHE C 55 0.33 5.44 13.14
CA PHE C 55 1.75 5.12 13.12
C PHE C 55 2.53 6.34 13.58
N PHE C 56 3.23 6.22 14.70
CA PHE C 56 4.21 7.22 15.11
C PHE C 56 5.58 6.73 14.71
N HIS C 57 6.42 7.63 14.18
CA HIS C 57 7.76 7.23 13.79
C HIS C 57 8.76 8.29 14.18
N VAL C 58 9.96 7.84 14.57
CA VAL C 58 11.08 8.69 14.94
C VAL C 58 12.32 8.12 14.28
N LYS C 59 12.96 8.90 13.42
CA LYS C 59 14.15 8.47 12.70
C LYS C 59 15.38 9.08 13.36
N ARG C 60 16.22 8.24 13.96
CA ARG C 60 17.44 8.74 14.60
C ARG C 60 18.63 8.68 13.64
N SER C 61 18.42 9.19 12.42
CA SER C 61 19.39 9.42 11.34
C SER C 61 19.99 8.14 10.75
N ASN C 62 19.75 6.98 11.36
CA ASN C 62 20.10 5.69 10.79
C ASN C 62 19.03 4.63 10.96
N ILE C 63 18.12 4.78 11.94
CA ILE C 63 17.18 3.73 12.31
C ILE C 63 15.83 4.38 12.56
N TRP C 64 14.78 3.57 12.50
CA TRP C 64 13.40 4.06 12.56
C TRP C 64 12.69 3.37 13.71
N LEU C 65 12.44 4.10 14.79
CA LEU C 65 11.65 3.58 15.90
C LEU C 65 10.19 3.97 15.68
N ALA C 66 9.32 2.99 15.58
CA ALA C 66 7.93 3.24 15.26
C ALA C 66 7.03 2.59 16.29
N ALA C 67 5.85 3.16 16.46
CA ALA C 67 4.82 2.60 17.32
C ALA C 67 3.51 2.59 16.55
N VAL C 68 2.77 1.49 16.67
CA VAL C 68 1.54 1.28 15.92
C VAL C 68 0.41 1.14 16.94
N THR C 69 -0.51 2.09 16.95
CA THR C 69 -1.64 2.09 17.87
C THR C 69 -2.94 2.10 17.09
N LYS C 70 -4.04 1.85 17.81
CA LYS C 70 -5.36 1.84 17.16
C LYS C 70 -6.46 2.47 17.99
N GLN C 71 -6.13 3.32 18.96
CA GLN C 71 -7.16 3.99 19.76
C GLN C 71 -6.64 5.36 20.18
N ASN C 72 -7.37 6.02 21.06
CA ASN C 72 -7.01 7.34 21.57
C ASN C 72 -5.93 7.19 22.62
N VAL C 73 -4.67 7.21 22.19
CA VAL C 73 -3.54 7.22 23.10
C VAL C 73 -3.36 8.62 23.63
N ASN C 74 -2.58 8.78 24.69
CA ASN C 74 -2.02 10.10 24.98
C ASN C 74 -0.99 10.42 23.90
N ALA C 75 -1.03 11.66 23.41
CA ALA C 75 -0.34 12.00 22.17
C ALA C 75 1.18 12.06 22.37
N ALA C 76 1.63 12.95 23.25
CA ALA C 76 3.07 13.13 23.47
C ALA C 76 3.70 12.01 24.29
N MET C 77 2.89 11.17 24.94
CA MET C 77 3.41 10.12 25.79
C MET C 77 4.15 9.06 24.99
N VAL C 78 3.65 8.75 23.79
CA VAL C 78 4.30 7.76 22.95
C VAL C 78 5.66 8.26 22.46
N PHE C 79 5.74 9.54 22.08
CA PHE C 79 7.01 10.09 21.61
C PHE C 79 8.00 10.23 22.76
N GLU C 80 7.52 10.58 23.96
CA GLU C 80 8.42 10.62 25.11
C GLU C 80 8.92 9.24 25.49
N PHE C 81 8.09 8.21 25.33
CA PHE C 81 8.54 6.84 25.56
C PHE C 81 9.58 6.42 24.52
N LEU C 82 9.39 6.83 23.26
CA LEU C 82 10.34 6.50 22.21
C LEU C 82 11.69 7.19 22.43
N TYR C 83 11.65 8.45 22.86
CA TYR C 83 12.88 9.18 23.16
C TYR C 83 13.58 8.62 24.39
N LYS C 84 12.81 8.18 25.39
CA LYS C 84 13.40 7.55 26.56
C LYS C 84 14.04 6.22 26.20
N MET C 85 13.42 5.46 25.28
CA MET C 85 14.02 4.22 24.82
C MET C 85 15.32 4.47 24.05
N CYS C 86 15.33 5.49 23.19
CA CYS C 86 16.55 5.82 22.44
C CYS C 86 17.66 6.30 23.36
N ASP C 87 17.31 7.06 24.40
CA ASP C 87 18.32 7.51 25.36
C ASP C 87 18.84 6.36 26.21
N VAL C 88 17.98 5.41 26.56
CA VAL C 88 18.40 4.25 27.34
C VAL C 88 19.32 3.36 26.50
N MET C 89 18.99 3.14 25.23
CA MET C 89 19.86 2.36 24.36
C MET C 89 21.18 3.08 24.07
N ALA C 90 21.14 4.42 24.00
CA ALA C 90 22.37 5.18 23.80
C ALA C 90 23.29 5.07 25.01
N ALA C 91 22.74 5.23 26.21
CA ALA C 91 23.52 5.06 27.43
C ALA C 91 23.94 3.60 27.64
N TYR C 92 23.24 2.65 27.03
CA TYR C 92 23.60 1.25 27.16
C TYR C 92 24.79 0.91 26.27
N PHE C 93 24.67 1.12 24.95
CA PHE C 93 25.70 0.69 24.02
C PHE C 93 26.05 1.78 23.01
N GLY C 94 26.28 3.00 23.50
CA GLY C 94 26.87 4.03 22.67
C GLY C 94 25.97 4.59 21.58
N LYS C 95 26.27 4.24 20.33
CA LYS C 95 25.45 4.64 19.21
C LYS C 95 24.44 3.56 18.87
N ILE C 96 23.59 3.83 17.89
CA ILE C 96 22.57 2.88 17.44
C ILE C 96 22.87 2.54 15.99
N SER C 97 23.30 1.30 15.77
CA SER C 97 23.57 0.78 14.43
C SER C 97 23.15 -0.68 14.39
N GLU C 98 23.32 -1.29 13.22
CA GLU C 98 22.95 -2.70 13.06
C GLU C 98 23.86 -3.62 13.85
N GLU C 99 25.13 -3.22 14.05
CA GLU C 99 26.01 -3.96 14.93
C GLU C 99 25.55 -3.88 16.39
N ASN C 100 25.01 -2.72 16.80
CA ASN C 100 24.46 -2.60 18.13
C ASN C 100 23.14 -3.36 18.27
N ILE C 101 22.41 -3.52 17.16
CA ILE C 101 21.20 -4.34 17.19
C ILE C 101 21.54 -5.82 17.34
N LYS C 102 22.50 -6.29 16.55
CA LYS C 102 22.86 -7.71 16.57
C LYS C 102 23.63 -8.10 17.82
N ASN C 103 24.45 -7.19 18.36
CA ASN C 103 25.28 -7.53 19.51
C ASN C 103 24.52 -7.46 20.82
N ASN C 104 23.38 -6.80 20.86
CA ASN C 104 22.57 -6.65 22.07
C ASN C 104 21.12 -7.00 21.79
N PHE C 105 20.90 -8.03 20.97
CA PHE C 105 19.54 -8.41 20.58
C PHE C 105 18.77 -9.01 21.75
N VAL C 106 19.45 -9.70 22.66
CA VAL C 106 18.79 -10.21 23.85
C VAL C 106 18.55 -9.08 24.86
N LEU C 107 19.51 -8.15 24.95
CA LEU C 107 19.39 -7.05 25.91
C LEU C 107 18.30 -6.07 25.52
N ILE C 108 18.05 -5.90 24.22
CA ILE C 108 16.98 -5.02 23.77
C ILE C 108 15.62 -5.58 24.15
N TYR C 109 15.43 -6.89 23.98
CA TYR C 109 14.17 -7.51 24.39
C TYR C 109 14.05 -7.55 25.90
N GLU C 110 15.17 -7.68 26.62
CA GLU C 110 15.13 -7.60 28.08
C GLU C 110 14.75 -6.21 28.56
N LEU C 111 15.18 -5.17 27.85
CA LEU C 111 14.78 -3.81 28.18
C LEU C 111 13.31 -3.56 27.83
N LEU C 112 12.84 -4.15 26.73
CA LEU C 112 11.45 -4.01 26.34
C LEU C 112 10.51 -4.79 27.27
N ASP C 113 10.99 -5.86 27.89
CA ASP C 113 10.18 -6.61 28.84
C ASP C 113 10.09 -5.94 30.20
N GLU C 114 10.81 -4.85 30.43
CA GLU C 114 10.77 -4.14 31.69
C GLU C 114 10.31 -2.69 31.59
N ILE C 115 10.65 -1.98 30.51
CA ILE C 115 10.27 -0.59 30.37
C ILE C 115 8.87 -0.42 29.77
N LEU C 116 8.27 -1.49 29.26
CA LEU C 116 6.97 -1.43 28.63
C LEU C 116 6.17 -2.67 28.99
N ASP C 117 4.92 -2.49 29.40
CA ASP C 117 4.06 -3.60 29.76
C ASP C 117 2.64 -3.30 29.34
N PHE C 118 2.14 -4.06 28.35
CA PHE C 118 0.81 -3.88 27.74
C PHE C 118 0.61 -2.45 27.23
N GLY C 119 1.65 -1.91 26.60
CA GLY C 119 1.61 -0.55 26.13
C GLY C 119 1.73 0.51 27.19
N TYR C 120 1.89 0.13 28.46
CA TYR C 120 2.07 1.10 29.53
C TYR C 120 3.56 1.30 29.75
N PRO C 121 4.07 2.53 29.64
CA PRO C 121 5.52 2.79 29.82
C PRO C 121 5.92 2.80 31.29
N GLN C 122 5.98 1.62 31.89
CA GLN C 122 6.32 1.50 33.30
C GLN C 122 7.82 1.69 33.51
N ASN C 123 8.16 2.51 34.50
CA ASN C 123 9.56 2.80 34.77
C ASN C 123 10.24 1.62 35.45
N SER C 124 11.50 1.38 35.09
CA SER C 124 12.28 0.31 35.69
C SER C 124 12.74 0.68 37.08
N MET D 8 32.92 -40.06 8.66
CA MET D 8 33.61 -38.78 8.62
C MET D 8 33.28 -38.02 7.32
N PRO D 9 32.22 -37.23 7.34
CA PRO D 9 31.83 -36.48 6.15
C PRO D 9 32.65 -35.21 6.01
N MET D 10 32.31 -34.43 4.98
CA MET D 10 32.95 -33.14 4.73
C MET D 10 31.87 -32.08 4.58
N GLY D 11 32.30 -30.86 4.27
CA GLY D 11 31.40 -29.72 4.13
C GLY D 11 31.06 -29.45 2.68
N ASP D 12 29.81 -29.05 2.44
CA ASP D 12 29.37 -28.70 1.10
C ASP D 12 29.96 -27.36 0.68
N ILE D 13 30.19 -27.22 -0.63
CA ILE D 13 30.68 -25.97 -1.20
C ILE D 13 29.51 -24.99 -1.23
N TRP D 14 29.47 -24.08 -0.27
CA TRP D 14 28.41 -23.08 -0.18
C TRP D 14 28.83 -21.72 -0.74
N LYS D 15 30.13 -21.43 -0.74
CA LYS D 15 30.64 -20.14 -1.19
C LYS D 15 31.51 -20.33 -2.42
N GLU D 16 31.41 -19.40 -3.36
CA GLU D 16 32.28 -19.39 -4.53
C GLU D 16 33.62 -18.76 -4.15
N ASP D 17 34.71 -19.49 -4.42
CA ASP D 17 36.04 -19.00 -4.11
C ASP D 17 36.60 -18.18 -5.26
N GLY E 48 36.31 -38.47 -6.70
CA GLY E 48 35.49 -38.97 -7.78
C GLY E 48 34.00 -38.69 -7.57
N LEU E 49 33.40 -39.46 -6.65
CA LEU E 49 31.98 -39.28 -6.36
C LEU E 49 31.72 -37.95 -5.66
N ARG E 50 32.59 -37.58 -4.70
CA ARG E 50 32.42 -36.29 -4.02
C ARG E 50 32.69 -35.13 -4.97
N GLU E 51 33.63 -35.29 -5.90
CA GLU E 51 33.90 -34.24 -6.88
C GLU E 51 32.74 -34.10 -7.86
N ARG E 52 32.14 -35.22 -8.26
CA ARG E 52 31.00 -35.16 -9.17
C ARG E 52 29.76 -34.61 -8.47
N LEU E 53 29.61 -34.87 -7.17
CA LEU E 53 28.46 -34.33 -6.46
C LEU E 53 28.63 -32.85 -6.13
N LEU E 54 29.85 -32.41 -5.83
CA LEU E 54 30.09 -31.00 -5.57
C LEU E 54 30.26 -30.18 -6.83
N GLN E 55 30.43 -30.82 -7.99
CA GLN E 55 30.44 -30.11 -9.27
C GLN E 55 29.03 -29.88 -9.82
N ALA E 56 27.99 -30.19 -9.04
CA ALA E 56 26.61 -30.05 -9.48
C ALA E 56 26.03 -28.66 -9.23
N ARG E 57 26.89 -27.66 -9.00
CA ARG E 57 26.44 -26.28 -8.86
C ARG E 57 26.15 -25.71 -10.24
N GLY E 58 24.99 -26.09 -10.77
CA GLY E 58 24.58 -25.65 -12.10
C GLY E 58 25.24 -26.44 -13.21
N ARG E 133 22.19 -57.11 -12.09
CA ARG E 133 21.99 -58.20 -11.15
C ARG E 133 20.81 -57.91 -10.23
N ALA E 134 20.71 -58.66 -9.13
CA ALA E 134 19.60 -58.51 -8.20
C ALA E 134 19.82 -57.32 -7.29
N MET E 135 18.71 -56.68 -6.90
CA MET E 135 18.74 -55.53 -6.00
C MET E 135 18.60 -56.01 -4.55
N SER E 136 19.66 -56.63 -4.06
CA SER E 136 19.67 -57.16 -2.71
C SER E 136 19.81 -56.03 -1.69
N TYR E 137 19.14 -56.17 -0.55
CA TYR E 137 19.15 -55.12 0.45
C TYR E 137 20.43 -55.11 1.28
N LYS E 138 21.07 -56.27 1.46
CA LYS E 138 22.31 -56.33 2.22
C LYS E 138 23.45 -55.68 1.43
N LEU E 139 23.46 -55.88 0.11
CA LEU E 139 24.45 -55.22 -0.74
C LEU E 139 24.22 -53.71 -0.78
N ALA E 140 22.95 -53.29 -0.71
CA ALA E 140 22.65 -51.86 -0.65
C ALA E 140 23.08 -51.26 0.68
N ILE E 141 22.94 -52.01 1.77
CA ILE E 141 23.42 -51.57 3.08
C ILE E 141 24.95 -51.45 3.06
N ASP E 142 25.63 -52.42 2.46
CA ASP E 142 27.08 -52.39 2.37
C ASP E 142 27.57 -51.24 1.49
N MET E 143 26.86 -50.96 0.40
CA MET E 143 27.25 -49.85 -0.46
C MET E 143 26.95 -48.50 0.17
N SER E 144 25.88 -48.41 0.95
CA SER E 144 25.59 -47.18 1.69
C SER E 144 26.65 -46.92 2.76
N HIS E 145 27.11 -47.99 3.43
CA HIS E 145 28.20 -47.85 4.40
C HIS E 145 29.50 -47.47 3.71
N PHE E 146 29.73 -47.98 2.50
CA PHE E 146 30.92 -47.60 1.74
C PHE E 146 30.86 -46.14 1.30
N ILE E 147 29.66 -45.66 0.94
CA ILE E 147 29.49 -44.25 0.58
C ILE E 147 29.70 -43.35 1.80
N LYS E 148 29.17 -43.77 2.95
CA LYS E 148 29.30 -42.96 4.16
C LYS E 148 30.74 -42.91 4.66
N GLU E 149 31.47 -44.03 4.58
CA GLU E 149 32.88 -44.02 4.95
C GLU E 149 33.75 -43.38 3.87
N LYS E 150 33.26 -43.28 2.63
CA LYS E 150 33.98 -42.59 1.57
C LYS E 150 33.80 -41.08 1.62
N GLY E 151 32.84 -40.58 2.40
CA GLY E 151 32.59 -39.15 2.49
C GLY E 151 31.93 -38.59 1.25
N GLY E 152 30.70 -39.03 0.98
CA GLY E 152 30.01 -38.57 -0.21
C GLY E 152 28.65 -37.95 0.07
N LEU E 153 28.08 -38.25 1.23
CA LEU E 153 26.73 -37.77 1.53
C LEU E 153 26.65 -37.20 2.94
N GLU E 154 25.40 -36.98 3.41
CA GLU E 154 25.04 -36.43 4.72
C GLU E 154 25.56 -35.02 4.93
N GLY E 155 25.96 -34.32 3.88
CA GLY E 155 26.37 -32.93 3.99
C GLY E 155 25.92 -32.08 2.83
N ILE E 156 25.29 -32.69 1.83
CA ILE E 156 24.92 -32.01 0.60
C ILE E 156 23.40 -31.97 0.47
N TYR E 157 22.94 -31.25 -0.54
CA TYR E 157 21.52 -31.08 -0.82
C TYR E 157 21.08 -32.04 -1.92
N TYR E 158 19.78 -31.99 -2.24
CA TYR E 158 19.16 -32.92 -3.17
C TYR E 158 18.77 -32.22 -4.46
N SER E 159 18.98 -32.91 -5.57
CA SER E 159 18.55 -32.45 -6.89
C SER E 159 18.39 -33.66 -7.79
N ASP E 160 17.79 -33.44 -8.96
CA ASP E 160 17.62 -34.54 -9.89
C ASP E 160 18.93 -34.89 -10.59
N ARG E 161 19.82 -33.92 -10.75
CA ARG E 161 21.12 -34.18 -11.36
C ARG E 161 22.00 -35.04 -10.46
N ARG E 162 21.99 -34.77 -9.16
CA ARG E 162 22.73 -35.60 -8.22
C ARG E 162 22.12 -36.99 -8.08
N HIS E 163 20.80 -37.09 -8.25
CA HIS E 163 20.10 -38.37 -8.29
C HIS E 163 20.59 -39.20 -9.48
N ARG E 164 20.61 -38.60 -10.67
CA ARG E 164 21.08 -39.31 -11.86
C ARG E 164 22.57 -39.62 -11.79
N ILE E 165 23.36 -38.73 -11.18
CA ILE E 165 24.79 -38.96 -11.04
C ILE E 165 25.06 -40.13 -10.10
N LEU E 166 24.32 -40.22 -8.99
CA LEU E 166 24.50 -41.33 -8.05
C LEU E 166 24.04 -42.65 -8.66
N ASP E 167 22.92 -42.62 -9.41
CA ASP E 167 22.45 -43.84 -10.08
C ASP E 167 23.44 -44.31 -11.14
N ILE E 168 23.95 -43.40 -11.97
CA ILE E 168 24.90 -43.77 -13.00
C ILE E 168 26.23 -44.19 -12.39
N TYR E 169 26.60 -43.64 -11.23
CA TYR E 169 27.85 -44.03 -10.59
C TYR E 169 27.76 -45.43 -10.00
N LEU E 170 26.63 -45.77 -9.37
CA LEU E 170 26.49 -47.14 -8.86
C LEU E 170 26.34 -48.14 -10.00
N GLU E 171 25.69 -47.73 -11.09
CA GLU E 171 25.57 -48.60 -12.26
C GLU E 171 26.92 -48.78 -12.97
N LYS E 172 27.81 -47.80 -12.87
CA LYS E 172 29.12 -47.92 -13.52
C LYS E 172 30.11 -48.70 -12.66
N GLU E 173 30.11 -48.46 -11.34
CA GLU E 173 31.10 -49.09 -10.49
C GLU E 173 30.69 -50.45 -9.96
N GLU E 174 29.38 -50.78 -9.94
CA GLU E 174 28.93 -52.06 -9.44
C GLU E 174 27.91 -52.77 -10.31
N GLY E 175 27.42 -52.13 -11.38
CA GLY E 175 26.47 -52.77 -12.27
C GLY E 175 25.10 -52.95 -11.64
N ILE E 176 24.56 -51.88 -11.07
CA ILE E 176 23.32 -51.93 -10.32
C ILE E 176 22.17 -51.48 -11.20
N ILE E 177 21.06 -52.19 -11.12
CA ILE E 177 19.85 -51.83 -11.86
C ILE E 177 19.28 -50.53 -11.29
N PRO E 178 18.83 -49.59 -12.12
CA PRO E 178 18.27 -48.32 -11.60
C PRO E 178 16.85 -48.48 -11.09
N ASP E 179 16.71 -49.14 -9.93
CA ASP E 179 15.41 -49.38 -9.33
C ASP E 179 15.34 -49.04 -7.86
N TRP E 180 16.46 -48.87 -7.17
CA TRP E 180 16.47 -48.77 -5.73
C TRP E 180 16.13 -47.37 -5.25
N GLN E 181 16.68 -46.34 -5.88
CA GLN E 181 16.55 -44.96 -5.38
C GLN E 181 15.15 -44.45 -5.70
N ASN E 182 14.24 -44.66 -4.75
CA ASN E 182 12.86 -44.20 -4.86
C ASN E 182 12.46 -43.68 -3.48
N TYR E 183 12.40 -42.36 -3.33
CA TYR E 183 12.09 -41.75 -2.05
C TYR E 183 10.61 -41.37 -1.99
N THR E 184 10.13 -41.17 -0.77
CA THR E 184 8.72 -40.89 -0.55
C THR E 184 8.37 -39.46 -1.00
N SER E 185 7.15 -39.31 -1.50
CA SER E 185 6.66 -38.03 -2.01
C SER E 185 5.83 -37.27 -0.99
N GLY E 186 5.82 -37.70 0.27
CA GLY E 186 5.05 -37.03 1.29
C GLY E 186 5.68 -35.72 1.72
N PRO E 187 4.91 -34.87 2.38
CA PRO E 187 5.45 -33.58 2.87
C PRO E 187 6.25 -33.79 4.15
N GLY E 188 7.46 -33.25 4.16
CA GLY E 188 8.31 -33.36 5.34
C GLY E 188 9.49 -34.29 5.16
N VAL E 189 9.63 -35.27 6.05
CA VAL E 189 10.77 -36.18 6.00
C VAL E 189 10.58 -37.17 4.86
N ARG E 190 11.65 -37.37 4.09
CA ARG E 190 11.63 -38.28 2.95
C ARG E 190 12.45 -39.52 3.28
N TYR E 191 11.83 -40.68 3.21
CA TYR E 191 12.45 -41.97 3.47
C TYR E 191 12.57 -42.77 2.19
N PRO E 192 13.59 -43.64 2.08
CA PRO E 192 13.67 -44.52 0.90
C PRO E 192 12.59 -45.59 0.94
N LEU E 193 11.93 -45.81 -0.20
CA LEU E 193 10.84 -46.77 -0.26
C LEU E 193 11.36 -48.19 -0.44
N PHE E 194 12.34 -48.38 -1.33
CA PHE E 194 12.92 -49.69 -1.53
C PHE E 194 13.85 -50.04 -0.38
N PHE E 195 13.84 -51.31 0.02
CA PHE E 195 14.61 -51.76 1.18
C PHE E 195 16.09 -51.84 0.84
N GLY E 196 16.92 -51.45 1.81
CA GLY E 196 18.36 -51.55 1.65
C GLY E 196 19.09 -50.22 1.66
N TRP E 197 18.48 -49.21 1.06
CA TRP E 197 19.10 -47.90 0.98
C TRP E 197 19.01 -47.21 2.34
N LEU E 198 20.15 -46.71 2.83
CA LEU E 198 20.27 -46.20 4.19
C LEU E 198 20.42 -44.68 4.22
N TRP E 199 19.69 -43.98 3.36
CA TRP E 199 19.81 -42.52 3.26
C TRP E 199 18.42 -41.92 3.15
N LYS E 200 17.93 -41.38 4.27
CA LYS E 200 16.70 -40.61 4.27
C LYS E 200 17.01 -39.15 3.99
N LEU E 201 15.97 -38.35 3.81
CA LEU E 201 16.11 -36.93 3.56
C LEU E 201 15.31 -36.14 4.57
N VAL E 202 15.94 -35.11 5.13
CA VAL E 202 15.34 -34.25 6.14
C VAL E 202 15.09 -32.89 5.51
N PRO E 203 13.88 -32.32 5.64
CA PRO E 203 13.63 -31.00 5.04
C PRO E 203 14.35 -29.88 5.75
N VAL E 204 15.43 -29.40 5.13
CA VAL E 204 16.27 -28.38 5.73
C VAL E 204 15.67 -27.01 5.42
N ASN E 205 15.29 -26.29 6.48
CA ASN E 205 14.83 -24.92 6.34
C ASN E 205 16.04 -24.01 6.43
N VAL E 206 16.36 -23.33 5.32
CA VAL E 206 17.57 -22.54 5.25
C VAL E 206 17.37 -21.25 6.03
N SER E 207 18.41 -20.85 6.78
CA SER E 207 18.34 -19.66 7.59
C SER E 207 18.37 -18.40 6.72
N ASP E 208 17.96 -17.28 7.33
CA ASP E 208 17.93 -16.02 6.60
C ASP E 208 19.32 -15.45 6.36
N GLU E 209 20.29 -15.81 7.19
CA GLU E 209 21.67 -15.34 7.04
C GLU E 209 22.48 -16.20 6.08
N ALA E 210 21.87 -17.20 5.44
CA ALA E 210 22.55 -18.06 4.49
C ALA E 210 22.25 -17.70 3.05
N GLN E 211 21.02 -17.28 2.76
CA GLN E 211 20.62 -16.90 1.41
C GLN E 211 20.88 -15.44 1.11
N GLU E 212 21.81 -14.80 1.82
CA GLU E 212 22.17 -13.41 1.58
C GLU E 212 23.63 -13.23 1.23
N ASP E 213 24.41 -14.30 1.15
CA ASP E 213 25.84 -14.19 0.92
C ASP E 213 26.12 -13.80 -0.53
N GLU E 214 27.22 -13.10 -0.74
CA GLU E 214 27.64 -12.65 -2.05
C GLU E 214 28.47 -13.69 -2.81
N THR E 215 28.59 -14.90 -2.27
CA THR E 215 29.33 -15.96 -2.93
C THR E 215 28.51 -17.24 -3.09
N HIS E 216 27.24 -17.23 -2.72
CA HIS E 216 26.39 -18.39 -2.88
C HIS E 216 25.99 -18.54 -4.35
N CYS E 217 25.97 -19.77 -4.83
CA CYS E 217 25.70 -20.00 -6.25
C CYS E 217 24.22 -19.87 -6.54
N LEU E 218 23.90 -19.27 -7.69
CA LEU E 218 22.50 -19.03 -8.05
C LEU E 218 21.79 -20.32 -8.43
N VAL E 219 22.29 -21.01 -9.46
CA VAL E 219 21.71 -22.28 -9.85
C VAL E 219 22.30 -23.34 -8.93
N HIS E 220 21.65 -23.53 -7.78
CA HIS E 220 22.10 -24.37 -6.70
C HIS E 220 20.83 -24.89 -6.05
N PRO E 221 20.82 -26.14 -5.58
CA PRO E 221 19.58 -26.73 -5.03
C PRO E 221 19.04 -26.07 -3.76
N ALA E 222 19.73 -25.08 -3.19
CA ALA E 222 19.09 -24.26 -2.16
C ALA E 222 18.04 -23.33 -2.76
N GLN E 223 18.22 -22.92 -4.02
CA GLN E 223 17.27 -22.04 -4.69
C GLN E 223 16.79 -22.57 -6.04
N THR E 224 17.25 -23.74 -6.46
CA THR E 224 16.75 -24.39 -7.67
C THR E 224 15.86 -25.57 -7.38
N SER E 225 16.24 -26.43 -6.42
CA SER E 225 15.42 -27.56 -6.04
C SER E 225 14.20 -27.19 -5.22
N GLN E 226 14.08 -25.93 -4.80
CA GLN E 226 12.95 -25.50 -4.01
C GLN E 226 11.69 -25.40 -4.85
N TRP E 227 11.81 -24.93 -6.10
CA TRP E 227 10.64 -24.80 -6.97
C TRP E 227 10.15 -26.13 -7.51
N ASP E 228 10.92 -27.21 -7.37
CA ASP E 228 10.62 -28.44 -8.09
C ASP E 228 9.81 -29.44 -7.27
N ASP E 229 10.02 -29.49 -5.96
CA ASP E 229 9.29 -30.43 -5.12
C ASP E 229 7.83 -30.01 -5.01
N PRO E 230 6.89 -30.96 -4.94
CA PRO E 230 5.46 -30.58 -4.95
C PRO E 230 5.00 -29.90 -3.68
N TRP E 231 5.72 -30.06 -2.57
CA TRP E 231 5.39 -29.36 -1.33
C TRP E 231 6.19 -28.09 -1.15
N GLY E 232 7.23 -27.87 -1.96
CA GLY E 232 8.03 -26.66 -1.86
C GLY E 232 8.97 -26.66 -0.68
N GLU E 233 9.69 -27.76 -0.47
CA GLU E 233 10.61 -27.89 0.66
C GLU E 233 11.98 -28.29 0.14
N VAL E 234 13.01 -27.60 0.63
CA VAL E 234 14.38 -27.93 0.26
C VAL E 234 14.79 -29.22 0.95
N LEU E 235 15.41 -30.12 0.21
CA LEU E 235 15.81 -31.42 0.73
C LEU E 235 17.32 -31.56 0.72
N ALA E 236 17.85 -32.19 1.77
CA ALA E 236 19.25 -32.54 1.87
C ALA E 236 19.35 -34.01 2.24
N TRP E 237 20.57 -34.54 2.25
CA TRP E 237 20.81 -35.93 2.59
C TRP E 237 21.33 -36.05 4.01
N LYS E 238 21.02 -37.17 4.64
CA LYS E 238 21.43 -37.46 6.01
C LYS E 238 21.32 -38.95 6.24
N PHE E 239 22.28 -39.51 6.97
CA PHE E 239 22.26 -40.93 7.28
C PHE E 239 21.26 -41.21 8.39
N ASP E 240 20.65 -42.39 8.32
CA ASP E 240 19.70 -42.84 9.35
C ASP E 240 19.94 -44.33 9.61
N PRO E 241 20.66 -44.66 10.68
CA PRO E 241 20.87 -46.08 11.01
C PRO E 241 19.72 -46.72 11.75
N LYS E 242 18.66 -45.96 12.07
CA LYS E 242 17.49 -46.54 12.72
C LYS E 242 16.69 -47.41 11.76
N LEU E 243 16.78 -47.12 10.45
CA LEU E 243 16.13 -47.93 9.44
C LEU E 243 16.93 -49.17 9.07
N ALA E 244 18.12 -49.35 9.63
CA ALA E 244 18.88 -50.58 9.41
C ALA E 244 18.29 -51.75 10.20
N TYR E 245 17.49 -51.47 11.22
CA TYR E 245 16.84 -52.54 11.97
C TYR E 245 15.72 -53.16 11.16
N THR E 246 14.71 -52.36 10.78
CA THR E 246 13.55 -52.86 10.06
C THR E 246 13.11 -51.82 9.03
N TYR E 247 12.01 -52.13 8.35
CA TYR E 247 11.49 -51.28 7.30
C TYR E 247 10.77 -50.07 7.88
N GLU E 248 10.55 -49.08 7.03
CA GLU E 248 9.75 -47.91 7.37
C GLU E 248 8.65 -47.66 6.35
N ALA E 249 8.89 -47.93 5.07
CA ALA E 249 7.89 -47.71 4.04
C ALA E 249 6.78 -48.75 4.09
N PHE E 250 7.04 -49.92 4.66
CA PHE E 250 6.00 -50.94 4.79
C PHE E 250 4.99 -50.58 5.86
N ILE E 251 5.36 -49.73 6.83
CA ILE E 251 4.46 -49.32 7.90
C ILE E 251 4.02 -47.86 7.78
N ARG E 252 4.65 -47.08 6.90
CA ARG E 252 4.28 -45.67 6.76
C ARG E 252 3.15 -45.48 5.75
N TYR E 253 3.39 -45.87 4.50
CA TYR E 253 2.42 -45.66 3.42
C TYR E 253 2.16 -46.98 2.70
N PRO E 254 0.90 -47.26 2.33
CA PRO E 254 0.58 -48.49 1.60
C PRO E 254 1.04 -48.45 0.15
N MET F 1 4.81 -6.17 -23.61
CA MET F 1 6.21 -5.83 -23.84
C MET F 1 6.96 -5.64 -22.53
N ILE F 2 8.27 -5.90 -22.56
CA ILE F 2 9.08 -5.73 -21.35
C ILE F 2 9.30 -4.26 -21.10
N ARG F 3 8.86 -3.79 -19.92
CA ARG F 3 9.03 -2.39 -19.56
C ARG F 3 10.36 -2.14 -18.87
N PHE F 4 10.70 -2.94 -17.86
CA PHE F 4 12.00 -2.80 -17.21
C PHE F 4 12.45 -4.14 -16.64
N ILE F 5 13.77 -4.30 -16.59
CA ILE F 5 14.41 -5.47 -16.01
C ILE F 5 15.29 -4.99 -14.84
N LEU F 6 15.08 -5.60 -13.67
CA LEU F 6 15.73 -5.18 -12.44
C LEU F 6 16.36 -6.35 -11.72
N ILE F 7 17.54 -6.11 -11.14
CA ILE F 7 18.20 -7.03 -10.22
C ILE F 7 18.34 -6.28 -8.91
N GLN F 8 17.54 -6.66 -7.91
CA GLN F 8 17.55 -5.99 -6.61
C GLN F 8 17.91 -6.99 -5.53
N ASN F 9 18.96 -6.71 -4.77
CA ASN F 9 19.23 -7.59 -3.65
C ASN F 9 18.32 -7.22 -2.48
N ARG F 10 18.28 -8.11 -1.48
CA ARG F 10 17.36 -7.91 -0.35
C ARG F 10 17.83 -6.79 0.57
N ALA F 11 19.09 -6.37 0.48
CA ALA F 11 19.56 -5.24 1.28
C ALA F 11 18.94 -3.94 0.82
N GLY F 12 18.81 -3.73 -0.49
CA GLY F 12 18.13 -2.57 -1.00
C GLY F 12 18.79 -1.93 -2.20
N LYS F 13 19.96 -2.42 -2.59
CA LYS F 13 20.67 -1.85 -3.73
C LYS F 13 20.06 -2.33 -5.05
N THR F 14 20.49 -1.70 -6.13
CA THR F 14 20.10 -2.07 -7.49
C THR F 14 21.36 -2.41 -8.26
N ARG F 15 21.45 -3.65 -8.76
CA ARG F 15 22.63 -4.10 -9.47
C ARG F 15 22.52 -3.90 -10.97
N LEU F 16 21.37 -4.22 -11.56
CA LEU F 16 21.14 -4.06 -12.99
C LEU F 16 19.77 -3.46 -13.20
N ALA F 17 19.71 -2.42 -14.02
CA ALA F 17 18.45 -1.75 -14.33
C ALA F 17 18.42 -1.41 -15.81
N LYS F 18 17.48 -2.00 -16.55
CA LYS F 18 17.28 -1.69 -17.95
C LYS F 18 15.86 -1.18 -18.14
N TRP F 19 15.74 0.04 -18.65
CA TRP F 19 14.46 0.73 -18.81
C TRP F 19 14.20 0.93 -20.30
N TYR F 20 13.15 0.30 -20.81
CA TYR F 20 12.86 0.35 -22.23
C TYR F 20 11.81 1.38 -22.61
N MET F 21 10.92 1.74 -21.70
CA MET F 21 9.94 2.78 -21.95
C MET F 21 10.54 4.14 -21.57
N GLN F 22 9.71 5.18 -21.56
CA GLN F 22 10.15 6.54 -21.26
C GLN F 22 9.77 6.86 -19.82
N PHE F 23 10.75 6.77 -18.93
CA PHE F 23 10.58 7.12 -17.53
C PHE F 23 11.45 8.31 -17.18
N ASP F 24 10.98 9.13 -16.24
CA ASP F 24 11.75 10.25 -15.75
C ASP F 24 12.72 9.79 -14.67
N ASP F 25 13.54 10.71 -14.18
CA ASP F 25 14.49 10.37 -13.12
C ASP F 25 13.78 10.12 -11.80
N ASP F 26 12.78 10.95 -11.47
CA ASP F 26 11.97 10.72 -10.28
C ASP F 26 11.11 9.47 -10.44
N GLU F 27 10.64 9.20 -11.66
CA GLU F 27 9.89 7.97 -11.90
C GLU F 27 10.78 6.75 -11.75
N LYS F 28 12.03 6.82 -12.21
CA LYS F 28 12.96 5.72 -12.01
C LYS F 28 13.35 5.58 -10.55
N GLN F 29 13.37 6.68 -9.80
CA GLN F 29 13.66 6.57 -8.37
C GLN F 29 12.47 6.02 -7.59
N LYS F 30 11.25 6.26 -8.06
CA LYS F 30 10.08 5.82 -7.33
C LYS F 30 9.70 4.37 -7.66
N LEU F 31 9.88 3.97 -8.93
CA LEU F 31 9.48 2.63 -9.34
C LEU F 31 10.39 1.56 -8.76
N ILE F 32 11.67 1.88 -8.54
CA ILE F 32 12.58 0.94 -7.89
C ILE F 32 12.14 0.68 -6.45
N GLU F 33 11.75 1.73 -5.73
CA GLU F 33 11.28 1.57 -4.36
C GLU F 33 9.95 0.84 -4.29
N GLU F 34 9.06 1.11 -5.26
CA GLU F 34 7.78 0.39 -5.30
C GLU F 34 7.98 -1.08 -5.61
N VAL F 35 8.91 -1.40 -6.52
CA VAL F 35 9.22 -2.78 -6.86
C VAL F 35 9.82 -3.50 -5.66
N HIS F 36 10.70 -2.82 -4.92
CA HIS F 36 11.28 -3.39 -3.71
C HIS F 36 10.22 -3.66 -2.65
N ALA F 37 9.32 -2.69 -2.43
CA ALA F 37 8.31 -2.82 -1.39
C ALA F 37 7.25 -3.85 -1.74
N VAL F 38 6.99 -4.09 -3.03
CA VAL F 38 6.03 -5.12 -3.39
C VAL F 38 6.68 -6.50 -3.38
N VAL F 39 7.85 -6.63 -4.00
CA VAL F 39 8.45 -7.94 -4.23
C VAL F 39 9.07 -8.49 -2.96
N THR F 40 9.86 -7.68 -2.25
CA THR F 40 10.69 -8.20 -1.16
C THR F 40 9.93 -8.49 0.13
N VAL F 41 8.60 -8.51 0.11
CA VAL F 41 7.80 -8.87 1.27
C VAL F 41 7.17 -10.26 1.11
N ARG F 42 6.72 -10.59 -0.09
CA ARG F 42 6.04 -11.86 -0.32
C ARG F 42 7.04 -13.02 -0.27
N ASP F 43 6.62 -14.12 0.34
CA ASP F 43 7.48 -15.28 0.52
C ASP F 43 7.40 -16.19 -0.70
N ALA F 44 8.10 -17.33 -0.62
CA ALA F 44 8.19 -18.26 -1.73
C ALA F 44 6.90 -19.07 -1.93
N LYS F 45 6.05 -19.15 -0.91
CA LYS F 45 4.81 -19.90 -1.02
C LYS F 45 3.68 -19.13 -1.68
N HIS F 46 3.94 -17.91 -2.14
CA HIS F 46 2.98 -17.13 -2.89
C HIS F 46 3.22 -17.34 -4.39
N THR F 47 2.54 -16.54 -5.20
CA THR F 47 2.76 -16.58 -6.64
C THR F 47 4.03 -15.82 -7.00
N ASN F 48 4.32 -15.76 -8.31
CA ASN F 48 5.47 -15.01 -8.80
C ASN F 48 5.06 -13.78 -9.61
N PHE F 49 3.77 -13.49 -9.72
CA PHE F 49 3.29 -12.36 -10.51
C PHE F 49 2.59 -11.36 -9.61
N VAL F 50 2.95 -10.09 -9.73
CA VAL F 50 2.32 -9.03 -8.95
C VAL F 50 1.83 -7.94 -9.89
N GLU F 51 0.78 -7.25 -9.49
CA GLU F 51 0.18 -6.18 -10.28
C GLU F 51 0.38 -4.86 -9.55
N PHE F 52 0.79 -3.82 -10.28
CA PHE F 52 1.04 -2.53 -9.63
C PHE F 52 -0.12 -1.56 -9.85
N ARG F 53 -0.33 -1.15 -11.10
CA ARG F 53 -1.57 -0.49 -11.52
C ARG F 53 -2.13 -1.25 -12.70
N ASN F 54 -1.25 -1.50 -13.68
CA ASN F 54 -1.56 -2.32 -14.84
C ASN F 54 -0.39 -3.25 -15.17
N PHE F 55 0.52 -3.44 -14.21
CA PHE F 55 1.73 -4.22 -14.45
C PHE F 55 1.48 -5.69 -14.19
N LYS F 56 2.41 -6.51 -14.66
CA LYS F 56 2.42 -7.95 -14.43
C LYS F 56 3.82 -8.39 -14.06
N ILE F 57 4.40 -7.72 -13.05
CA ILE F 57 5.82 -7.88 -12.71
C ILE F 57 6.09 -9.29 -12.22
N ILE F 58 7.05 -9.96 -12.87
CA ILE F 58 7.39 -11.35 -12.61
C ILE F 58 8.76 -11.40 -11.96
N TYR F 59 8.85 -12.05 -10.80
CA TYR F 59 10.07 -12.03 -10.01
C TYR F 59 10.46 -13.44 -9.58
N ARG F 60 11.77 -13.65 -9.49
CA ARG F 60 12.34 -14.84 -8.86
C ARG F 60 13.41 -14.41 -7.87
N ARG F 61 13.70 -15.30 -6.93
CA ARG F 61 14.66 -15.05 -5.87
C ARG F 61 15.80 -16.05 -5.98
N TYR F 62 16.93 -15.60 -6.49
CA TYR F 62 18.14 -16.43 -6.61
C TYR F 62 19.16 -15.90 -5.61
N ALA F 63 19.22 -16.55 -4.44
CA ALA F 63 20.28 -16.39 -3.44
C ALA F 63 20.45 -14.94 -2.98
N GLY F 64 19.34 -14.30 -2.64
CA GLY F 64 19.34 -12.91 -2.26
C GLY F 64 19.09 -11.94 -3.40
N LEU F 65 19.46 -12.30 -4.62
CA LEU F 65 19.12 -11.48 -5.76
C LEU F 65 17.67 -11.67 -6.13
N TYR F 66 17.03 -10.59 -6.57
CA TYR F 66 15.64 -10.60 -6.99
C TYR F 66 15.61 -10.16 -8.45
N PHE F 67 15.26 -11.09 -9.33
CA PHE F 67 15.16 -10.82 -10.75
C PHE F 67 13.71 -10.46 -11.05
N CYS F 68 13.49 -9.24 -11.52
CA CYS F 68 12.17 -8.74 -11.86
C CYS F 68 12.14 -8.34 -13.32
N ILE F 69 11.14 -8.82 -14.05
CA ILE F 69 10.85 -8.37 -15.41
C ILE F 69 9.42 -7.88 -15.42
N CYS F 70 9.22 -6.64 -15.85
CA CYS F 70 7.87 -6.11 -15.90
C CYS F 70 7.28 -6.30 -17.29
N VAL F 71 5.95 -6.43 -17.33
CA VAL F 71 5.20 -6.50 -18.58
C VAL F 71 3.85 -5.85 -18.37
N ASP F 72 3.18 -5.52 -19.48
CA ASP F 72 1.77 -5.22 -19.42
C ASP F 72 0.98 -6.53 -19.45
N VAL F 73 -0.30 -6.45 -19.10
CA VAL F 73 -1.12 -7.66 -18.98
C VAL F 73 -1.66 -7.96 -20.38
N ASN F 74 -0.78 -8.51 -21.22
CA ASN F 74 -1.17 -9.10 -22.49
C ASN F 74 -0.39 -10.34 -22.85
N ASP F 75 0.72 -10.62 -22.17
CA ASP F 75 1.68 -11.62 -22.61
C ASP F 75 1.75 -12.78 -21.61
N ASN F 76 2.47 -13.82 -22.02
CA ASN F 76 2.46 -15.08 -21.27
C ASN F 76 3.45 -15.00 -20.12
N ASN F 77 2.90 -15.08 -18.90
CA ASN F 77 3.69 -14.84 -17.71
C ASN F 77 4.66 -15.99 -17.45
N LEU F 78 4.24 -17.23 -17.74
CA LEU F 78 5.16 -18.35 -17.62
C LEU F 78 6.26 -18.30 -18.66
N ALA F 79 5.97 -17.77 -19.85
CA ALA F 79 7.00 -17.59 -20.85
C ALA F 79 8.04 -16.57 -20.42
N TYR F 80 7.60 -15.47 -19.80
CA TYR F 80 8.59 -14.49 -19.34
C TYR F 80 9.31 -14.97 -18.07
N LEU F 81 8.65 -15.80 -17.26
CA LEU F 81 9.30 -16.37 -16.09
C LEU F 81 10.41 -17.36 -16.49
N GLU F 82 10.13 -18.20 -17.48
CA GLU F 82 11.17 -19.07 -18.00
C GLU F 82 12.21 -18.30 -18.81
N ALA F 83 11.85 -17.12 -19.35
CA ALA F 83 12.87 -16.25 -19.93
C ALA F 83 13.82 -15.73 -18.87
N ILE F 84 13.29 -15.40 -17.69
CA ILE F 84 14.13 -14.99 -16.56
C ILE F 84 15.07 -16.12 -16.16
N HIS F 85 14.53 -17.34 -16.06
CA HIS F 85 15.37 -18.47 -15.67
C HIS F 85 16.40 -18.82 -16.75
N ASN F 86 16.06 -18.64 -18.03
CA ASN F 86 17.01 -18.88 -19.10
C ASN F 86 18.12 -17.83 -19.08
N PHE F 87 17.78 -16.59 -18.75
CA PHE F 87 18.80 -15.55 -18.65
C PHE F 87 19.72 -15.79 -17.45
N VAL F 88 19.16 -16.29 -16.35
CA VAL F 88 19.98 -16.63 -15.18
C VAL F 88 20.89 -17.83 -15.50
N GLU F 89 20.39 -18.80 -16.28
CA GLU F 89 21.23 -19.92 -16.66
C GLU F 89 22.31 -19.53 -17.66
N VAL F 90 22.03 -18.55 -18.52
CA VAL F 90 23.06 -18.02 -19.42
C VAL F 90 24.16 -17.34 -18.62
N LEU F 91 23.77 -16.51 -17.64
CA LEU F 91 24.75 -15.89 -16.75
C LEU F 91 25.48 -16.90 -15.87
N ASN F 92 24.86 -18.05 -15.60
CA ASN F 92 25.55 -19.10 -14.85
C ASN F 92 26.57 -19.80 -15.73
N GLU F 93 26.19 -20.14 -16.95
CA GLU F 93 27.07 -20.90 -17.83
C GLU F 93 28.14 -20.04 -18.49
N TYR F 94 28.03 -18.71 -18.42
CA TYR F 94 29.14 -17.86 -18.86
C TYR F 94 30.36 -18.05 -17.97
N PHE F 95 30.13 -18.26 -16.67
CA PHE F 95 31.15 -18.65 -15.71
C PHE F 95 31.00 -20.14 -15.43
N HIS F 96 31.70 -20.63 -14.40
CA HIS F 96 31.37 -21.94 -13.86
C HIS F 96 30.29 -21.85 -12.78
N CYS F 97 30.25 -20.75 -12.04
CA CYS F 97 29.13 -20.39 -11.17
C CYS F 97 29.12 -18.88 -11.03
N VAL F 98 27.99 -18.33 -10.61
CA VAL F 98 27.81 -16.88 -10.56
C VAL F 98 27.13 -16.51 -9.25
N SER F 99 27.37 -15.27 -8.81
CA SER F 99 26.76 -14.73 -7.60
C SER F 99 26.64 -13.21 -7.74
N GLU F 100 26.26 -12.55 -6.65
CA GLU F 100 26.09 -11.10 -6.67
C GLU F 100 27.43 -10.39 -6.83
N LEU F 101 28.48 -10.93 -6.21
CA LEU F 101 29.82 -10.36 -6.38
C LEU F 101 30.30 -10.47 -7.82
N ASP F 102 29.99 -11.60 -8.47
CA ASP F 102 30.34 -11.75 -9.87
C ASP F 102 29.52 -10.85 -10.78
N LEU F 103 28.24 -10.63 -10.44
CA LEU F 103 27.43 -9.71 -11.22
C LEU F 103 27.87 -8.26 -11.05
N VAL F 104 28.41 -7.91 -9.88
CA VAL F 104 28.94 -6.57 -9.68
C VAL F 104 30.26 -6.42 -10.43
N PHE F 105 31.15 -7.41 -10.32
CA PHE F 105 32.48 -7.30 -10.92
C PHE F 105 32.48 -7.47 -12.43
N ASN F 106 31.46 -8.11 -13.00
CA ASN F 106 31.41 -8.37 -14.43
C ASN F 106 30.16 -7.74 -15.06
N PHE F 107 29.83 -6.52 -14.66
CA PHE F 107 28.65 -5.84 -15.17
C PHE F 107 28.76 -5.47 -16.65
N TYR F 108 30.00 -5.31 -17.15
CA TYR F 108 30.18 -5.10 -18.59
C TYR F 108 29.86 -6.35 -19.38
N LYS F 109 29.99 -7.52 -18.77
CA LYS F 109 29.50 -8.75 -19.40
C LYS F 109 28.01 -8.94 -19.18
N VAL F 110 27.49 -8.46 -18.04
CA VAL F 110 26.06 -8.58 -17.75
C VAL F 110 25.24 -7.76 -18.73
N TYR F 111 25.67 -6.53 -19.01
CA TYR F 111 24.97 -5.71 -20.00
C TYR F 111 25.11 -6.27 -21.41
N THR F 112 26.22 -6.95 -21.70
CA THR F 112 26.36 -7.63 -22.99
C THR F 112 25.38 -8.79 -23.11
N VAL F 113 25.21 -9.57 -22.04
CA VAL F 113 24.28 -10.69 -22.05
C VAL F 113 22.84 -10.21 -22.14
N VAL F 114 22.52 -9.09 -21.46
CA VAL F 114 21.17 -8.54 -21.53
C VAL F 114 20.88 -7.97 -22.92
N ASP F 115 21.84 -7.26 -23.51
CA ASP F 115 21.65 -6.72 -24.86
C ASP F 115 21.66 -7.80 -25.93
N GLU F 116 22.25 -8.96 -25.67
CA GLU F 116 22.16 -10.09 -26.58
C GLU F 116 21.01 -11.03 -26.25
N MET F 117 20.27 -10.78 -25.18
CA MET F 117 19.09 -11.56 -24.83
C MET F 117 17.80 -10.78 -25.02
N PHE F 118 17.69 -9.59 -24.46
CA PHE F 118 16.49 -8.78 -24.55
C PHE F 118 16.78 -7.49 -25.29
N LEU F 119 15.77 -6.98 -26.00
CA LEU F 119 15.91 -5.74 -26.74
C LEU F 119 14.52 -5.19 -27.06
N ALA F 120 14.34 -3.88 -26.84
CA ALA F 120 13.15 -3.12 -27.26
C ALA F 120 11.86 -3.65 -26.66
N GLY F 121 11.93 -4.25 -25.48
CA GLY F 121 10.77 -4.82 -24.83
C GLY F 121 10.46 -6.25 -25.21
N GLU F 122 11.24 -6.85 -26.10
CA GLU F 122 11.02 -8.23 -26.54
C GLU F 122 12.30 -9.03 -26.36
N ILE F 123 12.25 -10.29 -26.79
CA ILE F 123 13.35 -11.22 -26.65
C ILE F 123 14.11 -11.29 -27.97
N ARG F 124 15.43 -11.22 -27.90
CA ARG F 124 16.26 -11.25 -29.10
C ARG F 124 16.57 -12.68 -29.55
N GLU F 125 17.01 -13.52 -28.62
CA GLU F 125 17.38 -14.90 -28.95
C GLU F 125 16.91 -15.81 -27.82
N THR F 126 16.10 -16.80 -28.16
CA THR F 126 15.57 -17.71 -27.15
C THR F 126 16.60 -18.74 -26.72
N SER F 127 17.57 -19.05 -27.57
CA SER F 127 18.53 -20.10 -27.28
C SER F 127 19.58 -19.61 -26.30
N GLN F 128 20.49 -20.52 -25.93
CA GLN F 128 21.57 -20.18 -25.01
C GLN F 128 22.92 -20.55 -25.61
N THR F 129 22.94 -21.57 -26.47
CA THR F 129 24.20 -22.03 -27.05
C THR F 129 24.78 -21.02 -28.02
N LYS F 130 23.91 -20.42 -28.85
CA LYS F 130 24.38 -19.38 -29.77
C LYS F 130 24.80 -18.12 -29.02
N VAL F 131 24.17 -17.83 -27.88
CA VAL F 131 24.56 -16.69 -27.07
C VAL F 131 25.91 -16.92 -26.41
N LEU F 132 26.15 -18.16 -25.96
CA LEU F 132 27.46 -18.51 -25.41
C LEU F 132 28.54 -18.49 -26.49
N LYS F 133 28.20 -18.91 -27.70
CA LYS F 133 29.16 -18.84 -28.80
C LYS F 133 29.47 -17.40 -29.18
N GLN F 134 28.45 -16.53 -29.16
CA GLN F 134 28.67 -15.12 -29.42
C GLN F 134 29.51 -14.47 -28.33
N LEU F 135 29.30 -14.87 -27.07
CA LEU F 135 30.08 -14.32 -25.96
C LEU F 135 31.53 -14.80 -26.01
N LEU F 136 31.74 -16.05 -26.44
CA LEU F 136 33.10 -16.54 -26.59
C LEU F 136 33.81 -15.92 -27.79
N MET F 137 33.05 -15.61 -28.84
CA MET F 137 33.64 -14.93 -30.00
C MET F 137 33.97 -13.48 -29.69
N LEU F 138 33.15 -12.82 -28.88
CA LEU F 138 33.40 -11.45 -28.45
C LEU F 138 34.32 -11.38 -27.23
N GLN F 139 34.78 -12.52 -26.72
CA GLN F 139 35.69 -12.51 -25.57
C GLN F 139 37.09 -12.04 -25.94
N SER F 140 37.47 -12.15 -27.20
CA SER F 140 38.79 -11.72 -27.63
C SER F 140 38.87 -10.20 -27.72
#